data_9WJR
#
_entry.id   9WJR
#
_cell.length_a   1.00
_cell.length_b   1.00
_cell.length_c   1.00
_cell.angle_alpha   90.00
_cell.angle_beta   90.00
_cell.angle_gamma   90.00
#
_symmetry.space_group_name_H-M   'P 1'
#
loop_
_entity.id
_entity.type
_entity.pdbx_description
1 polymer 'Mannose/fructose/sorbose family PTS transporter subunit IIC'
2 polymer 'PTS mannose transporter subunit IID'
3 non-polymer alpha-D-mannopyranose
#
loop_
_entity_poly.entity_id
_entity_poly.type
_entity_poly.pdbx_seq_one_letter_code
_entity_poly.pdbx_strand_id
1 'polypeptide(L)'
;MSIISIILVLIFAFLAGLEGILDQWQFHQPIIACSLIGIATGHMAAGIILGGSLQMIALGWANVGAAVAPDAALASVASA
ILMVQGGNFDLTHITGVIVPAAILLATAGLVLTTLVRFLSVGIVHLADAAAEKGSYSGVAGWHMFALLLQGLRIAIPAAI
ILAIPAETVTAALNAIPDWVSKGLAVGGGMVVVVGYAMVINLMATKELWPFFFLGFVLAPLSSITLIGMGILGVVIALIY
LNLSNTAGNGGTASSSGDPIGDILNDY
;
Y,F,S
2 'polypeptide(L)'
;MENTNKKFSLSKNTRLSVMFRSMFLQGSWNYERMQNLGFLYSIIPALKQFYKPGSEEAKEALKRHMEFFNTHPYVAAPIV
GVTLALEEEIANGVEIDEAAIQGVKVGMMGPLAGIGDPVFWFTVRPIVGAIAASLATGGSIIAPIFFFVVWNAIRIAFLW
YTQEFGYKQGTAITSDLGGGMLQQITKGASILGMFILGVLIQRWVNISFTGPNAMLPSKPLADGAYVGEWIDKAGKVVVQ
GAQTGTTGDGVAKFDWLDQAGNGVGNGVAGQGGFAHYVTVDQLNTVDGSTLHNILGQVSSGLGLSPEQTQSLQDVFNSLI
PGFIALLLTFLVLWILRKWKNKNAPLFIIIGMFVLGIVLHVAGLA
;
Z,G,T
#
# COMPACT_ATOMS: atom_id res chain seq x y z
N MET A 1 34.25 5.04 37.67
CA MET A 1 34.50 4.71 36.27
C MET A 1 35.93 4.23 36.06
N SER A 2 36.10 3.31 35.12
CA SER A 2 37.43 2.79 34.81
C SER A 2 38.27 3.88 34.14
N ILE A 3 39.59 3.81 34.38
CA ILE A 3 40.50 4.78 33.79
C ILE A 3 40.51 4.67 32.28
N ILE A 4 40.58 3.44 31.75
CA ILE A 4 40.58 3.24 30.31
C ILE A 4 39.29 3.77 29.69
N SER A 5 38.17 3.63 30.40
CA SER A 5 36.93 4.24 29.96
C SER A 5 37.07 5.76 29.92
N ILE A 6 37.80 6.34 30.87
CA ILE A 6 37.97 7.80 30.89
C ILE A 6 38.75 8.25 29.66
N ILE A 7 39.85 7.57 29.34
CA ILE A 7 40.61 7.96 28.15
C ILE A 7 39.79 7.74 26.90
N LEU A 8 39.03 6.64 26.84
CA LEU A 8 38.19 6.38 25.66
C LEU A 8 37.15 7.48 25.48
N VAL A 9 36.52 7.91 26.58
CA VAL A 9 35.54 8.99 26.51
C VAL A 9 36.21 10.29 26.07
N LEU A 10 37.42 10.56 26.58
CA LEU A 10 38.12 11.77 26.18
C LEU A 10 38.44 11.77 24.69
N ILE A 11 38.92 10.65 24.17
CA ILE A 11 39.23 10.57 22.73
C ILE A 11 37.95 10.69 21.91
N PHE A 12 36.86 10.05 22.34
CA PHE A 12 35.61 10.16 21.60
C PHE A 12 35.08 11.58 21.60
N ALA A 13 35.16 12.27 22.74
CA ALA A 13 34.74 13.66 22.80
C ALA A 13 35.61 14.54 21.93
N PHE A 14 36.93 14.28 21.92
CA PHE A 14 37.82 15.03 21.04
C PHE A 14 37.46 14.82 19.59
N LEU A 15 37.17 13.57 19.20
CA LEU A 15 36.78 13.28 17.82
C LEU A 15 35.48 13.98 17.46
N ALA A 16 34.51 13.98 18.39
CA ALA A 16 33.25 14.67 18.14
C ALA A 16 33.46 16.16 17.98
N GLY A 17 34.34 16.75 18.81
CA GLY A 17 34.64 18.16 18.67
C GLY A 17 35.33 18.47 17.35
N LEU A 18 36.24 17.60 16.92
CA LEU A 18 36.89 17.81 15.62
C LEU A 18 35.88 17.75 14.50
N GLU A 19 34.97 16.76 14.54
CA GLU A 19 33.99 16.61 13.48
C GLU A 19 32.94 17.70 13.50
N GLY A 20 32.72 18.34 14.66
CA GLY A 20 31.77 19.43 14.73
C GLY A 20 32.08 20.55 13.77
N ILE A 21 33.36 20.74 13.44
CA ILE A 21 33.76 21.71 12.44
C ILE A 21 34.09 21.00 11.14
N LEU A 22 34.66 19.79 11.23
CA LEU A 22 35.03 19.05 10.03
C LEU A 22 33.79 18.60 9.27
N ASP A 23 32.81 18.02 9.97
CA ASP A 23 31.55 17.58 9.37
C ASP A 23 31.80 16.57 8.24
N GLN A 24 32.77 15.68 8.43
CA GLN A 24 33.14 14.70 7.42
C GLN A 24 32.86 13.27 7.85
N TRP A 25 33.42 12.83 8.98
CA TRP A 25 33.22 11.47 9.44
C TRP A 25 32.00 11.33 10.34
N GLN A 26 31.34 12.43 10.68
CA GLN A 26 30.10 12.42 11.44
C GLN A 26 30.26 11.74 12.80
N PHE A 27 31.42 11.94 13.43
CA PHE A 27 31.57 11.50 14.81
C PHE A 27 30.79 12.38 15.77
N HIS A 28 30.35 13.55 15.33
CA HIS A 28 29.58 14.46 16.16
C HIS A 28 28.10 14.16 16.17
N GLN A 29 27.61 13.31 15.28
CA GLN A 29 26.20 12.98 15.26
C GLN A 29 25.83 12.14 16.48
N PRO A 30 24.64 12.35 17.06
CA PRO A 30 24.27 11.57 18.25
C PRO A 30 24.26 10.07 18.03
N ILE A 31 23.86 9.61 16.84
CA ILE A 31 23.82 8.18 16.57
C ILE A 31 25.21 7.57 16.65
N ILE A 32 26.24 8.34 16.33
CA ILE A 32 27.61 7.87 16.43
C ILE A 32 28.21 8.19 17.80
N ALA A 33 28.11 9.45 18.23
CA ALA A 33 28.79 9.89 19.45
C ALA A 33 28.21 9.21 20.68
N CYS A 34 26.88 9.18 20.80
CA CYS A 34 26.26 8.57 21.97
C CYS A 34 26.55 7.08 22.02
N SER A 35 26.49 6.42 20.86
CA SER A 35 26.78 4.99 20.81
C SER A 35 28.23 4.71 21.20
N LEU A 36 29.17 5.54 20.72
CA LEU A 36 30.57 5.35 21.08
C LEU A 36 30.80 5.58 22.58
N ILE A 37 30.16 6.60 23.14
CA ILE A 37 30.35 6.88 24.56
C ILE A 37 29.74 5.78 25.41
N GLY A 38 28.59 5.24 24.99
CA GLY A 38 28.04 4.09 25.69
C GLY A 38 28.92 2.85 25.57
N ILE A 39 29.55 2.66 24.40
CA ILE A 39 30.46 1.54 24.22
C ILE A 39 31.65 1.67 25.16
N ALA A 40 32.20 2.87 25.28
CA ALA A 40 33.36 3.08 26.14
C ALA A 40 33.03 2.77 27.60
N THR A 41 31.92 3.30 28.10
CA THR A 41 31.53 3.12 29.50
C THR A 41 30.54 1.97 29.66
N GLY A 42 30.96 0.79 29.22
CA GLY A 42 30.14 -0.39 29.43
C GLY A 42 28.87 -0.42 28.61
N HIS A 43 27.74 -0.17 29.26
CA HIS A 43 26.42 -0.24 28.64
C HIS A 43 26.37 0.52 27.32
N MET A 44 26.17 -0.22 26.24
CA MET A 44 26.15 0.35 24.90
C MET A 44 24.76 0.48 24.32
N ALA A 45 23.82 -0.38 24.73
CA ALA A 45 22.46 -0.31 24.19
C ALA A 45 21.79 1.00 24.54
N ALA A 46 21.98 1.48 25.78
CA ALA A 46 21.42 2.76 26.18
C ALA A 46 21.98 3.90 25.35
N GLY A 47 23.29 3.85 25.05
CA GLY A 47 23.88 4.87 24.21
C GLY A 47 23.30 4.90 22.83
N ILE A 48 23.08 3.73 22.23
CA ILE A 48 22.49 3.67 20.89
C ILE A 48 21.04 4.14 20.93
N ILE A 49 20.31 3.81 21.99
CA ILE A 49 18.93 4.25 22.11
C ILE A 49 18.87 5.78 22.20
N LEU A 50 19.73 6.37 23.03
CA LEU A 50 19.77 7.82 23.13
C LEU A 50 20.17 8.45 21.80
N GLY A 51 21.16 7.86 21.13
CA GLY A 51 21.57 8.39 19.84
C GLY A 51 20.47 8.37 18.80
N GLY A 52 19.72 7.26 18.74
CA GLY A 52 18.59 7.20 17.83
C GLY A 52 17.50 8.19 18.18
N SER A 53 17.22 8.35 19.47
CA SER A 53 16.20 9.31 19.89
C SER A 53 16.62 10.74 19.56
N LEU A 54 17.90 11.06 19.76
CA LEU A 54 18.40 12.42 19.54
C LEU A 54 18.70 12.72 18.09
N GLN A 55 18.85 11.69 17.24
CA GLN A 55 19.13 11.95 15.83
C GLN A 55 17.93 12.55 15.13
N MET A 56 16.71 12.18 15.52
CA MET A 56 15.52 12.82 14.97
C MET A 56 15.53 14.33 15.21
N ILE A 57 15.93 14.74 16.41
CA ILE A 57 16.08 16.17 16.69
C ILE A 57 17.25 16.74 15.90
N ALA A 58 18.34 15.99 15.78
CA ALA A 58 19.53 16.46 15.08
C ALA A 58 19.33 16.54 13.57
N LEU A 59 18.24 16.00 13.04
CA LEU A 59 17.94 16.18 11.63
C LEU A 59 17.61 17.64 11.36
N GLY A 60 18.10 18.16 10.25
CA GLY A 60 17.93 19.57 9.98
C GLY A 60 18.81 20.48 10.82
N TRP A 61 19.90 19.95 11.36
CA TRP A 61 20.85 20.72 12.17
C TRP A 61 22.16 20.93 11.41
N ALA A 62 22.06 21.24 10.12
CA ALA A 62 23.21 21.60 9.32
C ALA A 62 23.45 23.11 9.37
N ASN A 63 24.71 23.49 9.22
CA ASN A 63 25.11 24.89 9.20
C ASN A 63 25.49 25.28 7.78
N VAL A 64 24.94 26.40 7.30
CA VAL A 64 25.19 26.89 5.95
C VAL A 64 25.54 28.37 6.03
N GLY A 65 26.61 28.75 5.32
CA GLY A 65 27.01 30.14 5.15
C GLY A 65 26.99 31.01 6.38
N ALA A 66 27.87 30.71 7.35
CA ALA A 66 28.04 31.48 8.57
C ALA A 66 26.79 31.47 9.46
N ALA A 67 25.90 30.51 9.25
CA ALA A 67 24.74 30.32 10.11
C ALA A 67 24.94 28.98 10.82
N VAL A 68 25.61 29.05 11.98
CA VAL A 68 25.99 27.84 12.69
C VAL A 68 24.76 27.17 13.28
N ALA A 69 24.70 25.85 13.15
CA ALA A 69 23.57 25.05 13.59
C ALA A 69 23.63 24.84 15.09
N PRO A 70 22.56 24.29 15.69
CA PRO A 70 22.56 24.07 17.15
C PRO A 70 23.63 23.14 17.69
N ASP A 71 24.56 22.66 16.86
CA ASP A 71 25.77 21.97 17.33
C ASP A 71 25.41 20.71 18.12
N ALA A 72 24.98 19.70 17.36
CA ALA A 72 24.63 18.41 17.94
C ALA A 72 25.80 17.74 18.66
N ALA A 73 27.04 18.17 18.41
CA ALA A 73 28.21 17.50 18.95
C ALA A 73 28.25 17.56 20.47
N LEU A 74 28.30 18.78 21.03
CA LEU A 74 28.36 18.93 22.47
C LEU A 74 27.11 18.39 23.14
N ALA A 75 25.95 18.60 22.51
CA ALA A 75 24.71 18.04 23.02
C ALA A 75 24.83 16.54 23.21
N SER A 76 25.24 15.83 22.15
CA SER A 76 25.35 14.38 22.22
C SER A 76 26.35 13.95 23.28
N VAL A 77 27.54 14.54 23.26
CA VAL A 77 28.61 14.10 24.15
C VAL A 77 28.21 14.33 25.61
N ALA A 78 27.76 15.55 25.93
CA ALA A 78 27.43 15.88 27.31
C ALA A 78 26.22 15.11 27.80
N SER A 79 25.20 14.95 26.95
CA SER A 79 24.02 14.18 27.37
C SER A 79 24.38 12.72 27.62
N ALA A 80 25.23 12.13 26.76
CA ALA A 80 25.64 10.75 26.98
C ALA A 80 26.42 10.60 28.27
N ILE A 81 27.35 11.54 28.54
CA ILE A 81 28.12 11.46 29.78
C ILE A 81 27.22 11.62 30.98
N LEU A 82 26.27 12.56 30.93
CA LEU A 82 25.36 12.77 32.04
C LEU A 82 24.50 11.54 32.30
N MET A 83 24.02 10.89 31.24
CA MET A 83 23.25 9.67 31.44
C MET A 83 24.12 8.58 32.04
N VAL A 84 25.37 8.46 31.58
CA VAL A 84 26.26 7.43 32.10
C VAL A 84 26.51 7.65 33.59
N GLN A 85 26.70 8.89 34.01
CA GLN A 85 26.94 9.17 35.42
C GLN A 85 25.75 8.77 36.28
N GLY A 86 24.53 9.04 35.81
CA GLY A 86 23.34 8.64 36.52
C GLY A 86 22.88 7.24 36.14
N GLY A 87 23.10 6.26 37.01
CA GLY A 87 22.90 4.88 36.66
C GLY A 87 21.45 4.47 36.49
N ASN A 88 20.75 5.11 35.55
CA ASN A 88 19.36 4.79 35.28
C ASN A 88 19.10 5.01 33.80
N PHE A 89 18.63 3.96 33.10
CA PHE A 89 18.49 3.94 31.65
C PHE A 89 17.14 3.37 31.25
N ASP A 90 16.07 3.90 31.85
CA ASP A 90 14.74 3.31 31.68
C ASP A 90 14.04 3.76 30.40
N LEU A 91 14.66 4.62 29.59
CA LEU A 91 14.14 5.09 28.30
C LEU A 91 12.96 6.05 28.51
N THR A 92 12.49 6.16 29.75
CA THR A 92 11.59 7.23 30.12
C THR A 92 12.36 8.40 30.69
N HIS A 93 13.40 8.11 31.47
CA HIS A 93 14.35 9.12 31.90
C HIS A 93 15.14 9.66 30.71
N ILE A 94 15.42 8.82 29.72
CA ILE A 94 16.17 9.25 28.55
C ILE A 94 15.40 10.32 27.79
N THR A 95 14.11 10.09 27.57
CA THR A 95 13.31 11.08 26.86
C THR A 95 12.94 12.26 27.74
N GLY A 96 12.70 12.02 29.03
CA GLY A 96 12.22 13.09 29.89
C GLY A 96 13.27 14.13 30.19
N VAL A 97 14.50 13.70 30.51
CA VAL A 97 15.53 14.59 31.03
C VAL A 97 16.71 14.72 30.08
N ILE A 98 17.16 13.61 29.48
CA ILE A 98 18.39 13.66 28.69
C ILE A 98 18.19 14.46 27.41
N VAL A 99 16.98 14.46 26.84
CA VAL A 99 16.73 15.16 25.59
C VAL A 99 16.59 16.67 25.80
N PRO A 100 15.81 17.16 26.79
CA PRO A 100 15.85 18.60 27.05
C PRO A 100 17.22 19.11 27.45
N ALA A 101 17.95 18.32 28.23
CA ALA A 101 19.33 18.68 28.56
C ALA A 101 20.18 18.71 27.30
N ALA A 102 19.93 17.80 26.36
CA ALA A 102 20.65 17.81 25.09
C ALA A 102 20.35 19.09 24.31
N ILE A 103 19.09 19.54 24.32
CA ILE A 103 18.75 20.78 23.61
C ILE A 103 19.47 21.98 24.24
N LEU A 104 19.45 22.05 25.58
CA LEU A 104 20.12 23.16 26.25
C LEU A 104 21.63 23.14 25.99
N LEU A 105 22.24 21.95 26.08
CA LEU A 105 23.66 21.83 25.79
C LEU A 105 23.96 22.10 24.33
N ALA A 106 22.98 21.86 23.45
CA ALA A 106 23.14 22.22 22.04
C ALA A 106 23.23 23.73 21.88
N THR A 107 22.36 24.47 22.58
CA THR A 107 22.46 25.93 22.54
C THR A 107 23.80 26.41 23.11
N ALA A 108 24.22 25.81 24.22
CA ALA A 108 25.50 26.18 24.81
C ALA A 108 26.66 25.90 23.86
N GLY A 109 26.64 24.74 23.20
CA GLY A 109 27.66 24.43 22.22
C GLY A 109 27.62 25.34 21.02
N LEU A 110 26.43 25.79 20.62
CA LEU A 110 26.33 26.76 19.54
C LEU A 110 27.05 28.06 19.91
N VAL A 111 26.83 28.56 21.13
CA VAL A 111 27.50 29.79 21.51
C VAL A 111 29.01 29.57 21.65
N LEU A 112 29.41 28.40 22.17
CA LEU A 112 30.84 28.12 22.32
C LEU A 112 31.54 28.03 20.97
N THR A 113 30.93 27.34 20.01
CA THR A 113 31.52 27.24 18.69
C THR A 113 31.49 28.58 17.97
N THR A 114 30.48 29.43 18.23
CA THR A 114 30.50 30.77 17.68
C THR A 114 31.73 31.53 18.18
N LEU A 115 32.01 31.42 19.48
CA LEU A 115 33.19 32.06 20.04
C LEU A 115 34.47 31.51 19.40
N VAL A 116 34.55 30.20 19.22
CA VAL A 116 35.78 29.60 18.71
C VAL A 116 36.02 29.98 17.24
N ARG A 117 34.97 29.89 16.41
CA ARG A 117 35.12 30.28 15.01
C ARG A 117 35.29 31.78 14.83
N PHE A 118 34.92 32.59 15.81
CA PHE A 118 35.34 33.99 15.77
C PHE A 118 36.82 34.12 16.15
N LEU A 119 37.26 33.38 17.16
CA LEU A 119 38.65 33.45 17.62
C LEU A 119 39.62 32.94 16.57
N SER A 120 39.17 32.09 15.65
CA SER A 120 40.05 31.53 14.62
C SER A 120 40.56 32.58 13.63
N VAL A 121 40.00 33.79 13.65
CA VAL A 121 40.45 34.83 12.73
C VAL A 121 41.90 35.20 13.00
N GLY A 122 42.28 35.31 14.28
CA GLY A 122 43.66 35.58 14.61
C GLY A 122 44.60 34.48 14.17
N ILE A 123 44.17 33.23 14.33
CA ILE A 123 44.99 32.09 13.89
C ILE A 123 45.20 32.16 12.38
N VAL A 124 44.13 32.47 11.62
CA VAL A 124 44.27 32.57 10.18
C VAL A 124 45.14 33.75 9.77
N HIS A 125 45.07 34.86 10.51
CA HIS A 125 45.98 35.98 10.24
C HIS A 125 47.43 35.58 10.48
N LEU A 126 47.68 34.82 11.54
CA LEU A 126 49.02 34.31 11.80
C LEU A 126 49.47 33.38 10.68
N ALA A 127 48.55 32.56 10.17
CA ALA A 127 48.87 31.68 9.04
C ALA A 127 49.21 32.49 7.79
N ASP A 128 48.49 33.58 7.56
CA ASP A 128 48.81 34.47 6.44
C ASP A 128 50.19 35.10 6.62
N ALA A 129 50.52 35.50 7.85
CA ALA A 129 51.85 36.04 8.11
C ALA A 129 52.94 34.99 7.85
N ALA A 130 52.67 33.74 8.22
CA ALA A 130 53.62 32.67 7.93
C ALA A 130 53.75 32.42 6.43
N ALA A 131 52.62 32.44 5.71
CA ALA A 131 52.65 32.27 4.27
C ALA A 131 53.36 33.42 3.57
N GLU A 132 53.41 34.59 4.20
CA GLU A 132 54.20 35.70 3.66
C GLU A 132 55.68 35.34 3.55
N LYS A 133 56.14 34.36 4.34
CA LYS A 133 57.51 33.88 4.27
C LYS A 133 57.69 32.71 3.32
N GLY A 134 56.61 32.24 2.68
CA GLY A 134 56.69 31.11 1.78
C GLY A 134 57.04 29.80 2.45
N SER A 135 56.42 29.50 3.59
CA SER A 135 56.68 28.26 4.32
C SER A 135 55.39 27.46 4.41
N TYR A 136 55.41 26.24 3.88
CA TYR A 136 54.25 25.36 4.01
C TYR A 136 54.07 24.90 5.45
N SER A 137 55.17 24.70 6.17
CA SER A 137 55.09 24.20 7.53
C SER A 137 54.33 25.15 8.44
N GLY A 138 54.56 26.46 8.30
CA GLY A 138 53.86 27.41 9.16
C GLY A 138 52.36 27.39 8.95
N VAL A 139 51.92 27.42 7.69
CA VAL A 139 50.49 27.45 7.43
C VAL A 139 49.84 26.13 7.82
N ALA A 140 50.52 25.01 7.59
CA ALA A 140 49.98 23.73 8.03
C ALA A 140 49.87 23.66 9.54
N GLY A 141 50.88 24.17 10.25
CA GLY A 141 50.84 24.17 11.70
C GLY A 141 49.73 25.04 12.26
N TRP A 142 49.52 26.22 11.66
CA TRP A 142 48.45 27.09 12.16
C TRP A 142 47.08 26.50 11.85
N HIS A 143 46.91 25.88 10.68
CA HIS A 143 45.64 25.21 10.38
C HIS A 143 45.38 24.08 11.38
N MET A 144 46.40 23.27 11.66
CA MET A 144 46.24 22.19 12.62
C MET A 144 45.99 22.72 14.02
N PHE A 145 46.60 23.85 14.38
CA PHE A 145 46.37 24.45 15.70
C PHE A 145 44.94 24.94 15.85
N ALA A 146 44.40 25.59 14.82
CA ALA A 146 43.00 26.02 14.88
C ALA A 146 42.07 24.81 14.96
N LEU A 147 42.36 23.77 14.18
CA LEU A 147 41.54 22.56 14.22
C LEU A 147 41.60 21.90 15.60
N LEU A 148 42.79 21.88 16.21
CA LEU A 148 42.95 21.34 17.56
C LEU A 148 42.19 22.17 18.58
N LEU A 149 42.20 23.50 18.43
CA LEU A 149 41.45 24.35 19.35
C LEU A 149 39.96 24.08 19.24
N GLN A 150 39.46 23.91 18.02
CA GLN A 150 38.04 23.58 17.85
C GLN A 150 37.70 22.24 18.47
N GLY A 151 38.59 21.26 18.34
CA GLY A 151 38.37 19.98 19.02
C GLY A 151 38.39 20.10 20.53
N LEU A 152 39.31 20.91 21.06
CA LEU A 152 39.38 21.12 22.50
C LEU A 152 38.14 21.82 23.02
N ARG A 153 37.47 22.61 22.17
CA ARG A 153 36.26 23.30 22.57
C ARG A 153 35.21 22.35 23.11
N ILE A 154 35.19 21.11 22.63
CA ILE A 154 34.29 20.09 23.15
C ILE A 154 35.02 19.06 24.00
N ALA A 155 36.33 18.90 23.84
CA ALA A 155 37.07 17.99 24.72
C ALA A 155 37.07 18.48 26.16
N ILE A 156 37.26 19.80 26.37
CA ILE A 156 37.38 20.32 27.73
C ILE A 156 36.10 20.18 28.54
N PRO A 157 34.92 20.57 28.04
CA PRO A 157 33.71 20.38 28.85
C PRO A 157 33.42 18.94 29.21
N ALA A 158 33.80 17.99 28.33
CA ALA A 158 33.66 16.58 28.67
C ALA A 158 34.49 16.22 29.89
N ALA A 159 35.74 16.71 29.95
CA ALA A 159 36.58 16.47 31.11
C ALA A 159 36.01 17.14 32.35
N ILE A 160 35.47 18.35 32.21
CA ILE A 160 34.89 19.05 33.35
C ILE A 160 33.72 18.25 33.91
N ILE A 161 32.85 17.76 33.02
CA ILE A 161 31.71 16.97 33.47
C ILE A 161 32.18 15.65 34.10
N LEU A 162 33.22 15.06 33.54
CA LEU A 162 33.76 13.82 34.11
C LEU A 162 34.33 14.05 35.50
N ALA A 163 34.87 15.24 35.77
CA ALA A 163 35.41 15.54 37.09
C ALA A 163 34.32 15.63 38.15
N ILE A 164 33.08 15.89 37.76
CA ILE A 164 31.98 16.01 38.73
C ILE A 164 31.74 14.66 39.40
N PRO A 165 31.62 14.61 40.73
CA PRO A 165 31.38 13.33 41.39
C PRO A 165 30.07 12.69 40.94
N ALA A 166 30.07 11.35 40.91
CA ALA A 166 28.88 10.62 40.49
C ALA A 166 27.73 10.83 41.46
N GLU A 167 28.01 10.87 42.76
CA GLU A 167 26.94 11.00 43.75
C GLU A 167 26.20 12.31 43.59
N THR A 168 26.92 13.41 43.39
CA THR A 168 26.26 14.72 43.29
C THR A 168 25.40 14.81 42.04
N VAL A 169 25.90 14.33 40.89
CA VAL A 169 25.13 14.41 39.66
C VAL A 169 23.92 13.48 39.72
N THR A 170 24.08 12.30 40.33
CA THR A 170 22.93 11.40 40.50
C THR A 170 21.87 12.04 41.39
N ALA A 171 22.29 12.69 42.48
CA ALA A 171 21.34 13.35 43.36
C ALA A 171 20.63 14.50 42.64
N ALA A 172 21.37 15.28 41.86
CA ALA A 172 20.75 16.39 41.12
C ALA A 172 19.76 15.88 40.08
N LEU A 173 20.11 14.78 39.39
CA LEU A 173 19.24 14.24 38.36
C LEU A 173 18.01 13.57 38.94
N ASN A 174 18.14 12.95 40.12
CA ASN A 174 17.01 12.29 40.74
C ASN A 174 16.03 13.31 41.34
N ALA A 175 16.53 14.47 41.75
CA ALA A 175 15.69 15.46 42.42
C ALA A 175 14.60 16.02 41.53
N ILE A 176 14.68 15.79 40.22
CA ILE A 176 13.64 16.30 39.32
C ILE A 176 12.31 15.61 39.63
N PRO A 177 11.21 16.35 39.78
CA PRO A 177 9.94 15.71 40.12
C PRO A 177 9.46 14.77 39.02
N ASP A 178 8.67 13.78 39.44
CA ASP A 178 8.17 12.76 38.50
C ASP A 178 7.24 13.36 37.47
N TRP A 179 6.32 14.25 37.89
CA TRP A 179 5.32 14.77 36.97
C TRP A 179 5.95 15.60 35.86
N VAL A 180 6.91 16.45 36.20
CA VAL A 180 7.57 17.25 35.18
C VAL A 180 8.40 16.35 34.25
N SER A 181 9.00 15.29 34.78
CA SER A 181 9.74 14.36 33.94
C SER A 181 8.82 13.69 32.93
N LYS A 182 7.63 13.25 33.38
CA LYS A 182 6.68 12.63 32.46
C LYS A 182 6.16 13.64 31.44
N GLY A 183 5.93 14.88 31.85
CA GLY A 183 5.50 15.89 30.91
C GLY A 183 6.55 16.17 29.86
N LEU A 184 7.83 16.22 30.27
CA LEU A 184 8.90 16.42 29.30
C LEU A 184 9.03 15.21 28.39
N ALA A 185 8.79 14.01 28.90
CA ALA A 185 8.77 12.82 28.05
C ALA A 185 7.66 12.92 27.00
N VAL A 186 6.48 13.42 27.41
CA VAL A 186 5.39 13.60 26.46
C VAL A 186 5.77 14.62 25.40
N GLY A 187 6.38 15.74 25.81
CA GLY A 187 6.80 16.75 24.85
C GLY A 187 7.97 16.33 23.99
N GLY A 188 8.72 15.30 24.39
CA GLY A 188 9.80 14.79 23.57
C GLY A 188 9.31 14.12 22.30
N GLY A 189 8.10 13.58 22.32
CA GLY A 189 7.48 13.09 21.11
C GLY A 189 6.97 14.19 20.20
N MET A 190 6.89 15.42 20.69
CA MET A 190 6.49 16.56 19.89
C MET A 190 7.68 17.32 19.32
N VAL A 191 8.77 17.45 20.09
CA VAL A 191 9.84 18.37 19.72
C VAL A 191 10.50 18.05 18.38
N VAL A 192 10.32 16.84 17.86
CA VAL A 192 10.84 16.53 16.52
C VAL A 192 10.07 17.25 15.43
N VAL A 193 8.90 17.79 15.75
CA VAL A 193 8.11 18.52 14.76
C VAL A 193 8.87 19.74 14.26
N VAL A 194 9.56 20.45 15.17
CA VAL A 194 10.33 21.63 14.76
C VAL A 194 11.44 21.22 13.79
N GLY A 195 12.17 20.15 14.13
CA GLY A 195 13.25 19.71 13.27
C GLY A 195 12.75 19.31 11.89
N TYR A 196 11.62 18.60 11.83
CA TYR A 196 11.04 18.27 10.54
C TYR A 196 10.55 19.53 9.82
N ALA A 197 10.03 20.49 10.57
CA ALA A 197 9.38 21.66 9.98
C ALA A 197 10.39 22.60 9.35
N MET A 198 11.58 22.76 9.93
CA MET A 198 12.59 23.57 9.24
C MET A 198 12.98 22.97 7.90
N VAL A 199 13.18 21.65 7.86
CA VAL A 199 13.54 21.01 6.59
C VAL A 199 12.41 21.16 5.59
N ILE A 200 11.16 21.04 6.06
CA ILE A 200 10.02 21.24 5.17
C ILE A 200 9.97 22.68 4.66
N ASN A 201 10.26 23.64 5.54
CA ASN A 201 10.22 25.04 5.15
C ASN A 201 11.31 25.36 4.13
N LEU A 202 12.46 24.70 4.25
CA LEU A 202 13.55 24.95 3.30
C LEU A 202 13.16 24.56 1.88
N MET A 203 12.54 23.39 1.71
CA MET A 203 12.07 22.93 0.41
C MET A 203 10.57 22.66 0.51
N ALA A 204 9.79 23.52 -0.13
CA ALA A 204 8.34 23.39 -0.14
C ALA A 204 7.78 24.25 -1.25
N THR A 205 6.92 23.66 -2.07
CA THR A 205 6.31 24.35 -3.19
C THR A 205 4.94 23.74 -3.43
N LYS A 206 4.08 24.48 -4.13
CA LYS A 206 2.77 23.93 -4.50
C LYS A 206 2.91 22.67 -5.33
N GLU A 207 4.02 22.51 -6.04
CA GLU A 207 4.27 21.31 -6.82
C GLU A 207 4.70 20.14 -5.94
N LEU A 208 5.35 20.40 -4.81
CA LEU A 208 5.93 19.35 -3.99
C LEU A 208 5.09 18.97 -2.77
N TRP A 209 4.13 19.81 -2.38
CA TRP A 209 3.22 19.44 -1.29
C TRP A 209 2.45 18.14 -1.55
N PRO A 210 1.96 17.85 -2.77
CA PRO A 210 1.32 16.54 -2.99
C PRO A 210 2.20 15.36 -2.64
N PHE A 211 3.51 15.46 -2.87
CA PHE A 211 4.40 14.35 -2.52
C PHE A 211 4.51 14.21 -1.00
N PHE A 212 4.56 15.32 -0.28
CA PHE A 212 4.54 15.24 1.18
C PHE A 212 3.28 14.56 1.68
N PHE A 213 2.12 14.94 1.14
CA PHE A 213 0.87 14.34 1.60
C PHE A 213 0.75 12.89 1.17
N LEU A 214 1.30 12.53 0.01
CA LEU A 214 1.31 11.14 -0.42
C LEU A 214 2.17 10.29 0.51
N GLY A 215 3.35 10.79 0.88
CA GLY A 215 4.18 10.07 1.84
C GLY A 215 3.52 9.96 3.20
N PHE A 216 2.79 11.00 3.59
CA PHE A 216 2.05 10.94 4.85
C PHE A 216 0.94 9.88 4.80
N VAL A 217 0.24 9.80 3.67
CA VAL A 217 -0.88 8.86 3.55
C VAL A 217 -0.39 7.42 3.47
N LEU A 218 0.72 7.18 2.75
CA LEU A 218 1.22 5.82 2.60
C LEU A 218 2.00 5.33 3.81
N ALA A 219 2.32 6.20 4.76
CA ALA A 219 3.12 5.79 5.91
C ALA A 219 2.50 4.68 6.75
N PRO A 220 1.19 4.66 7.07
CA PRO A 220 0.66 3.60 7.93
C PRO A 220 0.85 2.19 7.40
N LEU A 221 1.32 2.02 6.17
CA LEU A 221 1.64 0.70 5.63
C LEU A 221 2.94 0.23 6.25
N SER A 222 2.83 -0.38 7.44
CA SER A 222 4.00 -0.76 8.22
C SER A 222 4.79 -1.89 7.60
N SER A 223 4.25 -2.57 6.58
CA SER A 223 5.00 -3.61 5.90
C SER A 223 6.14 -3.05 5.06
N ILE A 224 6.12 -1.76 4.77
CA ILE A 224 7.19 -1.09 4.05
C ILE A 224 8.10 -0.43 5.07
N THR A 225 9.38 -0.79 5.06
CA THR A 225 10.34 -0.22 5.99
C THR A 225 10.80 1.15 5.49
N LEU A 226 11.70 1.78 6.25
CA LEU A 226 12.18 3.10 5.87
C LEU A 226 13.01 3.05 4.59
N ILE A 227 13.81 2.00 4.41
CA ILE A 227 14.55 1.85 3.16
C ILE A 227 13.59 1.58 2.01
N GLY A 228 12.53 0.82 2.28
CA GLY A 228 11.51 0.61 1.26
C GLY A 228 10.85 1.90 0.83
N MET A 229 10.52 2.76 1.80
CA MET A 229 9.95 4.06 1.46
C MET A 229 10.95 4.97 0.78
N GLY A 230 12.25 4.83 1.10
CA GLY A 230 13.25 5.59 0.38
C GLY A 230 13.32 5.19 -1.08
N ILE A 231 13.33 3.89 -1.36
CA ILE A 231 13.33 3.42 -2.74
C ILE A 231 12.03 3.83 -3.44
N LEU A 232 10.91 3.80 -2.71
CA LEU A 232 9.64 4.22 -3.28
C LEU A 232 9.68 5.71 -3.66
N GLY A 233 10.24 6.54 -2.79
CA GLY A 233 10.38 7.95 -3.12
C GLY A 233 11.30 8.18 -4.30
N VAL A 234 12.39 7.41 -4.38
CA VAL A 234 13.32 7.55 -5.49
C VAL A 234 12.63 7.18 -6.81
N VAL A 235 11.90 6.07 -6.84
CA VAL A 235 11.25 5.65 -8.07
C VAL A 235 10.12 6.61 -8.44
N ILE A 236 9.39 7.13 -7.44
CA ILE A 236 8.36 8.10 -7.71
C ILE A 236 8.96 9.37 -8.32
N ALA A 237 10.09 9.82 -7.76
CA ALA A 237 10.77 10.99 -8.31
C ALA A 237 11.25 10.72 -9.73
N LEU A 238 11.77 9.52 -9.99
CA LEU A 238 12.25 9.19 -11.33
C LEU A 238 11.12 9.19 -12.34
N ILE A 239 9.99 8.58 -11.98
CA ILE A 239 8.84 8.53 -12.89
C ILE A 239 8.31 9.94 -13.13
N TYR A 240 8.20 10.75 -12.07
CA TYR A 240 7.72 12.11 -12.24
C TYR A 240 8.65 12.92 -13.12
N LEU A 241 9.96 12.78 -12.93
CA LEU A 241 10.92 13.54 -13.74
C LEU A 241 10.88 13.10 -15.20
N ASN A 242 10.74 11.80 -15.44
CA ASN A 242 10.63 11.32 -16.81
C ASN A 242 9.38 11.88 -17.49
N LEU A 243 8.23 11.80 -16.81
CA LEU A 243 6.99 12.28 -17.39
C LEU A 243 7.00 13.79 -17.57
N SER A 244 7.72 14.52 -16.72
CA SER A 244 7.84 15.96 -16.89
C SER A 244 8.78 16.31 -18.02
N ASN A 245 9.85 15.55 -18.20
CA ASN A 245 10.81 15.81 -19.26
C ASN A 245 10.30 15.37 -20.63
N THR A 246 9.28 14.51 -20.67
CA THR A 246 8.63 14.23 -21.96
C THR A 246 8.10 15.50 -22.60
N ALA A 247 7.66 16.46 -21.79
CA ALA A 247 7.18 17.74 -22.29
C ALA A 247 8.13 18.87 -21.89
N LYS B 6 57.79 18.85 -20.28
CA LYS B 6 56.70 19.10 -19.34
C LYS B 6 56.84 18.22 -18.10
N LYS B 7 57.65 18.69 -17.15
CA LYS B 7 57.89 17.98 -15.91
C LYS B 7 56.80 18.32 -14.90
N PHE B 8 57.00 17.94 -13.64
CA PHE B 8 56.08 18.25 -12.54
C PHE B 8 54.69 17.71 -12.82
N SER B 9 54.60 16.38 -12.91
CA SER B 9 53.33 15.69 -13.13
C SER B 9 52.89 15.05 -11.83
N LEU B 10 51.73 15.47 -11.33
CA LEU B 10 51.20 14.90 -10.10
C LEU B 10 50.82 13.44 -10.31
N SER B 11 51.16 12.61 -9.33
CA SER B 11 50.90 11.18 -9.42
C SER B 11 49.57 10.84 -8.77
N LYS B 12 49.19 9.56 -8.87
CA LYS B 12 47.95 9.10 -8.23
C LYS B 12 48.07 9.18 -6.71
N ASN B 13 49.24 8.84 -6.16
CA ASN B 13 49.43 8.90 -4.72
C ASN B 13 49.32 10.33 -4.20
N THR B 14 49.89 11.29 -4.93
CA THR B 14 49.79 12.69 -4.53
C THR B 14 48.34 13.16 -4.56
N ARG B 15 47.57 12.73 -5.56
CA ARG B 15 46.16 13.11 -5.63
C ARG B 15 45.37 12.47 -4.49
N LEU B 16 45.69 11.22 -4.14
CA LEU B 16 45.03 10.59 -3.00
C LEU B 16 45.34 11.33 -1.69
N SER B 17 46.61 11.75 -1.53
CA SER B 17 46.96 12.54 -0.35
C SER B 17 46.24 13.88 -0.35
N VAL B 18 46.10 14.49 -1.52
CA VAL B 18 45.37 15.76 -1.63
C VAL B 18 43.91 15.58 -1.23
N MET B 19 43.31 14.46 -1.64
CA MET B 19 41.92 14.18 -1.25
C MET B 19 41.81 13.95 0.26
N PHE B 20 42.72 13.16 0.83
CA PHE B 20 42.69 12.94 2.27
C PHE B 20 42.96 14.21 3.06
N ARG B 21 43.65 15.18 2.48
CA ARG B 21 43.84 16.46 3.16
C ARG B 21 42.65 17.39 2.96
N SER B 22 42.02 17.33 1.78
CA SER B 22 40.78 18.06 1.54
C SER B 22 39.67 17.56 2.45
N MET B 23 39.83 16.36 3.00
CA MET B 23 38.96 15.94 4.09
C MET B 23 39.00 16.92 5.25
N PHE B 24 40.08 17.69 5.38
CA PHE B 24 40.23 18.72 6.40
C PHE B 24 39.98 20.12 5.84
N LEU B 25 39.02 20.26 4.93
CA LEU B 25 38.73 21.56 4.33
C LEU B 25 38.28 22.59 5.35
N GLN B 26 37.73 22.14 6.48
CA GLN B 26 37.33 23.03 7.55
C GLN B 26 38.29 22.85 8.74
N GLY B 27 37.97 23.54 9.83
CA GLY B 27 38.81 23.52 11.02
C GLY B 27 39.40 24.88 11.31
N SER B 28 39.90 25.53 10.25
CA SER B 28 40.28 26.94 10.32
C SER B 28 39.17 27.81 9.76
N TRP B 29 37.98 27.67 10.34
CA TRP B 29 36.80 28.35 9.84
C TRP B 29 36.67 29.72 10.49
N ASN B 30 36.58 30.77 9.67
CA ASN B 30 36.51 32.15 10.11
C ASN B 30 35.18 32.76 9.70
N TYR B 31 34.98 34.02 10.07
CA TYR B 31 33.77 34.75 9.71
C TYR B 31 34.00 35.78 8.62
N GLU B 32 35.22 36.29 8.46
CA GLU B 32 35.52 37.25 7.42
C GLU B 32 36.20 36.63 6.20
N ARG B 33 36.96 35.55 6.40
CA ARG B 33 37.59 34.81 5.31
C ARG B 33 37.25 33.34 5.56
N MET B 34 36.09 32.93 5.05
CA MET B 34 35.52 31.64 5.40
C MET B 34 36.28 30.51 4.70
N GLN B 35 36.69 29.51 5.48
CA GLN B 35 37.11 28.22 4.94
C GLN B 35 38.26 28.36 3.93
N ASN B 36 39.23 29.20 4.26
CA ASN B 36 40.32 29.52 3.34
C ASN B 36 41.58 28.69 3.57
N LEU B 37 41.89 28.34 4.82
CA LEU B 37 43.10 27.56 5.08
C LEU B 37 42.93 26.10 4.68
N GLY B 38 41.69 25.60 4.67
CA GLY B 38 41.48 24.20 4.30
C GLY B 38 41.88 23.91 2.86
N PHE B 39 41.64 24.86 1.97
CA PHE B 39 42.04 24.70 0.57
C PHE B 39 43.56 24.58 0.46
N LEU B 40 44.28 25.46 1.16
CA LEU B 40 45.74 25.38 1.15
C LEU B 40 46.23 24.07 1.76
N TYR B 41 45.64 23.64 2.87
CA TYR B 41 46.06 22.39 3.47
C TYR B 41 45.78 21.22 2.53
N SER B 42 44.73 21.31 1.73
CA SER B 42 44.45 20.27 0.75
C SER B 42 45.49 20.25 -0.37
N ILE B 43 45.87 21.43 -0.87
CA ILE B 43 46.75 21.51 -2.02
C ILE B 43 48.23 21.67 -1.63
N ILE B 44 48.55 21.49 -0.35
CA ILE B 44 49.96 21.58 0.08
C ILE B 44 50.86 20.61 -0.67
N PRO B 45 50.53 19.30 -0.81
CA PRO B 45 51.49 18.39 -1.47
C PRO B 45 51.82 18.80 -2.91
N ALA B 46 50.84 19.31 -3.66
CA ALA B 46 51.12 19.73 -5.03
C ALA B 46 52.11 20.88 -5.06
N LEU B 47 51.94 21.86 -4.18
CA LEU B 47 52.85 22.99 -4.13
C LEU B 47 54.23 22.57 -3.65
N LYS B 48 54.29 21.63 -2.70
CA LYS B 48 55.57 21.10 -2.23
C LYS B 48 56.30 20.40 -3.35
N GLN B 49 55.58 19.61 -4.15
CA GLN B 49 56.21 18.94 -5.29
C GLN B 49 56.62 19.94 -6.35
N PHE B 50 55.87 21.03 -6.50
CA PHE B 50 56.18 22.02 -7.54
C PHE B 50 57.34 22.93 -7.12
N TYR B 51 57.19 23.64 -6.02
CA TYR B 51 58.16 24.63 -5.58
C TYR B 51 58.67 24.30 -4.18
N LYS B 52 59.96 24.50 -3.97
CA LYS B 52 60.58 24.30 -2.67
C LYS B 52 60.21 25.44 -1.73
N PRO B 53 60.17 25.17 -0.42
CA PRO B 53 59.79 26.22 0.54
C PRO B 53 60.81 27.37 0.55
N GLY B 54 60.31 28.57 0.80
CA GLY B 54 61.12 29.75 0.92
C GLY B 54 61.28 30.55 -0.36
N SER B 55 61.00 29.97 -1.51
CA SER B 55 61.16 30.67 -2.78
C SER B 55 60.06 31.71 -2.95
N GLU B 56 60.32 32.68 -3.84
CA GLU B 56 59.30 33.66 -4.18
C GLU B 56 58.11 33.00 -4.88
N GLU B 57 58.36 31.96 -5.68
CA GLU B 57 57.27 31.22 -6.30
C GLU B 57 56.38 30.59 -5.23
N ALA B 58 56.99 29.98 -4.21
CA ALA B 58 56.21 29.43 -3.11
C ALA B 58 55.46 30.52 -2.36
N LYS B 59 56.09 31.68 -2.18
CA LYS B 59 55.42 32.79 -1.52
C LYS B 59 54.16 33.20 -2.28
N GLU B 60 54.29 33.39 -3.60
CA GLU B 60 53.14 33.79 -4.40
C GLU B 60 52.06 32.71 -4.40
N ALA B 61 52.46 31.44 -4.50
CA ALA B 61 51.49 30.35 -4.51
C ALA B 61 50.73 30.28 -3.20
N LEU B 62 51.43 30.45 -2.07
CA LEU B 62 50.77 30.38 -0.77
C LEU B 62 49.87 31.59 -0.55
N LYS B 63 50.30 32.78 -0.99
CA LYS B 63 49.46 33.96 -0.84
C LYS B 63 48.28 33.96 -1.78
N ARG B 64 48.35 33.23 -2.89
CA ARG B 64 47.26 33.20 -3.86
C ARG B 64 45.99 32.59 -3.26
N HIS B 65 46.15 31.53 -2.46
CA HIS B 65 45.03 30.80 -1.88
C HIS B 65 44.72 31.25 -0.46
N MET B 66 44.98 32.51 -0.13
CA MET B 66 44.58 33.11 1.14
C MET B 66 43.39 34.04 0.97
N GLU B 67 42.44 33.69 0.11
CA GLU B 67 41.26 34.49 -0.11
C GLU B 67 40.01 33.74 0.33
N PHE B 68 38.91 34.46 0.42
CA PHE B 68 37.65 33.88 0.89
C PHE B 68 37.20 32.77 -0.05
N PHE B 69 36.84 31.62 0.53
CA PHE B 69 36.39 30.47 -0.26
C PHE B 69 35.50 29.61 0.63
N ASN B 70 34.19 29.73 0.47
CA ASN B 70 33.23 28.98 1.26
C ASN B 70 32.36 28.14 0.34
N THR B 71 32.40 26.83 0.53
CA THR B 71 31.63 25.90 -0.29
C THR B 71 31.22 24.73 0.59
N HIS B 72 30.18 24.02 0.18
CA HIS B 72 29.82 22.78 0.85
C HIS B 72 31.01 21.84 0.81
N PRO B 73 31.44 21.28 1.95
CA PRO B 73 32.71 20.55 1.98
C PRO B 73 32.75 19.36 1.04
N TYR B 74 31.64 18.65 0.87
CA TYR B 74 31.65 17.44 0.05
C TYR B 74 31.81 17.78 -1.43
N VAL B 75 31.03 18.73 -1.93
CA VAL B 75 31.18 19.18 -3.32
C VAL B 75 32.19 20.32 -3.28
N ALA B 76 33.45 19.93 -3.15
CA ALA B 76 34.59 20.80 -3.39
C ALA B 76 35.71 20.06 -4.11
N ALA B 77 35.64 18.72 -4.15
CA ALA B 77 36.64 17.94 -4.88
C ALA B 77 36.75 18.33 -6.36
N PRO B 78 35.66 18.59 -7.10
CA PRO B 78 35.86 19.14 -8.45
C PRO B 78 36.65 20.44 -8.46
N ILE B 79 36.41 21.31 -7.48
CA ILE B 79 37.18 22.56 -7.40
C ILE B 79 38.65 22.26 -7.13
N VAL B 80 38.92 21.30 -6.24
CA VAL B 80 40.30 20.93 -5.94
C VAL B 80 40.99 20.34 -7.16
N GLY B 81 40.27 19.50 -7.91
CA GLY B 81 40.85 18.91 -9.11
C GLY B 81 41.14 19.96 -10.18
N VAL B 82 40.21 20.90 -10.37
CA VAL B 82 40.45 21.98 -11.32
C VAL B 82 41.64 22.82 -10.89
N THR B 83 41.73 23.10 -9.60
CA THR B 83 42.87 23.87 -9.08
C THR B 83 44.18 23.12 -9.28
N LEU B 84 44.17 21.80 -9.08
CA LEU B 84 45.37 21.00 -9.32
C LEU B 84 45.77 21.04 -10.79
N ALA B 85 44.78 20.97 -11.69
CA ALA B 85 45.07 21.04 -13.11
C ALA B 85 45.70 22.38 -13.48
N LEU B 86 45.11 23.48 -12.99
CA LEU B 86 45.69 24.79 -13.30
C LEU B 86 47.04 24.99 -12.61
N GLU B 87 47.26 24.38 -11.46
CA GLU B 87 48.58 24.44 -10.83
C GLU B 87 49.62 23.71 -11.65
N GLU B 88 49.26 22.55 -12.20
CA GLU B 88 50.15 21.84 -13.11
C GLU B 88 50.46 22.70 -14.33
N GLU B 89 49.43 23.33 -14.90
CA GLU B 89 49.65 24.16 -16.09
C GLU B 89 50.57 25.35 -15.76
N ILE B 90 50.34 26.00 -14.61
CA ILE B 90 51.18 27.14 -14.23
C ILE B 90 52.57 26.71 -13.78
N ALA B 91 52.76 25.43 -13.47
CA ALA B 91 54.07 24.88 -13.16
C ALA B 91 54.77 24.32 -14.39
N ASN B 92 54.11 24.36 -15.56
CA ASN B 92 54.69 23.89 -16.81
C ASN B 92 55.00 25.04 -17.75
N GLY B 93 55.09 26.25 -17.24
CA GLY B 93 55.40 27.42 -18.06
C GLY B 93 54.34 27.79 -19.07
N VAL B 94 53.08 27.81 -18.67
CA VAL B 94 51.99 28.23 -19.54
C VAL B 94 51.45 29.57 -19.03
N GLU B 95 50.76 30.28 -19.93
CA GLU B 95 50.51 31.71 -19.77
C GLU B 95 49.35 32.04 -18.85
N ILE B 96 48.55 31.06 -18.42
CA ILE B 96 47.31 31.30 -17.68
C ILE B 96 47.54 32.31 -16.57
N ASP B 97 46.72 33.36 -16.53
CA ASP B 97 46.94 34.47 -15.63
C ASP B 97 46.73 34.05 -14.18
N GLU B 98 47.35 34.80 -13.27
CA GLU B 98 47.27 34.49 -11.85
C GLU B 98 45.84 34.57 -11.32
N ALA B 99 45.04 35.48 -11.87
CA ALA B 99 43.68 35.65 -11.39
C ALA B 99 42.70 34.65 -11.99
N ALA B 100 43.13 33.84 -12.97
CA ALA B 100 42.21 32.89 -13.59
C ALA B 100 41.77 31.79 -12.62
N ILE B 101 42.70 31.29 -11.80
CA ILE B 101 42.36 30.26 -10.83
C ILE B 101 41.36 30.79 -9.81
N GLN B 102 41.59 32.01 -9.32
CA GLN B 102 40.64 32.61 -8.39
C GLN B 102 39.30 32.86 -9.05
N GLY B 103 39.31 33.28 -10.32
CA GLY B 103 38.05 33.51 -11.02
C GLY B 103 37.24 32.24 -11.16
N VAL B 104 37.89 31.14 -11.56
CA VAL B 104 37.16 29.88 -11.73
C VAL B 104 36.70 29.35 -10.37
N LYS B 105 37.52 29.50 -9.33
CA LYS B 105 37.12 29.07 -8.00
C LYS B 105 35.89 29.82 -7.53
N VAL B 106 35.87 31.14 -7.74
CA VAL B 106 34.70 31.93 -7.39
C VAL B 106 33.50 31.53 -8.24
N GLY B 107 33.75 31.20 -9.51
CA GLY B 107 32.65 30.84 -10.40
C GLY B 107 31.93 29.58 -9.95
N MET B 108 32.69 28.54 -9.62
CA MET B 108 32.04 27.29 -9.19
C MET B 108 31.91 27.19 -7.68
N MET B 109 32.22 28.24 -6.93
CA MET B 109 31.98 28.24 -5.50
C MET B 109 30.49 28.33 -5.18
N GLY B 110 29.76 29.20 -5.88
CA GLY B 110 28.39 29.50 -5.53
C GLY B 110 27.39 28.41 -5.90
N PRO B 111 27.22 28.16 -7.20
CA PRO B 111 26.20 27.17 -7.62
C PRO B 111 26.46 25.77 -7.06
N LEU B 112 27.72 25.37 -6.94
CA LEU B 112 28.02 24.04 -6.41
C LEU B 112 27.54 23.91 -4.98
N ALA B 113 27.79 24.93 -4.15
CA ALA B 113 27.28 24.91 -2.78
C ALA B 113 25.76 24.97 -2.76
N GLY B 114 25.17 25.81 -3.61
CA GLY B 114 23.72 25.92 -3.65
C GLY B 114 23.04 24.61 -4.00
N ILE B 115 23.72 23.77 -4.78
CA ILE B 115 23.19 22.44 -5.07
C ILE B 115 23.54 21.47 -3.93
N GLY B 116 24.73 21.61 -3.35
CA GLY B 116 25.19 20.65 -2.37
C GLY B 116 24.42 20.68 -1.07
N ASP B 117 24.09 21.87 -0.57
CA ASP B 117 23.39 21.95 0.72
C ASP B 117 22.07 21.20 0.74
N PRO B 118 21.14 21.40 -0.22
CA PRO B 118 19.89 20.63 -0.16
C PRO B 118 20.08 19.14 -0.38
N VAL B 119 20.98 18.76 -1.28
CA VAL B 119 21.16 17.35 -1.62
C VAL B 119 21.80 16.59 -0.47
N PHE B 120 22.84 17.15 0.13
CA PHE B 120 23.62 16.43 1.15
C PHE B 120 23.08 16.65 2.56
N TRP B 121 23.00 17.91 2.99
CA TRP B 121 22.64 18.19 4.37
C TRP B 121 21.15 17.99 4.65
N PHE B 122 20.29 18.25 3.67
CA PHE B 122 18.85 18.23 3.89
C PHE B 122 18.14 17.04 3.24
N THR B 123 18.80 16.30 2.36
CA THR B 123 18.19 15.12 1.75
C THR B 123 18.91 13.83 2.13
N VAL B 124 20.21 13.72 1.87
CA VAL B 124 20.91 12.47 2.15
C VAL B 124 21.05 12.24 3.65
N ARG B 125 21.53 13.26 4.37
CA ARG B 125 21.75 13.10 5.80
C ARG B 125 20.47 12.82 6.58
N PRO B 126 19.37 13.57 6.38
CA PRO B 126 18.14 13.19 7.11
C PRO B 126 17.66 11.79 6.81
N ILE B 127 17.76 11.33 5.55
CA ILE B 127 17.30 9.99 5.22
C ILE B 127 18.15 8.94 5.90
N VAL B 128 19.48 9.07 5.80
CA VAL B 128 20.37 8.08 6.40
C VAL B 128 20.23 8.07 7.92
N GLY B 129 20.15 9.26 8.53
CA GLY B 129 19.99 9.34 9.97
C GLY B 129 18.65 8.79 10.43
N ALA B 130 17.58 9.02 9.65
CA ALA B 130 16.28 8.49 10.01
C ALA B 130 16.27 6.97 9.95
N ILE B 131 16.87 6.39 8.90
CA ILE B 131 16.96 4.93 8.83
C ILE B 131 17.79 4.40 10.00
N ALA B 132 18.89 5.08 10.32
CA ALA B 132 19.72 4.65 11.43
C ALA B 132 18.96 4.70 12.76
N ALA B 133 18.20 5.76 12.99
CA ALA B 133 17.44 5.86 14.23
C ALA B 133 16.32 4.82 14.29
N SER B 134 15.69 4.53 13.15
CA SER B 134 14.69 3.47 13.13
C SER B 134 15.32 2.13 13.49
N LEU B 135 16.54 1.88 13.02
CA LEU B 135 17.24 0.66 13.41
C LEU B 135 17.67 0.71 14.87
N ALA B 136 17.97 1.90 15.39
CA ALA B 136 18.50 2.07 16.74
C ALA B 136 17.42 2.08 17.81
N THR B 137 16.15 2.18 17.43
CA THR B 137 15.08 2.19 18.43
C THR B 137 15.14 0.97 19.34
N GLY B 138 15.65 -0.15 18.84
CA GLY B 138 15.81 -1.35 19.63
C GLY B 138 17.15 -1.50 20.33
N GLY B 139 18.00 -0.48 20.29
CA GLY B 139 19.30 -0.57 20.92
C GLY B 139 20.24 -1.57 20.28
N SER B 140 20.33 -1.58 18.96
CA SER B 140 21.14 -2.53 18.22
C SER B 140 22.32 -1.81 17.57
N ILE B 141 23.47 -2.48 17.57
CA ILE B 141 24.68 -1.91 16.97
C ILE B 141 24.60 -1.83 15.46
N ILE B 142 23.57 -2.42 14.85
CA ILE B 142 23.43 -2.35 13.40
C ILE B 142 23.24 -0.92 12.93
N ALA B 143 22.69 -0.06 13.78
CA ALA B 143 22.34 1.30 13.39
C ALA B 143 23.54 2.22 13.26
N PRO B 144 24.40 2.34 14.29
CA PRO B 144 25.61 3.16 14.08
C PRO B 144 26.51 2.61 12.98
N ILE B 145 26.58 1.29 12.86
CA ILE B 145 27.37 0.68 11.78
C ILE B 145 26.79 1.08 10.43
N PHE B 146 25.46 1.00 10.29
CA PHE B 146 24.81 1.39 9.05
C PHE B 146 25.10 2.84 8.72
N PHE B 147 24.88 3.74 9.68
CA PHE B 147 25.10 5.17 9.41
C PHE B 147 26.55 5.42 9.01
N PHE B 148 27.50 4.94 9.80
CA PHE B 148 28.90 5.21 9.51
C PHE B 148 29.31 4.64 8.16
N VAL B 149 29.01 3.36 7.92
CA VAL B 149 29.46 2.70 6.69
C VAL B 149 28.83 3.36 5.47
N VAL B 150 27.51 3.54 5.47
CA VAL B 150 26.84 4.08 4.30
C VAL B 150 27.29 5.51 4.04
N TRP B 151 27.25 6.36 5.07
CA TRP B 151 27.60 7.76 4.89
C TRP B 151 29.05 7.91 4.43
N ASN B 152 29.98 7.18 5.04
CA ASN B 152 31.37 7.33 4.69
C ASN B 152 31.68 6.72 3.33
N ALA B 153 31.04 5.61 2.96
CA ALA B 153 31.22 5.08 1.61
C ALA B 153 30.77 6.09 0.57
N ILE B 154 29.58 6.68 0.77
CA ILE B 154 29.10 7.69 -0.17
C ILE B 154 30.05 8.88 -0.22
N ARG B 155 30.54 9.33 0.94
CA ARG B 155 31.40 10.49 0.99
C ARG B 155 32.74 10.24 0.31
N ILE B 156 33.39 9.10 0.61
CA ILE B 156 34.67 8.79 0.00
C ILE B 156 34.53 8.63 -1.50
N ALA B 157 33.49 7.90 -1.95
CA ALA B 157 33.28 7.74 -3.38
C ALA B 157 33.07 9.08 -4.06
N PHE B 158 32.20 9.92 -3.50
CA PHE B 158 31.94 11.22 -4.10
C PHE B 158 33.23 12.04 -4.19
N LEU B 159 33.95 12.16 -3.07
CA LEU B 159 35.15 12.97 -3.04
C LEU B 159 36.17 12.48 -4.07
N TRP B 160 36.50 11.19 -4.04
CA TRP B 160 37.54 10.67 -4.90
C TRP B 160 37.16 10.78 -6.38
N TYR B 161 35.97 10.31 -6.74
CA TYR B 161 35.61 10.31 -8.16
C TYR B 161 35.36 11.71 -8.69
N THR B 162 34.79 12.60 -7.89
CA THR B 162 34.59 13.97 -8.36
C THR B 162 35.91 14.72 -8.47
N GLN B 163 36.85 14.49 -7.55
CA GLN B 163 38.16 15.10 -7.69
C GLN B 163 38.87 14.59 -8.94
N GLU B 164 38.78 13.28 -9.21
CA GLU B 164 39.38 12.74 -10.43
C GLU B 164 38.75 13.34 -11.67
N PHE B 165 37.42 13.48 -11.68
CA PHE B 165 36.74 14.06 -12.83
C PHE B 165 37.14 15.52 -13.02
N GLY B 166 37.21 16.28 -11.94
CA GLY B 166 37.63 17.67 -12.05
C GLY B 166 39.05 17.82 -12.54
N TYR B 167 39.96 17.00 -12.01
CA TYR B 167 41.35 17.04 -12.45
C TYR B 167 41.47 16.67 -13.93
N LYS B 168 40.72 15.65 -14.36
CA LYS B 168 40.76 15.24 -15.76
C LYS B 168 40.20 16.31 -16.68
N GLN B 169 39.11 16.96 -16.27
CA GLN B 169 38.42 17.88 -17.16
C GLN B 169 38.96 19.30 -17.14
N GLY B 170 39.67 19.71 -16.09
CA GLY B 170 40.14 21.08 -16.07
C GLY B 170 39.00 22.06 -15.98
N THR B 171 39.21 23.23 -16.60
CA THR B 171 38.20 24.28 -16.61
C THR B 171 36.97 23.90 -17.44
N ALA B 172 37.04 22.83 -18.23
CA ALA B 172 35.93 22.40 -19.07
C ALA B 172 34.76 21.84 -18.26
N ILE B 173 34.93 21.61 -16.96
CA ILE B 173 33.86 21.07 -16.14
C ILE B 173 32.68 22.03 -16.06
N THR B 174 32.90 23.31 -16.33
CA THR B 174 31.79 24.26 -16.38
C THR B 174 30.85 23.97 -17.54
N SER B 175 31.40 23.49 -18.66
CA SER B 175 30.57 23.09 -19.79
C SER B 175 29.80 21.80 -19.54
N ASP B 176 30.14 21.07 -18.47
CA ASP B 176 29.44 19.85 -18.11
C ASP B 176 28.40 20.09 -17.02
N LEU B 177 28.74 20.88 -16.00
CA LEU B 177 27.78 21.17 -14.94
C LEU B 177 26.62 22.00 -15.48
N GLY B 178 26.92 23.22 -15.93
CA GLY B 178 25.92 24.08 -16.57
C GLY B 178 24.66 24.31 -15.77
N GLY B 179 23.60 24.73 -16.46
CA GLY B 179 22.30 24.92 -15.84
C GLY B 179 21.27 23.94 -16.33
N GLY B 180 20.26 23.66 -15.51
CA GLY B 180 19.25 22.68 -15.88
C GLY B 180 19.66 21.28 -15.49
N MET B 181 20.93 20.95 -15.70
CA MET B 181 21.43 19.64 -15.31
C MET B 181 21.35 19.46 -13.80
N LEU B 182 21.75 20.48 -13.04
CA LEU B 182 21.72 20.38 -11.59
C LEU B 182 20.30 20.55 -11.04
N GLN B 183 19.45 21.27 -11.77
CA GLN B 183 18.09 21.49 -11.29
C GLN B 183 17.28 20.21 -11.26
N GLN B 184 17.55 19.28 -12.18
CA GLN B 184 16.86 17.99 -12.14
C GLN B 184 17.21 17.23 -10.86
N ILE B 185 18.49 17.21 -10.49
CA ILE B 185 18.90 16.57 -9.24
C ILE B 185 18.28 17.27 -8.05
N THR B 186 18.26 18.60 -8.07
CA THR B 186 17.68 19.36 -6.97
C THR B 186 16.19 19.03 -6.81
N LYS B 187 15.45 18.99 -7.92
CA LYS B 187 14.02 18.72 -7.84
C LYS B 187 13.75 17.28 -7.42
N GLY B 188 14.52 16.32 -7.93
CA GLY B 188 14.35 14.94 -7.50
C GLY B 188 14.64 14.75 -6.03
N ALA B 189 15.71 15.39 -5.54
CA ALA B 189 16.04 15.32 -4.13
C ALA B 189 14.96 15.99 -3.29
N SER B 190 14.37 17.08 -3.79
CA SER B 190 13.28 17.74 -3.08
C SER B 190 12.04 16.85 -3.00
N ILE B 191 11.71 16.17 -4.11
CA ILE B 191 10.57 15.25 -4.10
C ILE B 191 10.79 14.14 -3.08
N LEU B 192 11.98 13.52 -3.13
CA LEU B 192 12.29 12.45 -2.21
C LEU B 192 12.27 12.94 -0.76
N GLY B 193 12.79 14.14 -0.52
CA GLY B 193 12.80 14.69 0.82
C GLY B 193 11.41 14.98 1.35
N MET B 194 10.54 15.53 0.51
CA MET B 194 9.17 15.79 0.94
C MET B 194 8.43 14.49 1.25
N PHE B 195 8.59 13.48 0.39
CA PHE B 195 7.98 12.18 0.65
C PHE B 195 8.48 11.59 1.97
N ILE B 196 9.79 11.59 2.17
CA ILE B 196 10.37 11.00 3.37
C ILE B 196 9.98 11.79 4.61
N LEU B 197 9.87 13.11 4.49
CA LEU B 197 9.49 13.93 5.62
C LEU B 197 8.04 13.70 6.02
N GLY B 198 7.16 13.50 5.04
CA GLY B 198 5.80 13.09 5.36
C GLY B 198 5.77 11.76 6.09
N VAL B 199 6.55 10.79 5.60
CA VAL B 199 6.61 9.50 6.27
C VAL B 199 7.11 9.64 7.69
N LEU B 200 8.17 10.44 7.89
CA LEU B 200 8.77 10.61 9.20
C LEU B 200 7.81 11.31 10.16
N ILE B 201 7.09 12.33 9.68
CA ILE B 201 6.12 13.01 10.52
C ILE B 201 5.02 12.04 10.96
N GLN B 202 4.54 11.23 10.03
CA GLN B 202 3.49 10.27 10.39
C GLN B 202 4.00 9.24 11.39
N ARG B 203 5.23 8.75 11.22
CA ARG B 203 5.69 7.59 11.98
C ARG B 203 6.38 7.94 13.30
N TRP B 204 6.96 9.13 13.42
CA TRP B 204 7.85 9.42 14.53
C TRP B 204 7.40 10.60 15.38
N VAL B 205 6.18 11.10 15.18
CA VAL B 205 5.60 12.11 16.05
C VAL B 205 4.46 11.42 16.80
N ASN B 206 4.73 10.94 18.00
CA ASN B 206 3.75 10.22 18.80
C ASN B 206 3.25 11.12 19.92
N ILE B 207 1.95 11.40 19.91
CA ILE B 207 1.32 12.30 20.86
C ILE B 207 0.16 11.58 21.52
N SER B 208 0.31 10.27 21.74
CA SER B 208 -0.75 9.40 22.24
C SER B 208 -1.55 10.06 23.36
N PHE B 209 -2.87 10.16 23.16
CA PHE B 209 -3.77 10.87 24.05
C PHE B 209 -4.54 9.93 24.97
N THR B 210 -3.95 8.80 25.36
CA THR B 210 -4.66 7.86 26.20
C THR B 210 -4.99 8.46 27.56
N GLY B 211 -3.98 8.69 28.40
CA GLY B 211 -4.18 9.30 29.69
C GLY B 211 -5.17 8.56 30.58
N PRO B 212 -5.34 9.04 31.81
CA PRO B 212 -6.54 8.69 32.57
C PRO B 212 -7.78 9.58 32.37
N ASN B 213 -7.61 10.83 31.93
CA ASN B 213 -8.70 11.56 31.29
C ASN B 213 -8.69 11.22 29.80
N ALA B 214 -9.44 11.98 29.01
CA ALA B 214 -9.56 11.79 27.57
C ALA B 214 -10.09 10.40 27.21
N MET B 215 -10.74 9.74 28.16
CA MET B 215 -11.38 8.45 27.93
C MET B 215 -12.86 8.68 27.70
N LEU B 216 -13.33 8.39 26.49
CA LEU B 216 -14.75 8.50 26.21
C LEU B 216 -15.52 7.45 26.99
N PRO B 217 -16.81 7.69 27.27
CA PRO B 217 -17.58 6.73 28.08
C PRO B 217 -17.60 5.35 27.42
N SER B 218 -17.49 4.32 28.26
CA SER B 218 -17.41 2.95 27.80
C SER B 218 -18.80 2.38 27.57
N LYS B 219 -18.99 1.77 26.40
CA LYS B 219 -20.28 1.18 26.04
C LYS B 219 -20.34 -0.27 26.51
N PRO B 220 -21.40 -0.67 27.23
CA PRO B 220 -21.55 -2.05 27.66
C PRO B 220 -21.39 -3.11 26.56
N LEU B 221 -21.31 -2.68 25.30
CA LEU B 221 -21.17 -3.56 24.15
C LEU B 221 -22.40 -4.43 23.95
N ALA B 222 -22.24 -5.74 24.07
CA ALA B 222 -23.32 -6.67 23.78
C ALA B 222 -23.16 -7.89 24.67
N ASP B 223 -23.81 -8.99 24.29
CA ASP B 223 -23.84 -10.21 25.09
C ASP B 223 -23.20 -11.36 24.32
N GLY B 224 -22.04 -11.12 23.73
CA GLY B 224 -21.42 -12.09 22.85
C GLY B 224 -20.59 -11.46 21.76
N ALA B 225 -20.62 -10.13 21.68
CA ALA B 225 -19.78 -9.41 20.73
C ALA B 225 -18.31 -9.40 21.14
N TYR B 226 -17.97 -9.86 22.34
CA TYR B 226 -16.61 -9.91 22.83
C TYR B 226 -16.27 -11.35 23.24
N VAL B 227 -15.01 -11.54 23.67
CA VAL B 227 -14.55 -12.87 24.04
C VAL B 227 -15.15 -13.26 25.38
N GLY B 228 -15.78 -14.41 25.42
CA GLY B 228 -16.37 -14.91 26.65
C GLY B 228 -17.10 -16.19 26.39
N GLU B 229 -17.53 -16.83 27.48
CA GLU B 229 -18.27 -18.08 27.44
C GLU B 229 -19.68 -17.86 27.97
N TRP B 230 -20.48 -18.92 27.94
CA TRP B 230 -21.87 -18.89 28.41
C TRP B 230 -21.93 -19.73 29.67
N ILE B 231 -21.82 -19.07 30.82
CA ILE B 231 -21.81 -19.75 32.11
C ILE B 231 -23.25 -19.94 32.55
N ASP B 232 -23.54 -21.05 33.23
CA ASP B 232 -24.90 -21.31 33.73
C ASP B 232 -24.83 -21.79 35.18
N LYS B 233 -25.37 -20.96 36.08
CA LYS B 233 -25.61 -21.29 37.48
C LYS B 233 -24.43 -22.01 38.13
N ALA B 234 -24.42 -23.33 38.04
CA ALA B 234 -23.37 -24.15 38.65
C ALA B 234 -22.32 -24.56 37.60
N GLY B 235 -21.62 -23.55 37.10
CA GLY B 235 -20.52 -23.81 36.19
C GLY B 235 -20.95 -24.32 34.84
N LYS B 236 -20.01 -25.00 34.15
CA LYS B 236 -20.20 -25.60 32.83
C LYS B 236 -20.39 -24.54 31.76
N VAL B 237 -19.95 -24.82 30.53
CA VAL B 237 -19.99 -23.88 29.43
C VAL B 237 -20.93 -24.43 28.37
N VAL B 238 -21.88 -23.60 27.94
CA VAL B 238 -22.88 -24.01 26.96
C VAL B 238 -22.77 -23.09 25.73
N VAL B 239 -23.50 -23.46 24.69
CA VAL B 239 -23.54 -22.74 23.43
C VAL B 239 -24.99 -22.46 23.08
N GLN B 240 -25.24 -21.30 22.48
CA GLN B 240 -26.58 -20.94 22.03
C GLN B 240 -27.00 -21.86 20.89
N GLY B 241 -28.19 -22.43 21.00
CA GLY B 241 -28.75 -23.25 19.96
C GLY B 241 -29.70 -22.48 19.06
N ALA B 242 -30.42 -23.22 18.23
CA ALA B 242 -31.40 -22.61 17.34
C ALA B 242 -32.54 -22.02 18.15
N GLN B 243 -33.01 -20.85 17.74
CA GLN B 243 -34.09 -20.17 18.43
C GLN B 243 -35.38 -20.95 18.29
N THR B 244 -36.09 -21.14 19.41
CA THR B 244 -37.36 -21.85 19.42
C THR B 244 -38.56 -20.93 19.22
N GLY B 245 -38.32 -19.63 19.03
CA GLY B 245 -39.41 -18.68 18.86
C GLY B 245 -39.41 -17.61 19.92
N THR B 246 -39.26 -16.35 19.51
CA THR B 246 -39.26 -15.25 20.45
C THR B 246 -40.61 -15.15 21.16
N THR B 247 -40.57 -15.00 22.48
CA THR B 247 -41.79 -14.88 23.26
C THR B 247 -42.44 -13.52 23.03
N GLY B 248 -43.74 -13.44 23.34
CA GLY B 248 -44.48 -12.20 23.17
C GLY B 248 -44.01 -11.08 24.06
N ASP B 249 -43.35 -11.41 25.18
CA ASP B 249 -42.83 -10.36 26.06
C ASP B 249 -41.74 -9.56 25.36
N GLY B 250 -40.89 -10.22 24.58
CA GLY B 250 -39.83 -9.53 23.87
C GLY B 250 -38.45 -10.13 24.11
N VAL B 251 -38.42 -11.37 24.63
CA VAL B 251 -37.18 -12.09 24.88
C VAL B 251 -37.22 -13.40 24.11
N ALA B 252 -36.18 -13.67 23.33
CA ALA B 252 -36.12 -14.88 22.53
C ALA B 252 -35.62 -16.05 23.36
N LYS B 253 -36.19 -17.22 23.10
CA LYS B 253 -35.79 -18.45 23.78
C LYS B 253 -34.78 -19.21 22.91
N PHE B 254 -33.71 -19.68 23.55
CA PHE B 254 -32.62 -20.33 22.85
C PHE B 254 -32.37 -21.72 23.42
N ASP B 255 -31.79 -22.58 22.59
CA ASP B 255 -31.36 -23.89 23.03
C ASP B 255 -29.96 -23.79 23.65
N TRP B 256 -29.77 -24.46 24.78
CA TRP B 256 -28.50 -24.44 25.50
C TRP B 256 -27.82 -25.78 25.31
N LEU B 257 -26.90 -25.84 24.35
CA LEU B 257 -26.20 -27.08 24.03
C LEU B 257 -24.89 -27.14 24.82
N ASP B 258 -24.75 -28.17 25.65
CA ASP B 258 -23.48 -28.38 26.33
C ASP B 258 -22.40 -28.71 25.31
N GLN B 259 -21.14 -28.53 25.70
CA GLN B 259 -20.03 -28.67 24.76
C GLN B 259 -19.72 -30.15 24.53
N ALA B 260 -20.77 -30.89 24.19
CA ALA B 260 -20.68 -32.28 23.75
C ALA B 260 -21.60 -32.60 22.58
N GLY B 261 -22.51 -31.69 22.20
CA GLY B 261 -23.50 -31.95 21.18
C GLY B 261 -24.91 -32.17 21.72
N ASN B 262 -25.05 -32.40 23.02
CA ASN B 262 -26.37 -32.62 23.61
C ASN B 262 -27.06 -31.30 23.89
N GLY B 263 -28.26 -31.37 24.47
CA GLY B 263 -29.07 -30.20 24.79
C GLY B 263 -29.53 -30.32 26.24
N VAL B 264 -29.58 -29.19 26.94
CA VAL B 264 -29.98 -29.16 28.35
C VAL B 264 -30.48 -27.77 28.67
N GLY B 265 -31.29 -27.66 29.72
CA GLY B 265 -31.75 -26.37 30.21
C GLY B 265 -32.96 -25.81 29.49
N ASN B 266 -32.76 -25.30 28.27
CA ASN B 266 -33.83 -24.72 27.46
C ASN B 266 -34.51 -23.56 28.19
N GLY B 267 -33.73 -22.52 28.46
CA GLY B 267 -34.25 -21.32 29.08
C GLY B 267 -34.13 -20.09 28.21
N VAL B 268 -34.02 -18.92 28.83
CA VAL B 268 -33.84 -17.66 28.10
C VAL B 268 -32.41 -17.20 28.28
N ALA B 269 -31.98 -16.31 27.39
CA ALA B 269 -30.58 -15.88 27.33
C ALA B 269 -30.42 -14.60 28.13
N GLY B 270 -29.80 -14.72 29.31
CA GLY B 270 -29.41 -13.56 30.09
C GLY B 270 -29.80 -13.60 31.54
N GLN B 271 -28.80 -13.49 32.42
CA GLN B 271 -28.94 -13.39 33.87
C GLN B 271 -30.03 -14.30 34.43
N GLY B 272 -31.29 -13.86 34.36
CA GLY B 272 -32.37 -14.61 34.98
C GLY B 272 -32.64 -15.95 34.32
N GLY B 273 -32.18 -16.12 33.08
CA GLY B 273 -32.39 -17.37 32.37
C GLY B 273 -31.42 -18.44 32.82
N PHE B 274 -31.23 -19.43 31.94
CA PHE B 274 -30.34 -20.54 32.26
C PHE B 274 -28.89 -20.11 32.29
N ALA B 275 -28.45 -19.36 31.28
CA ALA B 275 -27.04 -19.03 31.13
C ALA B 275 -26.89 -17.55 30.79
N HIS B 276 -25.73 -17.00 31.15
CA HIS B 276 -25.38 -15.62 30.81
C HIS B 276 -23.94 -15.58 30.33
N TYR B 277 -23.64 -14.56 29.53
CA TYR B 277 -22.30 -14.38 28.99
C TYR B 277 -21.36 -13.86 30.07
N VAL B 278 -20.18 -14.46 30.16
CA VAL B 278 -19.18 -14.10 31.16
C VAL B 278 -17.82 -14.09 30.49
N THR B 279 -17.03 -13.04 30.74
CA THR B 279 -15.72 -12.91 30.13
C THR B 279 -14.71 -13.81 30.83
N VAL B 280 -13.49 -13.85 30.30
CA VAL B 280 -12.49 -14.79 30.77
C VAL B 280 -12.08 -14.55 32.22
N ASP B 281 -12.33 -13.35 32.75
CA ASP B 281 -11.90 -13.03 34.10
C ASP B 281 -12.55 -13.93 35.13
N GLN B 282 -13.86 -14.14 35.02
CA GLN B 282 -14.58 -14.95 35.99
C GLN B 282 -14.49 -16.44 35.71
N LEU B 283 -13.91 -16.84 34.58
CA LEU B 283 -13.76 -18.25 34.28
C LEU B 283 -12.72 -18.88 35.18
N ASN B 284 -13.01 -20.11 35.64
CA ASN B 284 -12.06 -20.91 36.38
C ASN B 284 -12.03 -22.30 35.77
N THR B 285 -10.85 -22.94 35.81
CA THR B 285 -10.61 -24.22 35.17
C THR B 285 -10.97 -24.14 33.69
N VAL B 286 -10.19 -23.33 32.97
CA VAL B 286 -10.40 -23.07 31.55
C VAL B 286 -9.95 -24.27 30.72
N ASP B 287 -9.47 -25.31 31.40
CA ASP B 287 -8.95 -26.48 30.71
C ASP B 287 -10.03 -27.16 29.88
N GLY B 288 -9.63 -27.65 28.70
CA GLY B 288 -10.52 -28.40 27.82
C GLY B 288 -10.72 -27.69 26.50
N SER B 289 -11.91 -27.86 25.93
CA SER B 289 -12.28 -27.21 24.68
C SER B 289 -12.66 -25.75 24.85
N THR B 290 -12.82 -25.28 26.09
CA THR B 290 -13.09 -23.87 26.32
C THR B 290 -11.92 -23.02 25.85
N LEU B 291 -10.68 -23.50 26.04
CA LEU B 291 -9.53 -22.80 25.51
C LEU B 291 -9.57 -22.75 23.99
N HIS B 292 -10.00 -23.84 23.35
CA HIS B 292 -10.11 -23.83 21.90
C HIS B 292 -11.14 -22.82 21.43
N ASN B 293 -12.29 -22.75 22.11
CA ASN B 293 -13.31 -21.77 21.76
C ASN B 293 -12.79 -20.35 21.96
N ILE B 294 -12.08 -20.10 23.06
CA ILE B 294 -11.53 -18.77 23.33
C ILE B 294 -10.51 -18.39 22.26
N LEU B 295 -9.66 -19.33 21.88
CA LEU B 295 -8.66 -19.06 20.85
C LEU B 295 -9.33 -18.78 19.51
N GLY B 296 -10.39 -19.52 19.18
CA GLY B 296 -11.14 -19.21 17.97
C GLY B 296 -11.75 -17.83 18.01
N GLN B 297 -12.31 -17.44 19.16
CA GLN B 297 -12.90 -16.12 19.29
C GLN B 297 -11.86 -15.02 19.12
N VAL B 298 -10.69 -15.17 19.76
CA VAL B 298 -9.66 -14.15 19.64
C VAL B 298 -9.07 -14.13 18.24
N SER B 299 -9.06 -15.28 17.56
CA SER B 299 -8.65 -15.29 16.15
C SER B 299 -9.66 -14.58 15.26
N SER B 300 -10.94 -14.63 15.64
CA SER B 300 -11.96 -13.90 14.89
C SER B 300 -11.70 -12.40 14.93
N GLY B 301 -11.30 -11.88 16.09
CA GLY B 301 -10.99 -10.48 16.22
C GLY B 301 -11.69 -9.82 17.39
N LEU B 302 -12.35 -10.62 18.23
CA LEU B 302 -13.10 -10.09 19.35
C LEU B 302 -12.17 -9.67 20.47
N GLY B 303 -12.49 -8.53 21.11
CA GLY B 303 -11.73 -8.06 22.24
C GLY B 303 -12.06 -8.83 23.51
N LEU B 304 -11.20 -8.64 24.52
CA LEU B 304 -11.33 -9.34 25.79
C LEU B 304 -12.05 -8.51 26.85
N SER B 305 -12.46 -7.29 26.53
CA SER B 305 -13.08 -6.43 27.55
C SER B 305 -14.58 -6.41 27.36
N PRO B 306 -15.36 -6.61 28.43
CA PRO B 306 -16.83 -6.53 28.30
C PRO B 306 -17.33 -5.18 27.84
N GLU B 307 -16.65 -4.10 28.21
CA GLU B 307 -17.03 -2.75 27.81
C GLU B 307 -16.01 -2.22 26.81
N GLN B 308 -16.49 -1.72 25.68
CA GLN B 308 -15.62 -1.20 24.64
C GLN B 308 -15.13 0.18 25.07
N THR B 309 -13.89 0.24 25.56
CA THR B 309 -13.32 1.50 26.00
C THR B 309 -12.69 2.24 24.83
N GLN B 310 -13.07 3.48 24.65
CA GLN B 310 -12.59 4.31 23.56
C GLN B 310 -11.90 5.55 24.13
N SER B 311 -10.72 5.87 23.60
CA SER B 311 -9.97 7.04 23.99
C SER B 311 -10.02 8.09 22.89
N LEU B 312 -9.49 9.28 23.19
CA LEU B 312 -9.36 10.31 22.18
C LEU B 312 -8.41 9.89 21.07
N GLN B 313 -7.36 9.15 21.42
CA GLN B 313 -6.45 8.63 20.41
C GLN B 313 -7.16 7.69 19.45
N ASP B 314 -8.09 6.88 19.96
CA ASP B 314 -8.85 5.98 19.11
C ASP B 314 -9.70 6.76 18.10
N VAL B 315 -10.35 7.84 18.55
CA VAL B 315 -11.15 8.67 17.65
C VAL B 315 -10.24 9.31 16.59
N PHE B 316 -9.10 9.85 17.01
CA PHE B 316 -8.20 10.49 16.06
C PHE B 316 -7.68 9.48 15.04
N ASN B 317 -7.35 8.26 15.48
CA ASN B 317 -6.90 7.23 14.56
C ASN B 317 -8.00 6.81 13.61
N SER B 318 -9.24 6.72 14.10
CA SER B 318 -10.36 6.39 13.23
C SER B 318 -10.54 7.45 12.16
N LEU B 319 -10.34 8.72 12.51
CA LEU B 319 -10.32 9.78 11.50
C LEU B 319 -9.17 9.53 10.52
N ILE B 320 -7.94 9.63 11.01
CA ILE B 320 -6.75 9.30 10.24
C ILE B 320 -5.56 9.26 11.20
N PRO B 321 -4.71 8.24 11.15
CA PRO B 321 -3.49 8.25 11.98
C PRO B 321 -2.59 9.41 11.61
N GLY B 322 -2.01 10.04 12.62
CA GLY B 322 -1.19 11.23 12.41
C GLY B 322 -1.96 12.52 12.31
N PHE B 323 -3.19 12.57 12.83
CA PHE B 323 -3.99 13.80 12.76
C PHE B 323 -3.34 14.90 13.58
N ILE B 324 -3.04 14.63 14.85
CA ILE B 324 -2.45 15.64 15.71
C ILE B 324 -1.04 15.99 15.24
N ALA B 325 -0.31 14.99 14.72
CA ALA B 325 1.01 15.26 14.19
C ALA B 325 0.95 16.22 13.00
N LEU B 326 -0.01 16.02 12.10
CA LEU B 326 -0.16 16.93 10.97
C LEU B 326 -0.56 18.33 11.43
N LEU B 327 -1.48 18.41 12.39
CA LEU B 327 -1.88 19.72 12.89
C LEU B 327 -0.71 20.45 13.54
N LEU B 328 0.09 19.73 14.34
CA LEU B 328 1.26 20.33 14.97
C LEU B 328 2.28 20.76 13.92
N THR B 329 2.48 19.94 12.89
CA THR B 329 3.42 20.29 11.83
C THR B 329 3.03 21.58 11.16
N PHE B 330 1.75 21.73 10.81
CA PHE B 330 1.32 22.93 10.12
C PHE B 330 1.30 24.16 11.04
N LEU B 331 0.97 23.97 12.32
CA LEU B 331 1.04 25.07 13.27
C LEU B 331 2.47 25.58 13.42
N VAL B 332 3.42 24.65 13.57
CA VAL B 332 4.82 25.04 13.70
C VAL B 332 5.31 25.68 12.41
N LEU B 333 4.86 25.18 11.25
CA LEU B 333 5.26 25.78 10.00
C LEU B 333 4.77 27.22 9.89
N TRP B 334 3.52 27.46 10.27
CA TRP B 334 3.00 28.83 10.26
C TRP B 334 3.75 29.74 11.22
N ILE B 335 4.05 29.22 12.42
CA ILE B 335 4.78 30.03 13.40
C ILE B 335 6.17 30.37 12.87
N LEU B 336 6.85 29.41 12.26
CA LEU B 336 8.18 29.67 11.73
C LEU B 336 8.14 30.64 10.56
N ARG B 337 7.13 30.54 9.70
CA ARG B 337 7.02 31.45 8.57
C ARG B 337 6.62 32.86 8.98
N LYS B 338 5.96 33.03 10.12
CA LYS B 338 5.52 34.36 10.53
C LYS B 338 6.44 35.04 11.52
N TRP B 339 7.16 34.28 12.36
CA TRP B 339 7.97 34.90 13.40
C TRP B 339 9.19 35.60 12.83
N LYS B 340 9.93 34.92 11.95
CA LYS B 340 11.13 35.48 11.31
C LYS B 340 12.14 35.97 12.35
N ASN B 341 12.34 35.18 13.40
CA ASN B 341 13.31 35.47 14.42
C ASN B 341 14.55 34.58 14.23
N LYS B 342 15.48 34.64 15.17
CA LYS B 342 16.69 33.82 15.13
C LYS B 342 16.68 32.70 16.15
N ASN B 343 16.14 32.95 17.35
CA ASN B 343 16.03 31.94 18.40
C ASN B 343 14.63 31.33 18.46
N ALA B 344 13.81 31.55 17.43
CA ALA B 344 12.46 31.00 17.42
C ALA B 344 12.40 29.49 17.59
N PRO B 345 13.24 28.68 16.92
CA PRO B 345 13.12 27.22 17.11
C PRO B 345 13.29 26.76 18.55
N LEU B 346 14.23 27.35 19.29
CA LEU B 346 14.40 26.97 20.68
C LEU B 346 13.18 27.37 21.51
N PHE B 347 12.61 28.53 21.22
CA PHE B 347 11.41 28.96 21.92
C PHE B 347 10.24 28.01 21.64
N ILE B 348 10.10 27.56 20.40
CA ILE B 348 9.03 26.62 20.08
C ILE B 348 9.27 25.28 20.76
N ILE B 349 10.53 24.85 20.85
CA ILE B 349 10.84 23.60 21.53
C ILE B 349 10.47 23.69 23.00
N ILE B 350 10.84 24.81 23.65
CA ILE B 350 10.45 25.02 25.04
C ILE B 350 8.93 25.07 25.17
N GLY B 351 8.26 25.67 24.18
CA GLY B 351 6.81 25.74 24.21
C GLY B 351 6.17 24.38 24.15
N MET B 352 6.68 23.48 23.30
CA MET B 352 6.11 22.14 23.24
C MET B 352 6.47 21.32 24.47
N PHE B 353 7.63 21.57 25.09
CA PHE B 353 7.91 20.90 26.37
C PHE B 353 6.91 21.33 27.44
N VAL B 354 6.63 22.64 27.50
CA VAL B 354 5.62 23.13 28.44
C VAL B 354 4.25 22.57 28.10
N LEU B 355 3.94 22.46 26.80
CA LEU B 355 2.67 21.90 26.36
C LEU B 355 2.54 20.44 26.79
N GLY B 356 3.62 19.67 26.65
CA GLY B 356 3.59 18.29 27.12
C GLY B 356 3.40 18.20 28.62
N ILE B 357 4.04 19.09 29.37
CA ILE B 357 3.84 19.13 30.82
C ILE B 357 2.38 19.42 31.14
N VAL B 358 1.79 20.40 30.45
CA VAL B 358 0.39 20.76 30.68
C VAL B 358 -0.53 19.60 30.34
N LEU B 359 -0.28 18.94 29.22
CA LEU B 359 -1.12 17.81 28.82
C LEU B 359 -1.02 16.67 29.83
N HIS B 360 0.19 16.38 30.32
CA HIS B 360 0.35 15.32 31.29
C HIS B 360 -0.33 15.65 32.61
N VAL B 361 -0.20 16.90 33.07
CA VAL B 361 -0.82 17.27 34.34
C VAL B 361 -2.33 17.35 34.21
N ALA B 362 -2.84 17.58 33.00
CA ALA B 362 -4.27 17.63 32.76
C ALA B 362 -4.88 16.26 32.50
N GLY B 363 -4.06 15.22 32.37
CA GLY B 363 -4.56 13.88 32.13
C GLY B 363 -4.89 13.56 30.70
N LEU B 364 -4.57 14.43 29.75
CA LEU B 364 -4.89 14.17 28.35
C LEU B 364 -3.86 13.26 27.70
N ALA B 365 -2.61 13.69 27.67
CA ALA B 365 -1.55 12.90 27.04
C ALA B 365 -0.56 12.38 28.08
N MET C 1 0.99 -50.37 -9.94
CA MET C 1 0.15 -49.31 -10.49
C MET C 1 -0.97 -49.88 -11.36
N SER C 2 -2.13 -49.25 -11.30
CA SER C 2 -3.27 -49.69 -12.10
C SER C 2 -2.99 -49.51 -13.58
N ILE C 3 -3.55 -50.42 -14.39
CA ILE C 3 -3.34 -50.37 -15.83
C ILE C 3 -3.96 -49.11 -16.41
N ILE C 4 -5.18 -48.79 -16.00
CA ILE C 4 -5.88 -47.61 -16.52
C ILE C 4 -5.05 -46.35 -16.24
N SER C 5 -4.39 -46.31 -15.08
CA SER C 5 -3.45 -45.24 -14.82
C SER C 5 -2.29 -45.25 -15.81
N ILE C 6 -1.87 -46.43 -16.26
CA ILE C 6 -0.77 -46.51 -17.21
C ILE C 6 -1.17 -45.91 -18.55
N ILE C 7 -2.35 -46.27 -19.08
CA ILE C 7 -2.74 -45.66 -20.34
C ILE C 7 -3.02 -44.18 -20.16
N LEU C 8 -3.58 -43.78 -19.02
CA LEU C 8 -3.82 -42.36 -18.78
C LEU C 8 -2.51 -41.57 -18.80
N VAL C 9 -1.48 -42.10 -18.14
CA VAL C 9 -0.18 -41.45 -18.14
C VAL C 9 0.42 -41.42 -19.54
N LEU C 10 0.23 -42.50 -20.30
CA LEU C 10 0.77 -42.52 -21.66
C LEU C 10 0.11 -41.45 -22.53
N ILE C 11 -1.22 -41.32 -22.46
CA ILE C 11 -1.89 -40.29 -23.26
C ILE C 11 -1.50 -38.89 -22.79
N PHE C 12 -1.37 -38.70 -21.48
CA PHE C 12 -0.97 -37.39 -20.98
C PHE C 12 0.43 -37.03 -21.43
N ALA C 13 1.36 -38.00 -21.41
CA ALA C 13 2.70 -37.76 -21.89
C ALA C 13 2.71 -37.48 -23.39
N PHE C 14 1.88 -38.20 -24.15
CA PHE C 14 1.78 -37.93 -25.59
C PHE C 14 1.27 -36.53 -25.85
N LEU C 15 0.26 -36.10 -25.10
CA LEU C 15 -0.28 -34.75 -25.25
C LEU C 15 0.78 -33.71 -24.90
N ALA C 16 1.54 -33.93 -23.83
CA ALA C 16 2.60 -33.01 -23.46
C ALA C 16 3.67 -32.95 -24.55
N GLY C 17 4.02 -34.11 -25.13
CA GLY C 17 5.00 -34.11 -26.20
C GLY C 17 4.52 -33.39 -27.44
N LEU C 18 3.25 -33.57 -27.80
CA LEU C 18 2.68 -32.84 -28.92
C LEU C 18 2.68 -31.34 -28.65
N GLU C 19 2.31 -30.93 -27.44
CA GLU C 19 2.22 -29.51 -27.12
C GLU C 19 3.60 -28.88 -26.96
N GLY C 20 4.63 -29.68 -26.71
CA GLY C 20 5.97 -29.14 -26.65
C GLY C 20 6.41 -28.48 -27.95
N ILE C 21 5.85 -28.91 -29.07
CA ILE C 21 6.13 -28.28 -30.36
C ILE C 21 4.94 -27.42 -30.76
N LEU C 22 3.73 -27.84 -30.39
CA LEU C 22 2.55 -27.07 -30.76
C LEU C 22 2.45 -25.78 -29.98
N ASP C 23 2.68 -25.83 -28.66
CA ASP C 23 2.69 -24.66 -27.80
C ASP C 23 1.37 -23.89 -27.87
N GLN C 24 0.25 -24.62 -27.93
CA GLN C 24 -1.06 -24.01 -28.06
C GLN C 24 -1.94 -24.23 -26.84
N TRP C 25 -2.21 -25.48 -26.48
CA TRP C 25 -3.05 -25.78 -25.33
C TRP C 25 -2.26 -25.87 -24.03
N GLN C 26 -0.93 -25.75 -24.11
CA GLN C 26 -0.05 -25.74 -22.93
C GLN C 26 -0.23 -27.00 -22.08
N PHE C 27 -0.38 -28.14 -22.74
CA PHE C 27 -0.35 -29.40 -22.02
C PHE C 27 1.05 -29.76 -21.55
N HIS C 28 2.07 -29.10 -22.08
CA HIS C 28 3.46 -29.36 -21.74
C HIS C 28 3.94 -28.56 -20.52
N GLN C 29 3.18 -27.57 -20.07
CA GLN C 29 3.59 -26.80 -18.91
C GLN C 29 3.50 -27.64 -17.65
N PRO C 30 4.41 -27.45 -16.68
CA PRO C 30 4.36 -28.26 -15.46
C PRO C 30 3.06 -28.13 -14.70
N ILE C 31 2.45 -26.95 -14.67
CA ILE C 31 1.22 -26.76 -13.93
C ILE C 31 0.10 -27.62 -14.50
N ILE C 32 0.16 -27.92 -15.79
CA ILE C 32 -0.84 -28.79 -16.43
C ILE C 32 -0.38 -30.23 -16.44
N ALA C 33 0.85 -30.49 -16.90
CA ALA C 33 1.31 -31.85 -17.09
C ALA C 33 1.45 -32.59 -15.76
N CYS C 34 2.10 -31.96 -14.77
CA CYS C 34 2.29 -32.60 -13.48
C CYS C 34 0.95 -32.84 -12.78
N SER C 35 0.03 -31.87 -12.88
CA SER C 35 -1.28 -32.04 -12.28
C SER C 35 -2.05 -33.17 -12.95
N LEU C 36 -1.96 -33.28 -14.28
CA LEU C 36 -2.63 -34.36 -14.98
C LEU C 36 -2.05 -35.72 -14.60
N ILE C 37 -0.73 -35.81 -14.50
CA ILE C 37 -0.10 -37.07 -14.14
C ILE C 37 -0.45 -37.46 -12.71
N GLY C 38 -0.55 -36.47 -11.81
CA GLY C 38 -1.04 -36.75 -10.47
C GLY C 38 -2.48 -37.19 -10.47
N ILE C 39 -3.30 -36.62 -11.35
CA ILE C 39 -4.70 -37.04 -11.47
C ILE C 39 -4.78 -38.49 -11.89
N ALA C 40 -3.97 -38.89 -12.87
CA ALA C 40 -4.03 -40.26 -13.39
C ALA C 40 -3.62 -41.26 -12.31
N THR C 41 -2.52 -41.01 -11.63
CA THR C 41 -1.99 -41.94 -10.63
C THR C 41 -2.42 -41.52 -9.22
N GLY C 42 -3.72 -41.43 -9.01
CA GLY C 42 -4.23 -41.18 -7.67
C GLY C 42 -3.94 -39.79 -7.14
N HIS C 43 -2.99 -39.70 -6.22
CA HIS C 43 -2.66 -38.47 -5.51
C HIS C 43 -2.52 -37.28 -6.46
N MET C 44 -3.39 -36.29 -6.26
CA MET C 44 -3.44 -35.09 -7.09
C MET C 44 -2.76 -33.89 -6.46
N ALA C 45 -2.80 -33.77 -5.13
CA ALA C 45 -2.24 -32.59 -4.47
C ALA C 45 -0.74 -32.48 -4.71
N ALA C 46 -0.02 -33.60 -4.63
CA ALA C 46 1.42 -33.58 -4.87
C ALA C 46 1.74 -33.15 -6.29
N GLY C 47 0.96 -33.63 -7.27
CA GLY C 47 1.19 -33.24 -8.65
C GLY C 47 1.00 -31.75 -8.88
N ILE C 48 -0.05 -31.18 -8.31
CA ILE C 48 -0.30 -29.76 -8.47
C ILE C 48 0.77 -28.95 -7.73
N ILE C 49 1.22 -29.43 -6.57
CA ILE C 49 2.27 -28.73 -5.84
C ILE C 49 3.57 -28.71 -6.66
N LEU C 50 3.93 -29.86 -7.23
CA LEU C 50 5.12 -29.91 -8.08
C LEU C 50 4.96 -29.02 -9.30
N GLY C 51 3.78 -29.02 -9.91
CA GLY C 51 3.55 -28.18 -11.06
C GLY C 51 3.70 -26.71 -10.74
N GLY C 52 3.15 -26.28 -9.60
CA GLY C 52 3.32 -24.89 -9.20
C GLY C 52 4.75 -24.55 -8.89
N SER C 53 5.48 -25.46 -8.22
CA SER C 53 6.88 -25.21 -7.90
C SER C 53 7.73 -25.12 -9.17
N LEU C 54 7.44 -25.97 -10.15
CA LEU C 54 8.22 -26.03 -11.38
C LEU C 54 7.82 -24.97 -12.40
N GLN C 55 6.62 -24.41 -12.28
CA GLN C 55 6.19 -23.39 -13.23
C GLN C 55 6.98 -22.10 -13.07
N MET C 56 7.39 -21.77 -11.84
CA MET C 56 8.25 -20.60 -11.64
C MET C 56 9.56 -20.75 -12.38
N ILE C 57 10.15 -21.94 -12.36
CA ILE C 57 11.36 -22.19 -13.14
C ILE C 57 11.05 -22.18 -14.63
N ALA C 58 9.90 -22.73 -15.01
CA ALA C 58 9.50 -22.79 -16.41
C ALA C 58 9.10 -21.43 -16.97
N LEU C 59 8.94 -20.41 -16.14
CA LEU C 59 8.73 -19.06 -16.64
C LEU C 59 9.98 -18.59 -17.37
N GLY C 60 9.80 -17.97 -18.53
CA GLY C 60 10.91 -17.59 -19.35
C GLY C 60 11.55 -18.74 -20.12
N TRP C 61 10.80 -19.82 -20.32
CA TRP C 61 11.27 -20.98 -21.08
C TRP C 61 10.58 -21.07 -22.43
N ALA C 62 10.41 -19.93 -23.09
CA ALA C 62 9.88 -19.90 -24.44
C ALA C 62 11.01 -20.00 -25.45
N ASN C 63 10.69 -20.57 -26.61
CA ASN C 63 11.65 -20.72 -27.70
C ASN C 63 11.27 -19.75 -28.83
N VAL C 64 12.27 -19.00 -29.30
CA VAL C 64 12.07 -18.01 -30.36
C VAL C 64 13.12 -18.23 -31.43
N GLY C 65 12.68 -18.23 -32.69
CA GLY C 65 13.55 -18.25 -33.85
C GLY C 65 14.69 -19.24 -33.83
N ALA C 66 14.36 -20.53 -33.82
CA ALA C 66 15.34 -21.62 -33.86
C ALA C 66 16.23 -21.66 -32.63
N ALA C 67 15.83 -21.00 -31.55
CA ALA C 67 16.52 -21.07 -30.27
C ALA C 67 15.61 -21.84 -29.32
N VAL C 68 15.75 -23.16 -29.32
CA VAL C 68 14.84 -24.02 -28.56
C VAL C 68 15.08 -23.82 -27.06
N ALA C 69 13.99 -23.75 -26.32
CA ALA C 69 14.02 -23.53 -24.88
C ALA C 69 14.32 -24.82 -24.14
N PRO C 70 14.58 -24.75 -22.83
CA PRO C 70 14.89 -25.97 -22.06
C PRO C 70 13.80 -27.05 -22.04
N ASP C 71 12.69 -26.88 -22.76
CA ASP C 71 11.73 -27.95 -22.99
C ASP C 71 11.15 -28.46 -21.66
N ALA C 72 10.27 -27.62 -21.11
CA ALA C 72 9.59 -27.96 -19.86
C ALA C 72 8.76 -29.22 -19.95
N ALA C 73 8.43 -29.69 -21.16
CA ALA C 73 7.52 -30.81 -21.32
C ALA C 73 8.09 -32.09 -20.72
N LEU C 74 9.25 -32.54 -21.23
CA LEU C 74 9.85 -33.76 -20.73
C LEU C 74 10.23 -33.62 -19.26
N ALA C 75 10.72 -32.44 -18.87
CA ALA C 75 11.03 -32.20 -17.47
C ALA C 75 9.82 -32.47 -16.59
N SER C 76 8.68 -31.85 -16.93
CA SER C 76 7.48 -32.02 -16.11
C SER C 76 7.03 -33.47 -16.09
N VAL C 77 6.95 -34.10 -17.27
CA VAL C 77 6.40 -35.46 -17.34
C VAL C 77 7.28 -36.43 -16.57
N ALA C 78 8.59 -36.41 -16.84
CA ALA C 78 9.49 -37.35 -16.20
C ALA C 78 9.61 -37.11 -14.70
N SER C 79 9.66 -35.84 -14.28
CA SER C 79 9.72 -35.55 -12.85
C SER C 79 8.45 -36.02 -12.14
N ALA C 80 7.29 -35.81 -12.75
CA ALA C 80 6.05 -36.28 -12.15
C ALA C 80 6.03 -37.79 -12.03
N ILE C 81 6.46 -38.50 -13.08
CA ILE C 81 6.47 -39.95 -13.04
C ILE C 81 7.43 -40.46 -11.98
N LEU C 82 8.62 -39.85 -11.90
CA LEU C 82 9.61 -40.26 -10.91
C LEU C 82 9.10 -40.03 -9.49
N MET C 83 8.43 -38.90 -9.25
CA MET C 83 7.84 -38.67 -7.94
C MET C 83 6.77 -39.70 -7.63
N VAL C 84 5.94 -40.04 -8.63
CA VAL C 84 4.87 -41.00 -8.41
C VAL C 84 5.44 -42.37 -8.05
N GLN C 85 6.52 -42.77 -8.73
CA GLN C 85 7.11 -44.07 -8.44
C GLN C 85 7.65 -44.14 -7.00
N GLY C 86 8.28 -43.07 -6.53
CA GLY C 86 8.74 -43.01 -5.16
C GLY C 86 7.69 -42.49 -4.21
N GLY C 87 7.11 -43.38 -3.39
CA GLY C 87 5.96 -43.03 -2.59
C GLY C 87 6.25 -42.09 -1.44
N ASN C 88 6.76 -40.90 -1.76
CA ASN C 88 7.06 -39.89 -0.74
C ASN C 88 6.88 -38.52 -1.35
N PHE C 89 6.00 -37.71 -0.75
CA PHE C 89 5.58 -36.42 -1.28
C PHE C 89 5.61 -35.35 -0.20
N ASP C 90 6.74 -35.24 0.52
CA ASP C 90 6.82 -34.39 1.70
C ASP C 90 7.03 -32.92 1.38
N LEU C 91 7.17 -32.56 0.09
CA LEU C 91 7.33 -31.18 -0.37
C LEU C 91 8.71 -30.64 -0.03
N THR C 92 9.46 -31.39 0.78
CA THR C 92 10.89 -31.13 0.95
C THR C 92 11.70 -31.99 -0.01
N HIS C 93 11.26 -33.24 -0.19
CA HIS C 93 11.84 -34.10 -1.22
C HIS C 93 11.44 -33.63 -2.62
N ILE C 94 10.29 -32.96 -2.74
CA ILE C 94 9.86 -32.43 -4.03
C ILE C 94 10.82 -31.33 -4.49
N THR C 95 11.16 -30.40 -3.59
CA THR C 95 12.09 -29.34 -3.93
C THR C 95 13.53 -29.81 -3.98
N GLY C 96 13.90 -30.77 -3.11
CA GLY C 96 15.28 -31.18 -3.03
C GLY C 96 15.75 -31.96 -4.24
N VAL C 97 14.94 -32.93 -4.69
CA VAL C 97 15.37 -33.89 -5.69
C VAL C 97 14.59 -33.75 -6.99
N ILE C 98 13.26 -33.57 -6.90
CA ILE C 98 12.44 -33.60 -8.11
C ILE C 98 12.72 -32.39 -9.00
N VAL C 99 13.08 -31.25 -8.43
CA VAL C 99 13.32 -30.04 -9.22
C VAL C 99 14.69 -30.06 -9.90
N PRO C 100 15.79 -30.43 -9.22
CA PRO C 100 17.05 -30.61 -9.96
C PRO C 100 16.96 -31.69 -11.04
N ALA C 101 16.25 -32.78 -10.73
CA ALA C 101 16.01 -33.80 -11.75
C ALA C 101 15.20 -33.23 -12.90
N ALA C 102 14.25 -32.35 -12.60
CA ALA C 102 13.48 -31.70 -13.65
C ALA C 102 14.38 -30.84 -14.53
N ILE C 103 15.34 -30.13 -13.93
CA ILE C 103 16.26 -29.31 -14.72
C ILE C 103 17.11 -30.19 -15.64
N LEU C 104 17.64 -31.28 -15.09
CA LEU C 104 18.47 -32.18 -15.91
C LEU C 104 17.65 -32.79 -17.04
N LEU C 105 16.44 -33.25 -16.74
CA LEU C 105 15.58 -33.80 -17.78
C LEU C 105 15.13 -32.73 -18.76
N ALA C 106 15.09 -31.47 -18.33
CA ALA C 106 14.82 -30.39 -19.26
C ALA C 106 15.94 -30.24 -20.27
N THR C 107 17.19 -30.31 -19.81
CA THR C 107 18.32 -30.29 -20.74
C THR C 107 18.26 -31.49 -21.70
N ALA C 108 17.96 -32.67 -21.16
CA ALA C 108 17.86 -33.86 -22.00
C ALA C 108 16.75 -33.71 -23.04
N GLY C 109 15.59 -33.18 -22.63
CA GLY C 109 14.52 -32.95 -23.57
C GLY C 109 14.86 -31.90 -24.61
N LEU C 110 15.64 -30.90 -24.23
CA LEU C 110 16.08 -29.91 -25.21
C LEU C 110 16.94 -30.56 -26.28
N VAL C 111 17.87 -31.43 -25.88
CA VAL C 111 18.71 -32.08 -26.89
C VAL C 111 17.88 -33.04 -27.74
N LEU C 112 16.92 -33.74 -27.13
CA LEU C 112 16.07 -34.67 -27.87
C LEU C 112 15.21 -33.94 -28.89
N THR C 113 14.60 -32.83 -28.49
CA THR C 113 13.78 -32.07 -29.42
C THR C 113 14.64 -31.40 -30.48
N THR C 114 15.88 -31.03 -30.17
CA THR C 114 16.78 -30.55 -31.21
C THR C 114 16.99 -31.62 -32.26
N LEU C 115 17.24 -32.86 -31.82
CA LEU C 115 17.40 -33.96 -32.77
C LEU C 115 16.16 -34.17 -33.62
N VAL C 116 14.98 -34.13 -32.99
CA VAL C 116 13.74 -34.39 -33.71
C VAL C 116 13.45 -33.27 -34.72
N ARG C 117 13.63 -32.02 -34.32
CA ARG C 117 13.39 -30.90 -35.21
C ARG C 117 14.43 -30.81 -36.32
N PHE C 118 15.62 -31.40 -36.13
CA PHE C 118 16.51 -31.57 -37.26
C PHE C 118 16.04 -32.70 -38.18
N LEU C 119 15.56 -33.79 -37.60
CA LEU C 119 15.09 -34.93 -38.38
C LEU C 119 13.86 -34.60 -39.21
N SER C 120 13.08 -33.60 -38.80
CA SER C 120 11.86 -33.24 -39.53
C SER C 120 12.14 -32.69 -40.93
N VAL C 121 13.39 -32.35 -41.24
CA VAL C 121 13.72 -31.81 -42.56
C VAL C 121 13.43 -32.83 -43.64
N GLY C 122 13.79 -34.10 -43.41
CA GLY C 122 13.48 -35.14 -44.38
C GLY C 122 11.99 -35.34 -44.57
N ILE C 123 11.23 -35.28 -43.47
CA ILE C 123 9.77 -35.40 -43.57
C ILE C 123 9.20 -34.27 -44.42
N VAL C 124 9.69 -33.05 -44.20
CA VAL C 124 9.21 -31.91 -44.97
C VAL C 124 9.62 -32.02 -46.44
N HIS C 125 10.81 -32.56 -46.72
CA HIS C 125 11.20 -32.78 -48.11
C HIS C 125 10.30 -33.80 -48.78
N LEU C 126 9.95 -34.87 -48.06
CA LEU C 126 9.00 -35.85 -48.60
C LEU C 126 7.64 -35.22 -48.82
N ALA C 127 7.22 -34.33 -47.92
CA ALA C 127 5.96 -33.61 -48.11
C ALA C 127 6.01 -32.73 -49.36
N ASP C 128 7.14 -32.08 -49.61
CA ASP C 128 7.30 -31.29 -50.82
C ASP C 128 7.23 -32.18 -52.06
N ALA C 129 7.85 -33.36 -52.00
CA ALA C 129 7.76 -34.30 -53.11
C ALA C 129 6.32 -34.73 -53.36
N ALA C 130 5.56 -34.97 -52.29
CA ALA C 130 4.15 -35.30 -52.44
C ALA C 130 3.37 -34.13 -53.03
N ALA C 131 3.65 -32.92 -52.58
CA ALA C 131 2.97 -31.74 -53.10
C ALA C 131 3.29 -31.50 -54.57
N GLU C 132 4.45 -31.99 -55.03
CA GLU C 132 4.77 -31.93 -56.45
C GLU C 132 3.74 -32.65 -57.30
N LYS C 133 3.03 -33.63 -56.73
CA LYS C 133 1.96 -34.33 -57.41
C LYS C 133 0.60 -33.68 -57.23
N GLY C 134 0.53 -32.58 -56.48
CA GLY C 134 -0.75 -31.91 -56.25
C GLY C 134 -1.74 -32.70 -55.45
N SER C 135 -1.29 -33.33 -54.36
CA SER C 135 -2.17 -34.12 -53.49
C SER C 135 -2.17 -33.50 -52.10
N TYR C 136 -3.35 -33.10 -51.63
CA TYR C 136 -3.47 -32.60 -50.27
C TYR C 136 -3.26 -33.70 -49.24
N SER C 137 -3.68 -34.93 -49.57
CA SER C 137 -3.59 -36.03 -48.63
C SER C 137 -2.15 -36.32 -48.25
N GLY C 138 -1.24 -36.30 -49.23
CA GLY C 138 0.15 -36.61 -48.93
C GLY C 138 0.78 -35.61 -47.98
N VAL C 139 0.58 -34.32 -48.24
CA VAL C 139 1.18 -33.29 -47.39
C VAL C 139 0.54 -33.29 -46.02
N ALA C 140 -0.78 -33.50 -45.94
CA ALA C 140 -1.45 -33.57 -44.65
C ALA C 140 -0.94 -34.76 -43.85
N GLY C 141 -0.78 -35.91 -44.50
CA GLY C 141 -0.27 -37.09 -43.82
C GLY C 141 1.16 -36.92 -43.34
N TRP C 142 1.99 -36.27 -44.14
CA TRP C 142 3.38 -36.06 -43.72
C TRP C 142 3.47 -35.07 -42.57
N HIS C 143 2.64 -34.02 -42.59
CA HIS C 143 2.59 -33.10 -41.46
C HIS C 143 2.14 -33.82 -40.20
N MET C 144 1.09 -34.64 -40.30
CA MET C 144 0.62 -35.40 -39.16
C MET C 144 1.66 -36.40 -38.68
N PHE C 145 2.44 -36.98 -39.59
CA PHE C 145 3.48 -37.93 -39.21
C PHE C 145 4.60 -37.22 -38.45
N ALA C 146 5.01 -36.04 -38.90
CA ALA C 146 6.01 -35.28 -38.16
C ALA C 146 5.50 -34.92 -36.77
N LEU C 147 4.23 -34.50 -36.69
CA LEU C 147 3.63 -34.19 -35.39
C LEU C 147 3.61 -35.42 -34.49
N LEU C 148 3.26 -36.58 -35.04
CA LEU C 148 3.24 -37.82 -34.27
C LEU C 148 4.63 -38.19 -33.78
N LEU C 149 5.65 -38.00 -34.63
CA LEU C 149 7.02 -38.29 -34.22
C LEU C 149 7.45 -37.37 -33.08
N GLN C 150 7.11 -36.08 -33.17
CA GLN C 150 7.46 -35.15 -32.10
C GLN C 150 6.76 -35.52 -30.79
N GLY C 151 5.49 -35.96 -30.88
CA GLY C 151 4.81 -36.43 -29.68
C GLY C 151 5.43 -37.69 -29.12
N LEU C 152 5.84 -38.62 -29.99
CA LEU C 152 6.49 -39.84 -29.54
C LEU C 152 7.81 -39.56 -28.87
N ARG C 153 8.48 -38.46 -29.26
CA ARG C 153 9.75 -38.08 -28.65
C ARG C 153 9.66 -37.98 -27.13
N ILE C 154 8.49 -37.60 -26.62
CA ILE C 154 8.28 -37.57 -25.18
C ILE C 154 7.40 -38.72 -24.70
N ALA C 155 6.59 -39.33 -25.57
CA ALA C 155 5.81 -40.49 -25.17
C ALA C 155 6.71 -41.68 -24.82
N ILE C 156 7.74 -41.93 -25.62
CA ILE C 156 8.60 -43.11 -25.46
C ILE C 156 9.38 -43.08 -24.15
N PRO C 157 10.08 -41.99 -23.80
CA PRO C 157 10.79 -41.99 -22.52
C PRO C 157 9.88 -42.17 -21.32
N ALA C 158 8.64 -41.67 -21.39
CA ALA C 158 7.69 -41.91 -20.32
C ALA C 158 7.41 -43.39 -20.13
N ALA C 159 7.23 -44.12 -21.25
CA ALA C 159 7.02 -45.56 -21.17
C ALA C 159 8.26 -46.27 -20.63
N ILE C 160 9.45 -45.81 -21.05
CA ILE C 160 10.69 -46.42 -20.55
C ILE C 160 10.79 -46.25 -19.05
N ILE C 161 10.50 -45.04 -18.55
CA ILE C 161 10.55 -44.79 -17.11
C ILE C 161 9.50 -45.62 -16.39
N LEU C 162 8.32 -45.77 -17.00
CA LEU C 162 7.27 -46.58 -16.40
C LEU C 162 7.67 -48.04 -16.30
N ALA C 163 8.45 -48.53 -17.27
CA ALA C 163 8.89 -49.93 -17.23
C ALA C 163 9.86 -50.21 -16.09
N ILE C 164 10.52 -49.19 -15.57
CA ILE C 164 11.48 -49.38 -14.47
C ILE C 164 10.74 -49.86 -13.22
N PRO C 165 11.23 -50.89 -12.53
CA PRO C 165 10.55 -51.36 -11.33
C PRO C 165 10.47 -50.29 -10.27
N ALA C 166 9.39 -50.32 -9.49
CA ALA C 166 9.19 -49.33 -8.43
C ALA C 166 10.25 -49.47 -7.33
N GLU C 167 10.59 -50.70 -6.97
CA GLU C 167 11.54 -50.91 -5.90
C GLU C 167 12.90 -50.32 -6.21
N THR C 168 13.38 -50.52 -7.45
CA THR C 168 14.71 -50.03 -7.81
C THR C 168 14.76 -48.50 -7.81
N VAL C 169 13.74 -47.86 -8.37
CA VAL C 169 13.73 -46.40 -8.42
C VAL C 169 13.56 -45.81 -7.02
N THR C 170 12.74 -46.45 -6.18
CA THR C 170 12.62 -45.98 -4.80
C THR C 170 13.93 -46.10 -4.05
N ALA C 171 14.65 -47.22 -4.25
CA ALA C 171 15.93 -47.39 -3.59
C ALA C 171 16.95 -46.37 -4.09
N ALA C 172 16.96 -46.10 -5.39
CA ALA C 172 17.89 -45.11 -5.93
C ALA C 172 17.58 -43.71 -5.42
N LEU C 173 16.29 -43.38 -5.31
CA LEU C 173 15.90 -42.05 -4.85
C LEU C 173 16.12 -41.86 -3.35
N ASN C 174 15.93 -42.92 -2.56
CA ASN C 174 16.16 -42.84 -1.13
C ASN C 174 17.64 -42.80 -0.77
N ALA C 175 18.51 -43.33 -1.63
CA ALA C 175 19.93 -43.40 -1.33
C ALA C 175 20.59 -42.03 -1.24
N ILE C 176 19.93 -40.98 -1.71
CA ILE C 176 20.50 -39.64 -1.65
C ILE C 176 20.65 -39.20 -0.19
N PRO C 177 21.81 -38.72 0.22
CA PRO C 177 22.00 -38.32 1.62
C PRO C 177 21.10 -37.14 1.99
N ASP C 178 20.82 -37.04 3.29
CA ASP C 178 19.93 -36.00 3.79
C ASP C 178 20.50 -34.60 3.57
N TRP C 179 21.80 -34.42 3.85
CA TRP C 179 22.39 -33.08 3.80
C TRP C 179 22.36 -32.50 2.39
N VAL C 180 22.71 -33.30 1.39
CA VAL C 180 22.70 -32.81 0.02
C VAL C 180 21.27 -32.52 -0.43
N SER C 181 20.31 -33.33 0.01
CA SER C 181 18.91 -33.06 -0.33
C SER C 181 18.44 -31.74 0.27
N LYS C 182 18.80 -31.47 1.52
CA LYS C 182 18.42 -30.20 2.14
C LYS C 182 19.12 -29.02 1.47
N GLY C 183 20.38 -29.19 1.09
CA GLY C 183 21.07 -28.14 0.36
C GLY C 183 20.43 -27.84 -0.99
N LEU C 184 20.04 -28.90 -1.70
CA LEU C 184 19.35 -28.70 -2.97
C LEU C 184 18.00 -28.04 -2.76
N ALA C 185 17.30 -28.38 -1.68
CA ALA C 185 16.06 -27.70 -1.35
C ALA C 185 16.29 -26.22 -1.10
N VAL C 186 17.39 -25.88 -0.41
CA VAL C 186 17.74 -24.48 -0.17
C VAL C 186 18.00 -23.77 -1.49
N GLY C 187 18.75 -24.41 -2.39
CA GLY C 187 19.03 -23.82 -3.69
C GLY C 187 17.82 -23.74 -4.60
N GLY C 188 16.79 -24.54 -4.32
CA GLY C 188 15.54 -24.47 -5.07
C GLY C 188 14.81 -23.16 -4.90
N GLY C 189 15.00 -22.49 -3.77
CA GLY C 189 14.46 -21.14 -3.62
C GLY C 189 15.26 -20.08 -4.35
N MET C 190 16.49 -20.40 -4.74
CA MET C 190 17.31 -19.48 -5.51
C MET C 190 17.15 -19.66 -7.02
N VAL C 191 16.93 -20.89 -7.48
CA VAL C 191 17.03 -21.18 -8.91
C VAL C 191 16.01 -20.42 -9.75
N VAL C 192 14.92 -19.93 -9.15
CA VAL C 192 13.96 -19.13 -9.89
C VAL C 192 14.54 -17.78 -10.29
N VAL C 193 15.59 -17.33 -9.58
CA VAL C 193 16.23 -16.07 -9.89
C VAL C 193 16.80 -16.09 -11.30
N VAL C 194 17.33 -17.24 -11.73
CA VAL C 194 17.95 -17.32 -13.04
C VAL C 194 16.93 -17.03 -14.14
N GLY C 195 15.78 -17.71 -14.09
CA GLY C 195 14.75 -17.47 -15.08
C GLY C 195 14.19 -16.06 -15.01
N TYR C 196 13.93 -15.57 -13.79
CA TYR C 196 13.48 -14.19 -13.66
C TYR C 196 14.48 -13.23 -14.26
N ALA C 197 15.77 -13.52 -14.11
CA ALA C 197 16.82 -12.66 -14.65
C ALA C 197 16.86 -12.70 -16.17
N MET C 198 16.66 -13.87 -16.79
CA MET C 198 16.55 -13.89 -18.25
C MET C 198 15.37 -13.06 -18.73
N VAL C 199 14.22 -13.20 -18.06
CA VAL C 199 13.06 -12.42 -18.49
C VAL C 199 13.33 -10.93 -18.34
N ILE C 200 13.97 -10.53 -17.23
CA ILE C 200 14.31 -9.13 -17.03
C ILE C 200 15.28 -8.66 -18.11
N ASN C 201 16.31 -9.47 -18.40
CA ASN C 201 17.33 -9.09 -19.37
C ASN C 201 16.73 -8.90 -20.76
N LEU C 202 15.75 -9.73 -21.13
CA LEU C 202 15.12 -9.57 -22.43
C LEU C 202 14.43 -8.21 -22.56
N MET C 203 13.88 -7.70 -21.47
CA MET C 203 13.11 -6.46 -21.46
C MET C 203 13.54 -5.61 -20.26
N ALA C 204 14.48 -4.69 -20.49
CA ALA C 204 14.96 -3.82 -19.43
C ALA C 204 15.55 -2.57 -20.05
N THR C 205 15.17 -1.41 -19.50
CA THR C 205 15.67 -0.13 -19.98
C THR C 205 15.75 0.81 -18.78
N LYS C 206 16.51 1.89 -18.94
CA LYS C 206 16.58 2.90 -17.89
C LYS C 206 15.21 3.49 -17.57
N GLU C 207 14.32 3.50 -18.55
CA GLU C 207 12.96 3.99 -18.33
C GLU C 207 12.10 2.99 -17.57
N LEU C 208 12.39 1.69 -17.68
CA LEU C 208 11.56 0.65 -17.12
C LEU C 208 12.08 0.09 -15.80
N TRP C 209 13.33 0.37 -15.44
CA TRP C 209 13.83 -0.05 -14.13
C TRP C 209 13.03 0.53 -12.96
N PRO C 210 12.61 1.80 -12.97
CA PRO C 210 11.79 2.29 -11.86
C PRO C 210 10.53 1.46 -11.63
N PHE C 211 9.92 0.93 -12.69
CA PHE C 211 8.72 0.10 -12.49
C PHE C 211 9.07 -1.22 -11.83
N PHE C 212 10.22 -1.81 -12.18
CA PHE C 212 10.67 -3.01 -11.49
C PHE C 212 10.88 -2.74 -10.02
N PHE C 213 11.53 -1.61 -9.69
CA PHE C 213 11.79 -1.31 -8.28
C PHE C 213 10.50 -0.95 -7.54
N LEU C 214 9.55 -0.31 -8.22
CA LEU C 214 8.25 -0.03 -7.61
C LEU C 214 7.51 -1.32 -7.29
N GLY C 215 7.52 -2.28 -8.23
CA GLY C 215 6.91 -3.57 -7.95
C GLY C 215 7.61 -4.30 -6.81
N PHE C 216 8.93 -4.19 -6.74
CA PHE C 216 9.67 -4.80 -5.65
C PHE C 216 9.31 -4.17 -4.31
N VAL C 217 9.17 -2.85 -4.28
CA VAL C 217 8.88 -2.15 -3.03
C VAL C 217 7.46 -2.42 -2.57
N LEU C 218 6.50 -2.45 -3.49
CA LEU C 218 5.11 -2.64 -3.11
C LEU C 218 4.76 -4.10 -2.82
N ALA C 219 5.64 -5.03 -3.13
CA ALA C 219 5.33 -6.45 -2.94
C ALA C 219 5.01 -6.84 -1.49
N PRO C 220 5.71 -6.37 -0.46
CA PRO C 220 5.39 -6.80 0.91
C PRO C 220 3.96 -6.54 1.35
N LEU C 221 3.17 -5.78 0.59
CA LEU C 221 1.77 -5.57 0.92
C LEU C 221 0.99 -6.83 0.61
N SER C 222 0.92 -7.75 1.58
CA SER C 222 0.33 -9.07 1.36
C SER C 222 -1.18 -9.02 1.15
N SER C 223 -1.83 -7.90 1.44
CA SER C 223 -3.28 -7.80 1.22
C SER C 223 -3.63 -7.76 -0.26
N ILE C 224 -2.67 -7.47 -1.12
CA ILE C 224 -2.89 -7.46 -2.56
C ILE C 224 -2.40 -8.79 -3.12
N THR C 225 -3.29 -9.50 -3.81
CA THR C 225 -2.94 -10.78 -4.40
C THR C 225 -2.19 -10.56 -5.72
N LEU C 226 -1.87 -11.65 -6.40
CA LEU C 226 -1.14 -11.55 -7.66
C LEU C 226 -2.02 -10.96 -8.76
N ILE C 227 -3.32 -11.28 -8.75
CA ILE C 227 -4.23 -10.65 -9.71
C ILE C 227 -4.39 -9.16 -9.38
N GLY C 228 -4.42 -8.83 -8.10
CA GLY C 228 -4.47 -7.43 -7.72
C GLY C 228 -3.26 -6.66 -8.20
N MET C 229 -2.06 -7.24 -8.04
CA MET C 229 -0.86 -6.60 -8.56
C MET C 229 -0.84 -6.57 -10.08
N GLY C 230 -1.43 -7.56 -10.74
CA GLY C 230 -1.53 -7.50 -12.19
C GLY C 230 -2.39 -6.34 -12.65
N ILE C 231 -3.54 -6.16 -12.01
CA ILE C 231 -4.41 -5.04 -12.34
C ILE C 231 -3.72 -3.71 -11.99
N LEU C 232 -2.99 -3.68 -10.89
CA LEU C 232 -2.24 -2.49 -10.51
C LEU C 232 -1.19 -2.15 -11.56
N GLY C 233 -0.46 -3.14 -12.04
CA GLY C 233 0.51 -2.90 -13.09
C GLY C 233 -0.14 -2.43 -14.38
N VAL C 234 -1.30 -3.00 -14.72
CA VAL C 234 -2.01 -2.57 -15.92
C VAL C 234 -2.44 -1.12 -15.80
N VAL C 235 -3.00 -0.73 -14.66
CA VAL C 235 -3.47 0.65 -14.51
C VAL C 235 -2.30 1.62 -14.44
N ILE C 236 -1.19 1.20 -13.82
CA ILE C 236 0.02 2.04 -13.81
C ILE C 236 0.53 2.25 -15.23
N ALA C 237 0.56 1.18 -16.03
CA ALA C 237 0.98 1.30 -17.42
C ALA C 237 0.04 2.21 -18.20
N LEU C 238 -1.27 2.08 -17.96
CA LEU C 238 -2.24 2.91 -18.67
C LEU C 238 -2.05 4.39 -18.33
N ILE C 239 -1.89 4.71 -17.05
CA ILE C 239 -1.70 6.09 -16.64
C ILE C 239 -0.39 6.64 -17.20
N TYR C 240 0.68 5.85 -17.14
CA TYR C 240 1.96 6.29 -17.68
C TYR C 240 1.86 6.54 -19.17
N LEU C 241 1.20 5.65 -19.91
CA LEU C 241 1.08 5.81 -21.35
C LEU C 241 0.22 7.02 -21.70
N ASN C 242 -0.85 7.27 -20.94
CA ASN C 242 -1.66 8.45 -21.17
C ASN C 242 -0.86 9.71 -20.95
N LEU C 243 -0.14 9.79 -19.83
CA LEU C 243 0.64 10.99 -19.53
C LEU C 243 1.79 11.18 -20.51
N SER C 244 2.34 10.08 -21.05
CA SER C 244 3.38 10.21 -22.06
C SER C 244 2.82 10.63 -23.41
N ASN C 245 1.61 10.17 -23.74
CA ASN C 245 0.99 10.54 -25.00
C ASN C 245 0.41 11.94 -24.98
N THR C 246 0.20 12.52 -23.79
CA THR C 246 -0.17 13.93 -23.73
C THR C 246 0.89 14.80 -24.40
N ALA C 247 2.16 14.42 -24.25
CA ALA C 247 3.26 15.13 -24.91
C ALA C 247 3.80 14.31 -26.08
N LYS D 6 -18.98 -14.64 -59.47
CA LYS D 6 -17.93 -14.80 -58.46
C LYS D 6 -18.26 -15.95 -57.52
N LYS D 7 -17.89 -17.16 -57.92
CA LYS D 7 -18.13 -18.35 -57.12
C LYS D 7 -16.99 -18.56 -56.14
N PHE D 8 -16.95 -19.73 -55.50
CA PHE D 8 -15.88 -20.13 -54.58
C PHE D 8 -15.76 -19.14 -53.43
N SER D 9 -16.82 -19.05 -52.64
CA SER D 9 -16.87 -18.20 -51.46
C SER D 9 -16.75 -19.06 -50.22
N LEU D 10 -15.71 -18.81 -49.42
CA LEU D 10 -15.52 -19.57 -48.19
C LEU D 10 -16.61 -19.24 -47.18
N SER D 11 -17.11 -20.26 -46.51
CA SER D 11 -18.17 -20.10 -45.53
C SER D 11 -17.58 -19.90 -44.14
N LYS D 12 -18.45 -19.69 -43.15
CA LYS D 12 -18.00 -19.55 -41.77
C LYS D 12 -17.47 -20.87 -41.23
N ASN D 13 -18.09 -21.99 -41.59
CA ASN D 13 -17.64 -23.28 -41.12
C ASN D 13 -16.25 -23.61 -41.66
N THR D 14 -15.99 -23.29 -42.94
CA THR D 14 -14.67 -23.51 -43.50
C THR D 14 -13.62 -22.67 -42.78
N ARG D 15 -13.97 -21.42 -42.45
CA ARG D 15 -13.04 -20.57 -41.72
C ARG D 15 -12.77 -21.10 -40.31
N LEU D 16 -13.80 -21.62 -39.65
CA LEU D 16 -13.59 -22.22 -38.33
C LEU D 16 -12.68 -23.43 -38.42
N SER D 17 -12.88 -24.27 -39.44
CA SER D 17 -11.99 -25.41 -39.65
C SER D 17 -10.58 -24.95 -39.94
N VAL D 18 -10.44 -23.87 -40.71
CA VAL D 18 -9.11 -23.33 -41.02
C VAL D 18 -8.43 -22.85 -39.74
N MET D 19 -9.17 -22.21 -38.84
CA MET D 19 -8.59 -21.77 -37.57
C MET D 19 -8.19 -22.97 -36.71
N PHE D 20 -9.04 -23.99 -36.63
CA PHE D 20 -8.71 -25.16 -35.84
C PHE D 20 -7.50 -25.91 -36.41
N ARG D 21 -7.30 -25.84 -37.73
CA ARG D 21 -6.11 -26.42 -38.32
C ARG D 21 -4.88 -25.55 -38.11
N SER D 22 -5.05 -24.22 -38.17
CA SER D 22 -3.96 -23.30 -37.87
C SER D 22 -3.50 -23.42 -36.43
N MET D 23 -4.34 -23.99 -35.57
CA MET D 23 -3.88 -24.41 -34.25
C MET D 23 -2.69 -25.36 -34.34
N PHE D 24 -2.56 -26.08 -35.46
CA PHE D 24 -1.44 -27.00 -35.71
C PHE D 24 -0.37 -26.36 -36.59
N LEU D 25 -0.14 -25.05 -36.43
CA LEU D 25 0.85 -24.37 -37.26
C LEU D 25 2.25 -24.93 -37.10
N GLN D 26 2.54 -25.57 -35.97
CA GLN D 26 3.82 -26.22 -35.74
C GLN D 26 3.64 -27.73 -35.77
N GLY D 27 4.73 -28.45 -35.50
CA GLY D 27 4.73 -29.90 -35.55
C GLY D 27 5.63 -30.42 -36.64
N SER D 28 5.56 -29.81 -37.81
CA SER D 28 6.53 -30.02 -38.87
C SER D 28 7.57 -28.89 -38.87
N TRP D 29 8.21 -28.73 -37.72
CA TRP D 29 9.14 -27.63 -37.50
C TRP D 29 10.54 -28.05 -37.94
N ASN D 30 11.14 -27.27 -38.84
CA ASN D 30 12.45 -27.56 -39.40
C ASN D 30 13.43 -26.46 -39.02
N TYR D 31 14.68 -26.63 -39.46
CA TYR D 31 15.72 -25.65 -39.24
C TYR D 31 16.07 -24.83 -40.47
N GLU D 32 15.83 -25.36 -41.66
CA GLU D 32 16.11 -24.64 -42.90
C GLU D 32 14.88 -24.02 -43.52
N ARG D 33 13.70 -24.63 -43.33
CA ARG D 33 12.43 -24.09 -43.80
C ARG D 33 11.50 -24.13 -42.59
N MET D 34 11.55 -23.07 -41.80
CA MET D 34 10.89 -23.04 -40.51
C MET D 34 9.37 -22.99 -40.68
N GLN D 35 8.67 -23.89 -40.00
CA GLN D 35 7.22 -23.76 -39.78
C GLN D 35 6.45 -23.56 -41.09
N ASN D 36 6.81 -24.35 -42.11
CA ASN D 36 6.25 -24.17 -43.44
C ASN D 36 5.05 -25.07 -43.72
N LEU D 37 5.04 -26.29 -43.20
CA LEU D 37 3.92 -27.19 -43.45
C LEU D 37 2.68 -26.82 -42.65
N GLY D 38 2.85 -26.14 -41.51
CA GLY D 38 1.68 -25.75 -40.72
C GLY D 38 0.76 -24.81 -41.46
N PHE D 39 1.34 -23.89 -42.24
CA PHE D 39 0.51 -22.97 -43.03
C PHE D 39 -0.33 -23.72 -44.05
N LEU D 40 0.28 -24.68 -44.75
CA LEU D 40 -0.48 -25.48 -45.71
C LEU D 40 -1.54 -26.32 -45.01
N TYR D 41 -1.21 -26.91 -43.87
CA TYR D 41 -2.21 -27.69 -43.15
C TYR D 41 -3.36 -26.81 -42.68
N SER D 42 -3.08 -25.54 -42.39
CA SER D 42 -4.14 -24.62 -42.01
C SER D 42 -5.03 -24.28 -43.20
N ILE D 43 -4.44 -24.04 -44.36
CA ILE D 43 -5.20 -23.56 -45.52
C ILE D 43 -5.61 -24.69 -46.46
N ILE D 44 -5.46 -25.96 -46.04
CA ILE D 44 -5.90 -27.07 -46.87
C ILE D 44 -7.37 -26.99 -47.25
N PRO D 45 -8.32 -26.75 -46.32
CA PRO D 45 -9.73 -26.76 -46.73
C PRO D 45 -10.07 -25.73 -47.80
N ALA D 46 -9.46 -24.55 -47.75
CA ALA D 46 -9.72 -23.55 -48.78
C ALA D 46 -9.27 -24.03 -50.15
N LEU D 47 -8.08 -24.64 -50.23
CA LEU D 47 -7.59 -25.15 -51.50
C LEU D 47 -8.43 -26.33 -51.99
N LYS D 48 -8.88 -27.18 -51.06
CA LYS D 48 -9.74 -28.30 -51.43
C LYS D 48 -11.06 -27.80 -52.00
N GLN D 49 -11.64 -26.76 -51.39
CA GLN D 49 -12.87 -26.19 -51.91
C GLN D 49 -12.63 -25.49 -53.25
N PHE D 50 -11.44 -24.92 -53.43
CA PHE D 50 -11.15 -24.19 -54.66
C PHE D 50 -10.81 -25.15 -55.81
N TYR D 51 -9.77 -25.95 -55.64
CA TYR D 51 -9.28 -26.82 -56.71
C TYR D 51 -9.29 -28.27 -56.26
N LYS D 52 -9.68 -29.15 -57.16
CA LYS D 52 -9.67 -30.58 -56.91
C LYS D 52 -8.24 -31.12 -56.90
N PRO D 53 -7.99 -32.19 -56.14
CA PRO D 53 -6.63 -32.74 -56.08
C PRO D 53 -6.17 -33.27 -57.42
N GLY D 54 -4.86 -33.14 -57.66
CA GLY D 54 -4.24 -33.66 -58.86
C GLY D 54 -4.09 -32.67 -59.99
N SER D 55 -4.84 -31.57 -59.97
CA SER D 55 -4.77 -30.59 -61.05
C SER D 55 -3.46 -29.80 -60.97
N GLU D 56 -3.11 -29.18 -62.10
CA GLU D 56 -1.94 -28.30 -62.12
C GLU D 56 -2.16 -27.08 -61.23
N GLU D 57 -3.40 -26.59 -61.14
CA GLU D 57 -3.70 -25.51 -60.22
C GLU D 57 -3.43 -25.92 -58.78
N ALA D 58 -3.84 -27.14 -58.41
CA ALA D 58 -3.55 -27.65 -57.08
C ALA D 58 -2.05 -27.79 -56.86
N LYS D 59 -1.32 -28.25 -57.89
CA LYS D 59 0.13 -28.35 -57.78
C LYS D 59 0.76 -27.00 -57.49
N GLU D 60 0.37 -25.98 -58.25
CA GLU D 60 0.93 -24.64 -58.05
C GLU D 60 0.55 -24.09 -56.68
N ALA D 61 -0.70 -24.30 -56.26
CA ALA D 61 -1.13 -23.80 -54.96
C ALA D 61 -0.36 -24.46 -53.82
N LEU D 62 -0.14 -25.77 -53.91
CA LEU D 62 0.58 -26.47 -52.86
C LEU D 62 2.06 -26.10 -52.85
N LYS D 63 2.66 -25.92 -54.03
CA LYS D 63 4.06 -25.53 -54.08
C LYS D 63 4.28 -24.08 -53.67
N ARG D 64 3.25 -23.23 -53.80
CA ARG D 64 3.41 -21.83 -53.45
C ARG D 64 3.68 -21.65 -51.96
N HIS D 65 3.00 -22.43 -51.11
CA HIS D 65 3.13 -22.31 -49.67
C HIS D 65 4.11 -23.32 -49.08
N MET D 66 5.12 -23.72 -49.85
CA MET D 66 6.22 -24.56 -49.38
C MET D 66 7.50 -23.76 -49.19
N GLU D 67 7.40 -22.52 -48.73
CA GLU D 67 8.56 -21.68 -48.50
C GLU D 67 8.69 -21.39 -47.01
N PHE D 68 9.82 -20.78 -46.66
CA PHE D 68 10.11 -20.46 -45.27
C PHE D 68 9.07 -19.50 -44.71
N PHE D 69 8.52 -19.84 -43.54
CA PHE D 69 7.51 -19.02 -42.90
C PHE D 69 7.58 -19.25 -41.40
N ASN D 70 8.26 -18.36 -40.68
CA ASN D 70 8.41 -18.46 -39.24
C ASN D 70 7.77 -17.24 -38.59
N THR D 71 6.82 -17.47 -37.67
CA THR D 71 6.15 -16.41 -36.95
C THR D 71 5.70 -16.96 -35.61
N HIS D 72 5.39 -16.05 -34.68
CA HIS D 72 4.77 -16.47 -33.43
C HIS D 72 3.45 -17.16 -33.74
N PRO D 73 3.21 -18.36 -33.22
CA PRO D 73 2.02 -19.11 -33.64
C PRO D 73 0.70 -18.41 -33.37
N TYR D 74 0.60 -17.66 -32.27
CA TYR D 74 -0.67 -17.02 -31.93
C TYR D 74 -0.98 -15.88 -32.88
N VAL D 75 -0.01 -14.99 -33.11
CA VAL D 75 -0.20 -13.90 -34.08
C VAL D 75 0.26 -14.46 -35.42
N ALA D 76 -0.60 -15.29 -36.00
CA ALA D 76 -0.54 -15.69 -37.39
C ALA D 76 -1.92 -15.75 -38.02
N ALA D 77 -2.97 -15.73 -37.21
CA ALA D 77 -4.33 -15.71 -37.74
C ALA D 77 -4.60 -14.54 -38.67
N PRO D 78 -4.14 -13.30 -38.40
CA PRO D 78 -4.27 -12.27 -39.43
C PRO D 78 -3.61 -12.65 -40.75
N ILE D 79 -2.43 -13.29 -40.68
CA ILE D 79 -1.76 -13.73 -41.89
C ILE D 79 -2.59 -14.79 -42.60
N VAL D 80 -3.18 -15.71 -41.85
CA VAL D 80 -3.99 -16.76 -42.45
C VAL D 80 -5.24 -16.16 -43.10
N GLY D 81 -5.86 -15.18 -42.44
CA GLY D 81 -7.03 -14.54 -43.03
C GLY D 81 -6.71 -13.77 -44.29
N VAL D 82 -5.59 -13.04 -44.28
CA VAL D 82 -5.16 -12.32 -45.47
C VAL D 82 -4.87 -13.30 -46.61
N THR D 83 -4.21 -14.42 -46.28
CA THR D 83 -3.93 -15.45 -47.27
C THR D 83 -5.22 -16.03 -47.84
N LEU D 84 -6.21 -16.26 -46.97
CA LEU D 84 -7.51 -16.75 -47.45
C LEU D 84 -8.15 -15.73 -48.38
N ALA D 85 -8.03 -14.44 -48.06
CA ALA D 85 -8.59 -13.40 -48.92
C ALA D 85 -7.95 -13.44 -50.31
N LEU D 86 -6.61 -13.44 -50.37
CA LEU D 86 -5.98 -13.49 -51.69
C LEU D 86 -6.19 -14.83 -52.40
N GLU D 87 -6.39 -15.92 -51.65
CA GLU D 87 -6.72 -17.19 -52.30
C GLU D 87 -8.11 -17.12 -52.93
N GLU D 88 -9.06 -16.49 -52.26
CA GLU D 88 -10.37 -16.26 -52.87
C GLU D 88 -10.24 -15.40 -54.12
N GLU D 89 -9.44 -14.33 -54.04
CA GLU D 89 -9.27 -13.46 -55.20
C GLU D 89 -8.64 -14.21 -56.37
N ILE D 90 -7.59 -14.99 -56.11
CA ILE D 90 -6.94 -15.74 -57.18
C ILE D 90 -7.79 -16.89 -57.69
N ALA D 91 -8.83 -17.27 -56.96
CA ALA D 91 -9.80 -18.26 -57.42
C ALA D 91 -11.03 -17.61 -58.05
N ASN D 92 -11.06 -16.29 -58.16
CA ASN D 92 -12.17 -15.58 -58.77
C ASN D 92 -11.74 -14.82 -60.02
N GLY D 93 -10.65 -15.24 -60.64
CA GLY D 93 -10.17 -14.60 -61.86
C GLY D 93 -9.67 -13.18 -61.68
N VAL D 94 -8.93 -12.91 -60.61
CA VAL D 94 -8.30 -11.62 -60.41
C VAL D 94 -6.82 -11.74 -60.77
N GLU D 95 -6.26 -10.65 -61.28
CA GLU D 95 -4.92 -10.66 -61.85
C GLU D 95 -3.82 -10.45 -60.82
N ILE D 96 -4.10 -10.72 -59.54
CA ILE D 96 -3.09 -10.60 -58.50
C ILE D 96 -1.92 -11.53 -58.83
N ASP D 97 -0.70 -10.99 -58.81
CA ASP D 97 0.46 -11.76 -59.20
C ASP D 97 0.73 -12.88 -58.20
N GLU D 98 1.39 -13.94 -58.68
CA GLU D 98 1.65 -15.12 -57.85
C GLU D 98 2.50 -14.78 -56.64
N ALA D 99 3.46 -13.86 -56.79
CA ALA D 99 4.37 -13.52 -55.71
C ALA D 99 3.80 -12.53 -54.71
N ALA D 100 2.60 -12.00 -54.95
CA ALA D 100 2.03 -11.01 -54.03
C ALA D 100 1.72 -11.63 -52.66
N ILE D 101 1.19 -12.86 -52.65
CA ILE D 101 0.87 -13.51 -51.39
C ILE D 101 2.15 -13.79 -50.60
N GLN D 102 3.19 -14.27 -51.27
CA GLN D 102 4.47 -14.49 -50.60
C GLN D 102 5.04 -13.18 -50.08
N GLY D 103 4.93 -12.10 -50.87
CA GLY D 103 5.44 -10.82 -50.43
C GLY D 103 4.74 -10.31 -49.18
N VAL D 104 3.41 -10.40 -49.15
CA VAL D 104 2.67 -9.92 -47.98
C VAL D 104 2.94 -10.81 -46.77
N LYS D 105 3.06 -12.13 -46.99
CA LYS D 105 3.37 -13.03 -45.89
C LYS D 105 4.73 -12.70 -45.29
N VAL D 106 5.73 -12.46 -46.14
CA VAL D 106 7.05 -12.07 -45.65
C VAL D 106 6.98 -10.72 -44.96
N GLY D 107 6.13 -9.81 -45.47
CA GLY D 107 6.03 -8.49 -44.88
C GLY D 107 5.54 -8.52 -43.46
N MET D 108 4.47 -9.27 -43.21
CA MET D 108 3.95 -9.33 -41.84
C MET D 108 4.52 -10.49 -41.03
N MET D 109 5.48 -11.24 -41.60
CA MET D 109 6.15 -12.28 -40.84
C MET D 109 6.98 -11.69 -39.70
N GLY D 110 7.73 -10.64 -39.98
CA GLY D 110 8.72 -10.12 -39.06
C GLY D 110 8.16 -9.29 -37.92
N PRO D 111 7.56 -8.14 -38.24
CA PRO D 111 7.06 -7.26 -37.18
C PRO D 111 6.04 -7.91 -36.27
N LEU D 112 5.14 -8.73 -36.84
CA LEU D 112 4.13 -9.38 -36.02
C LEU D 112 4.76 -10.33 -35.00
N ALA D 113 5.75 -11.12 -35.43
CA ALA D 113 6.46 -11.98 -34.50
C ALA D 113 7.22 -11.17 -33.46
N GLY D 114 7.89 -10.11 -33.89
CA GLY D 114 8.63 -9.28 -32.96
C GLY D 114 7.77 -8.62 -31.91
N ILE D 115 6.52 -8.33 -32.25
CA ILE D 115 5.59 -7.77 -31.27
C ILE D 115 4.99 -8.86 -30.39
N GLY D 116 4.64 -10.00 -30.99
CA GLY D 116 3.94 -11.04 -30.25
C GLY D 116 4.83 -11.81 -29.30
N ASP D 117 6.13 -11.90 -29.58
CA ASP D 117 7.02 -12.65 -28.71
C ASP D 117 7.10 -12.09 -27.30
N PRO D 118 7.33 -10.79 -27.07
CA PRO D 118 7.33 -10.29 -25.69
C PRO D 118 5.94 -10.24 -25.07
N VAL D 119 4.91 -9.98 -25.86
CA VAL D 119 3.56 -9.83 -25.32
C VAL D 119 3.04 -11.17 -24.81
N PHE D 120 3.21 -12.23 -25.60
CA PHE D 120 2.62 -13.52 -25.27
C PHE D 120 3.55 -14.39 -24.41
N TRP D 121 4.75 -14.66 -24.91
CA TRP D 121 5.64 -15.59 -24.23
C TRP D 121 6.28 -15.00 -22.98
N PHE D 122 6.54 -13.70 -22.96
CA PHE D 122 7.27 -13.07 -21.88
C PHE D 122 6.42 -12.18 -20.98
N THR D 123 5.20 -11.84 -21.38
CA THR D 123 4.33 -11.03 -20.55
C THR D 123 3.09 -11.78 -20.11
N VAL D 124 2.29 -12.31 -21.04
CA VAL D 124 1.03 -12.95 -20.68
C VAL D 124 1.31 -14.31 -20.02
N ARG D 125 2.15 -15.13 -20.64
CA ARG D 125 2.41 -16.46 -20.08
C ARG D 125 3.07 -16.41 -18.71
N PRO D 126 4.14 -15.63 -18.48
CA PRO D 126 4.68 -15.57 -17.11
C PRO D 126 3.68 -15.10 -16.08
N ILE D 127 2.83 -14.13 -16.42
CA ILE D 127 1.86 -13.62 -15.45
C ILE D 127 0.83 -14.70 -15.11
N VAL D 128 0.27 -15.34 -16.14
CA VAL D 128 -0.75 -16.36 -15.91
C VAL D 128 -0.15 -17.55 -15.16
N GLY D 129 1.06 -17.96 -15.55
CA GLY D 129 1.71 -19.06 -14.86
C GLY D 129 2.07 -18.74 -13.42
N ALA D 130 2.48 -17.50 -13.15
CA ALA D 130 2.77 -17.09 -11.79
C ALA D 130 1.52 -17.10 -10.94
N ILE D 131 0.41 -16.60 -11.47
CA ILE D 131 -0.85 -16.63 -10.72
C ILE D 131 -1.27 -18.08 -10.46
N ALA D 132 -1.12 -18.95 -11.47
CA ALA D 132 -1.47 -20.35 -11.30
C ALA D 132 -0.60 -21.02 -10.24
N ALA D 133 0.70 -20.74 -10.24
CA ALA D 133 1.58 -21.33 -9.24
C ALA D 133 1.28 -20.80 -7.84
N SER D 134 0.94 -19.52 -7.73
CA SER D 134 0.54 -18.98 -6.44
C SER D 134 -0.71 -19.66 -5.92
N LEU D 135 -1.67 -19.94 -6.81
CA LEU D 135 -2.86 -20.69 -6.38
C LEU D 135 -2.53 -22.15 -6.09
N ALA D 136 -1.53 -22.72 -6.77
CA ALA D 136 -1.18 -24.12 -6.63
C ALA D 136 -0.30 -24.40 -5.43
N THR D 137 0.24 -23.36 -4.78
CA THR D 137 1.09 -23.58 -3.60
C THR D 137 0.40 -24.45 -2.56
N GLY D 138 -0.92 -24.36 -2.44
CA GLY D 138 -1.68 -25.17 -1.52
C GLY D 138 -2.17 -26.49 -2.06
N GLY D 139 -1.77 -26.87 -3.27
CA GLY D 139 -2.21 -28.12 -3.86
C GLY D 139 -3.69 -28.16 -4.19
N SER D 140 -4.22 -27.09 -4.79
CA SER D 140 -5.64 -26.97 -5.11
C SER D 140 -5.84 -27.04 -6.61
N ILE D 141 -6.92 -27.71 -7.03
CA ILE D 141 -7.23 -27.85 -8.45
C ILE D 141 -7.65 -26.54 -9.09
N ILE D 142 -7.86 -25.49 -8.31
CA ILE D 142 -8.24 -24.20 -8.88
C ILE D 142 -7.15 -23.65 -9.78
N ALA D 143 -5.90 -24.03 -9.54
CA ALA D 143 -4.77 -23.46 -10.26
C ALA D 143 -4.64 -24.01 -11.69
N PRO D 144 -4.60 -25.34 -11.90
CA PRO D 144 -4.58 -25.82 -13.29
C PRO D 144 -5.82 -25.41 -14.07
N ILE D 145 -6.98 -25.40 -13.41
CA ILE D 145 -8.21 -24.96 -14.07
C ILE D 145 -8.08 -23.50 -14.48
N PHE D 146 -7.58 -22.66 -13.58
CA PHE D 146 -7.39 -21.24 -13.89
C PHE D 146 -6.47 -21.07 -15.08
N PHE D 147 -5.29 -21.72 -15.04
CA PHE D 147 -4.33 -21.57 -16.13
C PHE D 147 -4.95 -22.02 -17.45
N PHE D 148 -5.50 -23.24 -17.49
CA PHE D 148 -6.05 -23.77 -18.72
C PHE D 148 -7.16 -22.87 -19.27
N VAL D 149 -8.14 -22.55 -18.42
CA VAL D 149 -9.30 -21.79 -18.89
C VAL D 149 -8.89 -20.41 -19.36
N VAL D 150 -8.11 -19.68 -18.56
CA VAL D 150 -7.75 -18.31 -18.93
C VAL D 150 -6.90 -18.30 -20.18
N TRP D 151 -5.84 -19.12 -20.21
CA TRP D 151 -4.93 -19.12 -21.35
C TRP D 151 -5.66 -19.52 -22.63
N ASN D 152 -6.49 -20.57 -22.56
CA ASN D 152 -7.15 -21.03 -23.77
C ASN D 152 -8.25 -20.08 -24.21
N ALA D 153 -8.96 -19.45 -23.27
CA ALA D 153 -9.95 -18.45 -23.66
C ALA D 153 -9.27 -17.31 -24.41
N ILE D 154 -8.17 -16.80 -23.86
CA ILE D 154 -7.45 -15.72 -24.53
C ILE D 154 -6.96 -16.18 -25.90
N ARG D 155 -6.42 -17.39 -25.98
CA ARG D 155 -5.86 -17.88 -27.24
C ARG D 155 -6.94 -18.06 -28.31
N ILE D 156 -8.05 -18.70 -27.95
CA ILE D 156 -9.12 -18.93 -28.92
C ILE D 156 -9.73 -17.61 -29.37
N ALA D 157 -9.99 -16.70 -28.43
CA ALA D 157 -10.55 -15.41 -28.81
C ALA D 157 -9.61 -14.67 -29.74
N PHE D 158 -8.32 -14.62 -29.40
CA PHE D 158 -7.35 -13.93 -30.25
C PHE D 158 -7.32 -14.55 -31.64
N LEU D 159 -7.17 -15.87 -31.71
CA LEU D 159 -7.06 -16.53 -33.01
C LEU D 159 -8.28 -16.27 -33.87
N TRP D 160 -9.47 -16.53 -33.32
CA TRP D 160 -10.69 -16.42 -34.13
C TRP D 160 -10.93 -14.98 -34.56
N TYR D 161 -10.86 -14.02 -33.63
CA TYR D 161 -11.20 -12.65 -33.98
C TYR D 161 -10.14 -12.02 -34.87
N THR D 162 -8.87 -12.33 -34.66
CA THR D 162 -7.83 -11.78 -35.52
C THR D 162 -7.88 -12.40 -36.91
N GLN D 163 -8.20 -13.69 -37.02
CA GLN D 163 -8.37 -14.28 -38.34
C GLN D 163 -9.55 -13.67 -39.08
N GLU D 164 -10.66 -13.44 -38.37
CA GLU D 164 -11.80 -12.78 -39.00
C GLU D 164 -11.44 -11.37 -39.45
N PHE D 165 -10.72 -10.62 -38.62
CA PHE D 165 -10.32 -9.26 -39.00
C PHE D 165 -9.39 -9.28 -40.21
N GLY D 166 -8.43 -10.20 -40.23
CA GLY D 166 -7.53 -10.29 -41.37
C GLY D 166 -8.25 -10.66 -42.65
N TYR D 167 -9.17 -11.63 -42.57
CA TYR D 167 -9.96 -12.00 -43.73
C TYR D 167 -10.79 -10.83 -44.22
N LYS D 168 -11.43 -10.10 -43.31
CA LYS D 168 -12.27 -8.97 -43.71
C LYS D 168 -11.45 -7.86 -44.35
N GLN D 169 -10.26 -7.58 -43.81
CA GLN D 169 -9.48 -6.44 -44.26
C GLN D 169 -8.59 -6.74 -45.46
N GLY D 170 -8.25 -8.00 -45.71
CA GLY D 170 -7.37 -8.26 -46.84
C GLY D 170 -5.99 -7.67 -46.62
N THR D 171 -5.35 -7.26 -47.71
CA THR D 171 -4.03 -6.66 -47.65
C THR D 171 -4.03 -5.29 -46.97
N ALA D 172 -5.21 -4.71 -46.73
CA ALA D 172 -5.30 -3.40 -46.10
C ALA D 172 -4.94 -3.43 -44.61
N ILE D 173 -4.76 -4.61 -44.03
CA ILE D 173 -4.42 -4.71 -42.61
C ILE D 173 -3.05 -4.09 -42.33
N THR D 174 -2.20 -3.97 -43.35
CA THR D 174 -0.92 -3.29 -43.15
C THR D 174 -1.12 -1.80 -42.88
N SER D 175 -2.12 -1.18 -43.50
CA SER D 175 -2.45 0.21 -43.23
C SER D 175 -3.03 0.41 -41.84
N ASP D 176 -3.45 -0.66 -41.17
CA ASP D 176 -3.98 -0.58 -39.82
C ASP D 176 -2.91 -0.88 -38.78
N LEU D 177 -2.14 -1.95 -38.96
CA LEU D 177 -1.09 -2.26 -38.00
C LEU D 177 -0.01 -1.20 -38.02
N GLY D 178 0.70 -1.07 -39.14
CA GLY D 178 1.70 -0.04 -39.35
C GLY D 178 2.75 -0.02 -38.25
N GLY D 179 3.02 1.18 -37.76
CA GLY D 179 3.93 1.37 -36.65
C GLY D 179 3.37 2.30 -35.59
N GLY D 180 4.02 2.37 -34.44
CA GLY D 180 3.58 3.24 -33.37
C GLY D 180 2.68 2.58 -32.36
N MET D 181 1.49 2.15 -32.79
CA MET D 181 0.56 1.51 -31.87
C MET D 181 1.11 0.20 -31.33
N LEU D 182 1.80 -0.57 -32.19
CA LEU D 182 2.46 -1.78 -31.72
C LEU D 182 3.54 -1.45 -30.69
N GLN D 183 4.25 -0.34 -30.89
CA GLN D 183 5.22 0.10 -29.90
C GLN D 183 4.55 0.49 -28.58
N GLN D 184 3.36 1.11 -28.64
CA GLN D 184 2.63 1.42 -27.42
C GLN D 184 2.25 0.14 -26.68
N ILE D 185 1.74 -0.86 -27.40
CA ILE D 185 1.40 -2.12 -26.77
C ILE D 185 2.63 -2.78 -26.16
N THR D 186 3.75 -2.75 -26.89
CA THR D 186 4.98 -3.35 -26.39
C THR D 186 5.46 -2.65 -25.13
N LYS D 187 5.42 -1.32 -25.11
CA LYS D 187 5.87 -0.57 -23.95
C LYS D 187 4.96 -0.82 -22.74
N GLY D 188 3.65 -0.85 -22.95
CA GLY D 188 2.75 -1.15 -21.85
C GLY D 188 2.97 -2.55 -21.31
N ALA D 189 3.13 -3.52 -22.20
CA ALA D 189 3.40 -4.89 -21.77
C ALA D 189 4.72 -4.99 -21.02
N SER D 190 5.72 -4.23 -21.46
CA SER D 190 7.02 -4.24 -20.78
C SER D 190 6.92 -3.63 -19.39
N ILE D 191 6.16 -2.53 -19.25
CA ILE D 191 5.95 -1.93 -17.94
C ILE D 191 5.29 -2.92 -17.00
N LEU D 192 4.21 -3.55 -17.48
CA LEU D 192 3.50 -4.53 -16.65
C LEU D 192 4.40 -5.70 -16.30
N GLY D 193 5.21 -6.17 -17.27
CA GLY D 193 6.09 -7.29 -17.00
C GLY D 193 7.18 -6.96 -16.00
N MET D 194 7.76 -5.76 -16.09
CA MET D 194 8.77 -5.36 -15.12
C MET D 194 8.19 -5.24 -13.71
N PHE D 195 6.99 -4.65 -13.60
CA PHE D 195 6.33 -4.57 -12.30
C PHE D 195 6.08 -5.96 -11.73
N ILE D 196 5.53 -6.86 -12.56
CA ILE D 196 5.20 -8.20 -12.09
C ILE D 196 6.46 -8.98 -11.75
N LEU D 197 7.54 -8.76 -12.51
CA LEU D 197 8.80 -9.46 -12.23
C LEU D 197 9.40 -8.99 -10.92
N GLY D 198 9.32 -7.70 -10.62
CA GLY D 198 9.74 -7.23 -9.31
C GLY D 198 8.95 -7.86 -8.19
N VAL D 199 7.62 -7.91 -8.37
CA VAL D 199 6.78 -8.54 -7.35
C VAL D 199 7.15 -10.01 -7.18
N LEU D 200 7.36 -10.72 -8.28
CA LEU D 200 7.68 -12.14 -8.21
C LEU D 200 9.03 -12.39 -7.56
N ILE D 201 10.03 -11.56 -7.88
CA ILE D 201 11.34 -11.71 -7.26
C ILE D 201 11.23 -11.48 -5.76
N GLN D 202 10.48 -10.47 -5.34
CA GLN D 202 10.33 -10.22 -3.91
C GLN D 202 9.61 -11.38 -3.22
N ARG D 203 8.55 -11.90 -3.83
CA ARG D 203 7.67 -12.82 -3.13
C ARG D 203 8.08 -14.30 -3.23
N TRP D 204 8.80 -14.70 -4.28
CA TRP D 204 9.02 -16.11 -4.56
C TRP D 204 10.48 -16.51 -4.55
N VAL D 205 11.37 -15.66 -4.05
CA VAL D 205 12.77 -16.02 -3.84
C VAL D 205 12.98 -16.03 -2.33
N ASN D 206 12.88 -17.22 -1.73
CA ASN D 206 13.04 -17.38 -0.30
C ASN D 206 14.40 -17.99 -0.01
N ILE D 207 15.22 -17.27 0.75
CA ILE D 207 16.59 -17.66 1.05
C ILE D 207 16.80 -17.62 2.56
N SER D 208 15.73 -17.89 3.32
CA SER D 208 15.70 -17.73 4.77
C SER D 208 16.99 -18.19 5.43
N PHE D 209 17.63 -17.27 6.17
CA PHE D 209 18.94 -17.49 6.76
C PHE D 209 18.86 -17.83 8.25
N THR D 210 17.81 -18.54 8.66
CA THR D 210 17.67 -18.87 10.08
C THR D 210 18.81 -19.75 10.56
N GLY D 211 18.86 -21.00 10.09
CA GLY D 211 19.95 -21.90 10.38
C GLY D 211 20.15 -22.20 11.86
N PRO D 212 21.05 -23.13 12.17
CA PRO D 212 21.56 -23.22 13.54
C PRO D 212 22.65 -22.21 13.81
N ASN D 213 23.47 -21.92 12.80
CA ASN D 213 24.34 -20.76 12.81
C ASN D 213 23.53 -19.55 12.35
N ALA D 214 24.22 -18.45 12.04
CA ALA D 214 23.59 -17.20 11.60
C ALA D 214 22.60 -16.66 12.63
N MET D 215 22.72 -17.10 13.87
CA MET D 215 21.90 -16.61 14.98
C MET D 215 22.70 -15.59 15.75
N LEU D 216 22.25 -14.34 15.74
CA LEU D 216 22.91 -13.31 16.52
C LEU D 216 22.70 -13.58 18.01
N PRO D 217 23.61 -13.09 18.86
CA PRO D 217 23.47 -13.35 20.30
C PRO D 217 22.14 -12.83 20.84
N SER D 218 21.55 -13.61 21.74
CA SER D 218 20.22 -13.30 22.28
C SER D 218 20.36 -12.38 23.48
N LYS D 219 19.60 -11.28 23.47
CA LYS D 219 19.61 -10.31 24.56
C LYS D 219 18.62 -10.73 25.63
N PRO D 220 19.03 -10.73 26.91
CA PRO D 220 18.11 -11.07 28.01
C PRO D 220 16.80 -10.29 28.03
N LEU D 221 16.67 -9.28 27.18
CA LEU D 221 15.47 -8.44 27.07
C LEU D 221 15.27 -7.62 28.33
N ALA D 222 14.18 -7.86 29.04
CA ALA D 222 13.82 -7.05 30.20
C ALA D 222 13.08 -7.92 31.21
N ASP D 223 12.35 -7.28 32.12
CA ASP D 223 11.65 -7.98 33.19
C ASP D 223 10.16 -7.72 33.11
N GLY D 224 9.58 -7.87 31.91
CA GLY D 224 8.20 -7.51 31.68
C GLY D 224 7.94 -7.04 30.27
N ALA D 225 9.00 -6.91 29.47
CA ALA D 225 8.85 -6.57 28.07
C ALA D 225 8.32 -7.72 27.23
N TYR D 226 8.21 -8.92 27.80
CA TYR D 226 7.71 -10.10 27.10
C TYR D 226 6.52 -10.68 27.88
N VAL D 227 5.94 -11.74 27.32
CA VAL D 227 4.76 -12.35 27.92
C VAL D 227 5.17 -13.17 29.13
N GLY D 228 4.56 -12.87 30.27
CA GLY D 228 4.86 -13.60 31.49
C GLY D 228 4.08 -13.01 32.64
N GLU D 229 4.16 -13.69 33.78
CA GLU D 229 3.47 -13.30 35.00
C GLU D 229 4.50 -12.94 36.08
N TRP D 230 4.01 -12.50 37.22
CA TRP D 230 4.83 -12.11 38.36
C TRP D 230 4.63 -13.15 39.45
N ILE D 231 5.58 -14.09 39.56
CA ILE D 231 5.47 -15.19 40.52
C ILE D 231 6.18 -14.78 41.81
N ASP D 232 5.55 -15.06 42.95
CA ASP D 232 6.09 -14.70 44.26
C ASP D 232 6.20 -15.96 45.11
N LYS D 233 7.40 -16.55 45.15
CA LYS D 233 7.73 -17.63 46.06
C LYS D 233 6.75 -18.80 45.96
N ALA D 234 5.72 -18.79 46.81
CA ALA D 234 4.80 -19.91 46.92
C ALA D 234 3.54 -19.64 46.09
N GLY D 235 3.69 -19.80 44.78
CA GLY D 235 2.57 -19.67 43.87
C GLY D 235 2.04 -18.24 43.79
N LYS D 236 0.79 -18.14 43.29
CA LYS D 236 0.06 -16.89 43.14
C LYS D 236 0.69 -15.96 42.11
N VAL D 237 -0.14 -15.11 41.51
CA VAL D 237 0.31 -14.15 40.50
C VAL D 237 -0.11 -12.76 40.95
N VAL D 238 0.83 -11.82 40.91
CA VAL D 238 0.61 -10.46 41.37
C VAL D 238 0.90 -9.48 40.24
N VAL D 239 0.58 -8.21 40.48
CA VAL D 239 0.79 -7.13 39.53
C VAL D 239 1.58 -6.03 40.22
N GLN D 240 2.46 -5.37 39.47
CA GLN D 240 3.20 -4.25 39.99
C GLN D 240 2.26 -3.09 40.33
N GLY D 241 2.43 -2.52 41.51
CA GLY D 241 1.66 -1.37 41.93
C GLY D 241 2.41 -0.07 41.76
N ALA D 242 1.82 1.00 42.31
CA ALA D 242 2.47 2.30 42.26
C ALA D 242 3.76 2.29 43.06
N GLN D 243 4.79 2.94 42.51
CA GLN D 243 6.09 2.98 43.17
C GLN D 243 6.01 3.79 44.45
N THR D 244 6.53 3.24 45.53
CA THR D 244 6.57 3.91 46.82
C THR D 244 7.79 4.80 47.00
N GLY D 245 8.68 4.85 46.01
CA GLY D 245 9.89 5.63 46.12
C GLY D 245 11.14 4.78 45.97
N THR D 246 11.94 5.08 44.96
CA THR D 246 13.17 4.32 44.74
C THR D 246 14.12 4.48 45.91
N THR D 247 14.67 3.36 46.39
CA THR D 247 15.61 3.40 47.50
C THR D 247 16.95 3.99 47.05
N GLY D 248 17.71 4.47 48.03
CA GLY D 248 19.00 5.08 47.74
C GLY D 248 20.02 4.12 47.16
N ASP D 249 19.84 2.81 47.36
CA ASP D 249 20.76 1.84 46.79
C ASP D 249 20.66 1.83 45.27
N GLY D 250 19.46 1.99 44.73
CA GLY D 250 19.27 2.00 43.29
C GLY D 250 18.23 1.02 42.80
N VAL D 251 17.40 0.52 43.71
CA VAL D 251 16.31 -0.40 43.38
C VAL D 251 15.00 0.22 43.84
N ALA D 252 14.04 0.29 42.92
CA ALA D 252 12.74 0.88 43.22
C ALA D 252 11.85 -0.13 43.94
N LYS D 253 11.07 0.36 44.90
CA LYS D 253 10.14 -0.46 45.65
C LYS D 253 8.75 -0.35 45.03
N PHE D 254 8.09 -1.49 44.86
CA PHE D 254 6.79 -1.56 44.20
C PHE D 254 5.76 -2.20 45.12
N ASP D 255 4.50 -1.96 44.81
CA ASP D 255 3.39 -2.60 45.48
C ASP D 255 2.98 -3.85 44.71
N TRP D 256 2.74 -4.93 45.43
CA TRP D 256 2.38 -6.22 44.82
C TRP D 256 0.90 -6.45 45.02
N LEU D 257 0.10 -6.08 44.02
CA LEU D 257 -1.34 -6.22 44.07
C LEU D 257 -1.72 -7.62 43.61
N ASP D 258 -2.32 -8.41 44.50
CA ASP D 258 -2.85 -9.70 44.08
C ASP D 258 -3.98 -9.49 43.08
N GLN D 259 -4.32 -10.54 42.35
CA GLN D 259 -5.30 -10.39 41.28
C GLN D 259 -6.72 -10.38 41.85
N ALA D 260 -6.93 -9.56 42.88
CA ALA D 260 -8.26 -9.27 43.40
C ALA D 260 -8.44 -7.80 43.77
N GLY D 261 -7.37 -7.00 43.79
CA GLY D 261 -7.43 -5.62 44.22
C GLY D 261 -6.71 -5.34 45.53
N ASN D 262 -6.41 -6.36 46.32
CA ASN D 262 -5.73 -6.19 47.60
C ASN D 262 -4.22 -6.10 47.40
N GLY D 263 -3.53 -5.70 48.47
CA GLY D 263 -2.09 -5.50 48.46
C GLY D 263 -1.46 -6.47 49.45
N VAL D 264 -0.45 -7.22 48.98
CA VAL D 264 0.28 -8.17 49.81
C VAL D 264 1.77 -7.99 49.54
N GLY D 265 2.58 -8.26 50.56
CA GLY D 265 4.02 -8.30 50.40
C GLY D 265 4.72 -6.96 50.52
N ASN D 266 4.60 -6.12 49.50
CA ASN D 266 5.26 -4.82 49.46
C ASN D 266 6.78 -4.95 49.59
N GLY D 267 7.38 -5.64 48.61
CA GLY D 267 8.82 -5.81 48.57
C GLY D 267 9.46 -5.13 47.38
N VAL D 268 10.56 -5.69 46.89
CA VAL D 268 11.26 -5.16 45.73
C VAL D 268 11.03 -6.11 44.56
N ALA D 269 11.28 -5.61 43.35
CA ALA D 269 10.98 -6.34 42.12
C ALA D 269 12.24 -7.04 41.63
N GLY D 270 12.27 -8.37 41.77
CA GLY D 270 13.32 -9.16 41.16
C GLY D 270 13.96 -10.18 42.08
N GLN D 271 13.90 -11.45 41.69
CA GLN D 271 14.54 -12.57 42.37
C GLN D 271 14.50 -12.48 43.89
N GLY D 272 15.40 -11.68 44.47
CA GLY D 272 15.51 -11.62 45.92
C GLY D 272 14.33 -10.95 46.58
N GLY D 273 13.55 -10.18 45.82
CA GLY D 273 12.39 -9.51 46.36
C GLY D 273 11.21 -10.43 46.57
N PHE D 274 10.00 -9.84 46.61
CA PHE D 274 8.81 -10.64 46.82
C PHE D 274 8.48 -11.47 45.57
N ALA D 275 8.54 -10.86 44.40
CA ALA D 275 8.12 -11.52 43.17
C ALA D 275 9.13 -11.24 42.05
N HIS D 276 9.15 -12.14 41.08
CA HIS D 276 9.99 -12.01 39.90
C HIS D 276 9.20 -12.40 38.68
N TYR D 277 9.61 -11.87 37.53
CA TYR D 277 8.93 -12.17 36.27
C TYR D 277 9.30 -13.56 35.79
N VAL D 278 8.29 -14.33 35.39
CA VAL D 278 8.47 -15.69 34.89
C VAL D 278 7.58 -15.91 33.68
N THR D 279 8.12 -16.51 32.63
CA THR D 279 7.39 -16.72 31.40
C THR D 279 6.42 -17.90 31.56
N VAL D 280 5.63 -18.14 30.51
CA VAL D 280 4.56 -19.13 30.59
C VAL D 280 5.08 -20.54 30.78
N ASP D 281 6.36 -20.80 30.48
CA ASP D 281 6.90 -22.15 30.57
C ASP D 281 6.84 -22.67 32.00
N GLN D 282 7.25 -21.86 32.97
CA GLN D 282 7.27 -22.30 34.36
C GLN D 282 5.92 -22.16 35.05
N LEU D 283 4.93 -21.58 34.39
CA LEU D 283 3.61 -21.47 34.99
C LEU D 283 2.92 -22.82 35.04
N ASN D 284 2.19 -23.06 36.14
CA ASN D 284 1.36 -24.24 36.28
C ASN D 284 0.00 -23.81 36.81
N THR D 285 -1.04 -24.53 36.38
CA THR D 285 -2.43 -24.18 36.69
C THR D 285 -2.73 -22.75 36.24
N VAL D 286 -2.66 -22.55 34.92
CA VAL D 286 -2.84 -21.24 34.31
C VAL D 286 -4.31 -20.84 34.33
N ASP D 287 -5.15 -21.70 34.89
CA ASP D 287 -6.59 -21.45 34.89
C ASP D 287 -6.92 -20.18 35.67
N GLY D 288 -7.91 -19.45 35.17
CA GLY D 288 -8.41 -18.26 35.83
C GLY D 288 -8.20 -17.01 34.99
N SER D 289 -7.98 -15.89 35.67
CA SER D 289 -7.72 -14.62 35.01
C SER D 289 -6.30 -14.49 34.50
N THR D 290 -5.40 -15.41 34.89
CA THR D 290 -4.05 -15.40 34.36
C THR D 290 -4.07 -15.63 32.85
N LEU D 291 -4.96 -16.50 32.37
CA LEU D 291 -5.11 -16.68 30.94
C LEU D 291 -5.59 -15.40 30.26
N HIS D 292 -6.49 -14.66 30.91
CA HIS D 292 -6.95 -13.40 30.35
C HIS D 292 -5.80 -12.40 30.27
N ASN D 293 -4.98 -12.32 31.31
CA ASN D 293 -3.82 -11.42 31.29
C ASN D 293 -2.84 -11.83 30.20
N ILE D 294 -2.60 -13.13 30.04
CA ILE D 294 -1.69 -13.61 29.01
C ILE D 294 -2.22 -13.29 27.62
N LEU D 295 -3.52 -13.48 27.42
CA LEU D 295 -4.12 -13.16 26.12
C LEU D 295 -4.05 -11.67 25.83
N GLY D 296 -4.26 -10.83 26.86
CA GLY D 296 -4.07 -9.40 26.66
C GLY D 296 -2.65 -9.05 26.29
N GLN D 297 -1.67 -9.70 26.94
CA GLN D 297 -0.27 -9.44 26.63
C GLN D 297 0.06 -9.84 25.20
N VAL D 298 -0.40 -11.02 24.77
CA VAL D 298 -0.10 -11.46 23.41
C VAL D 298 -0.86 -10.62 22.38
N SER D 299 -2.02 -10.07 22.76
CA SER D 299 -2.71 -9.15 21.87
C SER D 299 -1.97 -7.82 21.77
N SER D 300 -1.27 -7.42 22.83
CA SER D 300 -0.45 -6.21 22.78
C SER D 300 0.66 -6.35 21.75
N GLY D 301 1.28 -7.53 21.67
CA GLY D 301 2.32 -7.77 20.69
C GLY D 301 3.59 -8.32 21.31
N LEU D 302 3.54 -8.64 22.60
CA LEU D 302 4.72 -9.13 23.29
C LEU D 302 5.03 -10.58 22.89
N GLY D 303 6.31 -10.87 22.73
CA GLY D 303 6.74 -12.23 22.43
C GLY D 303 6.71 -13.12 23.65
N LEU D 304 6.81 -14.42 23.39
CA LEU D 304 6.75 -15.43 24.44
C LEU D 304 8.11 -15.91 24.91
N SER D 305 9.20 -15.36 24.38
CA SER D 305 10.53 -15.85 24.75
C SER D 305 11.21 -14.87 25.67
N PRO D 306 11.79 -15.34 26.78
CA PRO D 306 12.50 -14.42 27.69
C PRO D 306 13.67 -13.71 27.03
N GLU D 307 14.35 -14.35 26.10
CA GLU D 307 15.48 -13.75 25.39
C GLU D 307 15.08 -13.50 23.95
N GLN D 308 15.28 -12.27 23.48
CA GLN D 308 14.92 -11.89 22.12
C GLN D 308 15.97 -12.45 21.18
N THR D 309 15.60 -13.50 20.44
CA THR D 309 16.51 -14.13 19.51
C THR D 309 16.42 -13.47 18.15
N GLN D 310 17.57 -13.07 17.60
CA GLN D 310 17.64 -12.39 16.32
C GLN D 310 18.47 -13.22 15.36
N SER D 311 17.97 -13.40 14.15
CA SER D 311 18.67 -14.12 13.10
C SER D 311 19.24 -13.13 12.08
N LEU D 312 20.04 -13.66 11.16
CA LEU D 312 20.49 -12.86 10.03
C LEU D 312 19.33 -12.48 9.12
N GLN D 313 18.35 -13.38 8.99
CA GLN D 313 17.16 -13.07 8.21
C GLN D 313 16.38 -11.91 8.84
N ASP D 314 16.33 -11.87 10.17
CA ASP D 314 15.65 -10.75 10.84
C ASP D 314 16.34 -9.43 10.54
N VAL D 315 17.67 -9.42 10.55
CA VAL D 315 18.41 -8.20 10.24
C VAL D 315 18.15 -7.77 8.81
N PHE D 316 18.20 -8.73 7.88
CA PHE D 316 17.96 -8.42 6.47
C PHE D 316 16.55 -7.88 6.26
N ASN D 317 15.56 -8.48 6.93
CA ASN D 317 14.19 -7.99 6.84
C ASN D 317 14.05 -6.60 7.42
N SER D 318 14.73 -6.34 8.55
CA SER D 318 14.71 -5.01 9.14
C SER D 318 15.28 -3.98 8.17
N LEU D 319 16.31 -4.35 7.43
CA LEU D 319 16.79 -3.48 6.36
C LEU D 319 15.70 -3.30 5.31
N ILE D 320 15.37 -4.38 4.61
CA ILE D 320 14.24 -4.42 3.68
C ILE D 320 14.00 -5.88 3.28
N PRO D 321 12.76 -6.36 3.28
CA PRO D 321 12.52 -7.72 2.81
C PRO D 321 12.89 -7.87 1.33
N GLY D 322 13.47 -9.02 1.00
CA GLY D 322 13.95 -9.25 -0.35
C GLY D 322 15.33 -8.70 -0.64
N PHE D 323 16.12 -8.42 0.40
CA PHE D 323 17.46 -7.87 0.20
C PHE D 323 18.36 -8.87 -0.53
N ILE D 324 18.44 -10.09 -0.01
CA ILE D 324 19.30 -11.10 -0.64
C ILE D 324 18.75 -11.48 -2.00
N ALA D 325 17.43 -11.50 -2.16
CA ALA D 325 16.84 -11.78 -3.46
C ALA D 325 17.25 -10.74 -4.49
N LEU D 326 17.22 -9.46 -4.11
CA LEU D 326 17.64 -8.41 -5.03
C LEU D 326 19.12 -8.52 -5.37
N LEU D 327 19.96 -8.80 -4.37
CA LEU D 327 21.38 -8.96 -4.63
C LEU D 327 21.65 -10.12 -5.59
N LEU D 328 20.99 -11.26 -5.37
CA LEU D 328 21.14 -12.40 -6.26
C LEU D 328 20.64 -12.07 -7.65
N THR D 329 19.51 -11.36 -7.76
CA THR D 329 18.98 -10.99 -9.06
C THR D 329 19.98 -10.16 -9.85
N PHE D 330 20.59 -9.17 -9.19
CA PHE D 330 21.54 -8.32 -9.91
C PHE D 330 22.84 -9.05 -10.22
N LEU D 331 23.29 -9.93 -9.32
CA LEU D 331 24.48 -10.73 -9.62
C LEU D 331 24.25 -11.62 -10.83
N VAL D 332 23.11 -12.31 -10.88
CA VAL D 332 22.80 -13.18 -12.01
C VAL D 332 22.63 -12.36 -13.29
N LEU D 333 22.04 -11.16 -13.17
CA LEU D 333 21.91 -10.31 -14.35
C LEU D 333 23.26 -9.90 -14.90
N TRP D 334 24.19 -9.53 -14.02
CA TRP D 334 25.54 -9.18 -14.46
C TRP D 334 26.24 -10.39 -15.09
N ILE D 335 26.09 -11.57 -14.49
CA ILE D 335 26.73 -12.76 -15.04
C ILE D 335 26.18 -13.07 -16.43
N LEU D 336 24.86 -12.97 -16.60
CA LEU D 336 24.25 -13.25 -17.90
C LEU D 336 24.63 -12.20 -18.94
N ARG D 337 24.79 -10.94 -18.52
CA ARG D 337 25.17 -9.89 -19.45
C ARG D 337 26.64 -9.97 -19.85
N LYS D 338 27.50 -10.56 -19.01
CA LYS D 338 28.92 -10.61 -19.31
C LYS D 338 29.40 -11.93 -19.90
N TRP D 339 28.75 -13.05 -19.57
CA TRP D 339 29.24 -14.34 -20.03
C TRP D 339 29.04 -14.53 -21.53
N LYS D 340 27.83 -14.24 -22.02
CA LYS D 340 27.48 -14.37 -23.43
C LYS D 340 27.78 -15.77 -23.96
N ASN D 341 27.41 -16.79 -23.18
CA ASN D 341 27.55 -18.18 -23.58
C ASN D 341 26.18 -18.73 -24.00
N LYS D 342 26.13 -20.03 -24.29
CA LYS D 342 24.89 -20.70 -24.66
C LYS D 342 24.31 -21.56 -23.56
N ASN D 343 25.16 -22.24 -22.77
CA ASN D 343 24.72 -23.05 -21.65
C ASN D 343 24.89 -22.33 -20.32
N ALA D 344 25.10 -21.01 -20.35
CA ALA D 344 25.31 -20.26 -19.11
C ALA D 344 24.18 -20.43 -18.10
N PRO D 345 22.89 -20.37 -18.47
CA PRO D 345 21.85 -20.53 -17.43
C PRO D 345 21.93 -21.84 -16.68
N LEU D 346 22.23 -22.95 -17.36
CA LEU D 346 22.33 -24.23 -16.66
C LEU D 346 23.51 -24.24 -15.70
N PHE D 347 24.64 -23.66 -16.11
CA PHE D 347 25.79 -23.57 -15.23
C PHE D 347 25.47 -22.71 -14.00
N ILE D 348 24.75 -21.61 -14.21
CA ILE D 348 24.37 -20.76 -13.09
C ILE D 348 23.43 -21.51 -12.15
N ILE D 349 22.50 -22.29 -12.69
CA ILE D 349 21.58 -23.06 -11.85
C ILE D 349 22.34 -24.09 -11.03
N ILE D 350 23.29 -24.79 -11.66
CA ILE D 350 24.13 -25.73 -10.92
C ILE D 350 24.91 -25.00 -9.84
N GLY D 351 25.39 -23.80 -10.14
CA GLY D 351 26.08 -23.01 -9.14
C GLY D 351 25.21 -22.64 -7.97
N MET D 352 23.95 -22.28 -8.24
CA MET D 352 23.03 -21.97 -7.15
C MET D 352 22.74 -23.21 -6.30
N PHE D 353 22.62 -24.38 -6.93
CA PHE D 353 22.42 -25.59 -6.14
C PHE D 353 23.63 -25.90 -5.26
N VAL D 354 24.84 -25.73 -5.81
CA VAL D 354 26.05 -25.93 -5.01
C VAL D 354 26.12 -24.91 -3.88
N LEU D 355 25.74 -23.66 -4.16
CA LEU D 355 25.72 -22.62 -3.15
C LEU D 355 24.73 -22.94 -2.04
N GLY D 356 23.56 -23.47 -2.40
CA GLY D 356 22.61 -23.89 -1.39
C GLY D 356 23.14 -25.03 -0.53
N ILE D 357 23.83 -25.98 -1.15
CA ILE D 357 24.46 -27.06 -0.40
C ILE D 357 25.49 -26.50 0.58
N VAL D 358 26.31 -25.55 0.11
CA VAL D 358 27.34 -24.95 0.96
C VAL D 358 26.70 -24.20 2.13
N LEU D 359 25.64 -23.43 1.85
CA LEU D 359 24.98 -22.68 2.90
C LEU D 359 24.35 -23.61 3.94
N HIS D 360 23.74 -24.71 3.48
CA HIS D 360 23.14 -25.65 4.42
C HIS D 360 24.20 -26.34 5.27
N VAL D 361 25.31 -26.76 4.66
CA VAL D 361 26.32 -27.47 5.42
C VAL D 361 27.05 -26.51 6.37
N ALA D 362 27.09 -25.23 6.05
CA ALA D 362 27.71 -24.24 6.92
C ALA D 362 26.77 -23.75 8.01
N GLY D 363 25.50 -24.15 7.99
CA GLY D 363 24.56 -23.74 9.01
C GLY D 363 23.96 -22.36 8.81
N LEU D 364 24.19 -21.72 7.67
CA LEU D 364 23.65 -20.39 7.45
C LEU D 364 22.20 -20.45 7.00
N ALA D 365 21.94 -21.09 5.87
CA ALA D 365 20.60 -21.17 5.32
C ALA D 365 20.05 -22.59 5.42
N MET E 1 -44.75 6.03 24.27
CA MET E 1 -43.72 7.00 23.95
C MET E 1 -43.96 8.32 24.70
N SER E 2 -42.88 8.98 25.09
CA SER E 2 -42.98 10.24 25.81
C SER E 2 -43.54 11.33 24.91
N ILE E 3 -44.30 12.25 25.52
CA ILE E 3 -44.88 13.36 24.77
C ILE E 3 -43.79 14.26 24.22
N ILE E 4 -42.78 14.56 25.04
CA ILE E 4 -41.67 15.39 24.59
C ILE E 4 -40.95 14.71 23.43
N SER E 5 -40.83 13.38 23.47
CA SER E 5 -40.29 12.65 22.34
C SER E 5 -41.17 12.82 21.10
N ILE E 6 -42.48 12.87 21.27
CA ILE E 6 -43.38 13.07 20.13
C ILE E 6 -43.15 14.44 19.51
N ILE E 7 -43.05 15.49 20.33
CA ILE E 7 -42.80 16.82 19.79
C ILE E 7 -41.44 16.88 19.10
N LEU E 8 -40.42 16.26 19.71
CA LEU E 8 -39.10 16.26 19.10
C LEU E 8 -39.11 15.55 17.76
N VAL E 9 -39.80 14.41 17.67
CA VAL E 9 -39.89 13.68 16.41
C VAL E 9 -40.62 14.49 15.36
N LEU E 10 -41.70 15.17 15.76
CA LEU E 10 -42.43 16.00 14.81
C LEU E 10 -41.56 17.14 14.30
N ILE E 11 -40.81 17.79 15.19
CA ILE E 11 -39.95 18.88 14.78
C ILE E 11 -38.85 18.38 13.85
N PHE E 12 -38.25 17.23 14.18
CA PHE E 12 -37.20 16.68 13.33
C PHE E 12 -37.73 16.29 11.96
N ALA E 13 -38.93 15.71 11.92
CA ALA E 13 -39.54 15.36 10.64
C ALA E 13 -39.85 16.60 9.83
N PHE E 14 -40.32 17.67 10.49
CA PHE E 14 -40.55 18.92 9.78
C PHE E 14 -39.26 19.49 9.22
N LEU E 15 -38.18 19.43 10.00
CA LEU E 15 -36.88 19.90 9.52
C LEU E 15 -36.40 19.08 8.33
N ALA E 16 -36.58 17.76 8.39
CA ALA E 16 -36.20 16.91 7.26
C ALA E 16 -37.03 17.23 6.02
N GLY E 17 -38.33 17.47 6.21
CA GLY E 17 -39.17 17.81 5.08
C GLY E 17 -38.78 19.13 4.45
N LEU E 18 -38.45 20.13 5.28
CA LEU E 18 -37.97 21.40 4.74
C LEU E 18 -36.65 21.21 4.00
N GLU E 19 -35.74 20.42 4.58
CA GLU E 19 -34.42 20.26 3.97
C GLU E 19 -34.48 19.44 2.69
N GLY E 20 -35.51 18.60 2.54
CA GLY E 20 -35.64 17.83 1.32
C GLY E 20 -35.77 18.70 0.08
N ILE E 21 -36.31 19.91 0.22
CA ILE E 21 -36.38 20.85 -0.89
C ILE E 21 -35.27 21.88 -0.76
N LEU E 22 -34.91 22.23 0.48
CA LEU E 22 -33.86 23.22 0.68
C LEU E 22 -32.50 22.67 0.29
N ASP E 23 -32.20 21.44 0.72
CA ASP E 23 -30.95 20.75 0.39
C ASP E 23 -29.73 21.55 0.84
N GLN E 24 -29.84 22.20 1.99
CA GLN E 24 -28.78 23.08 2.49
C GLN E 24 -28.14 22.55 3.78
N TRP E 25 -28.92 22.36 4.84
CA TRP E 25 -28.39 21.88 6.10
C TRP E 25 -28.37 20.37 6.21
N GLN E 26 -28.92 19.67 5.20
CA GLN E 26 -28.87 18.21 5.13
C GLN E 26 -29.50 17.55 6.35
N PHE E 27 -30.60 18.12 6.83
CA PHE E 27 -31.39 17.45 7.85
C PHE E 27 -32.16 16.26 7.29
N HIS E 28 -32.25 16.15 5.96
CA HIS E 28 -32.99 15.08 5.31
C HIS E 28 -32.15 13.84 5.06
N GLN E 29 -30.83 13.93 5.17
CA GLN E 29 -29.98 12.77 4.94
C GLN E 29 -30.18 11.75 6.06
N PRO E 30 -30.14 10.45 5.75
CA PRO E 30 -30.36 9.44 6.80
C PRO E 30 -29.36 9.53 7.94
N ILE E 31 -28.09 9.86 7.64
CA ILE E 31 -27.08 9.96 8.69
C ILE E 31 -27.46 11.02 9.72
N ILE E 32 -28.19 12.05 9.30
CA ILE E 32 -28.65 13.08 10.21
C ILE E 32 -30.04 12.79 10.73
N ALA E 33 -30.98 12.47 9.83
CA ALA E 33 -32.38 12.32 10.22
C ALA E 33 -32.58 11.11 11.13
N CYS E 34 -32.04 9.95 10.74
CA CYS E 34 -32.22 8.76 11.56
C CYS E 34 -31.54 8.91 12.91
N SER E 35 -30.35 9.53 12.93
CA SER E 35 -29.66 9.75 14.20
C SER E 35 -30.45 10.69 15.10
N LEU E 36 -31.02 11.76 14.52
CA LEU E 36 -31.82 12.68 15.33
C LEU E 36 -33.07 12.01 15.88
N ILE E 37 -33.74 11.19 15.06
CA ILE E 37 -34.95 10.52 15.51
C ILE E 37 -34.63 9.49 16.60
N GLY E 38 -33.48 8.81 16.46
CA GLY E 38 -33.05 7.93 17.54
C GLY E 38 -32.71 8.69 18.80
N ILE E 39 -32.12 9.88 18.66
CA ILE E 39 -31.81 10.71 19.81
C ILE E 39 -33.10 11.10 20.54
N ALA E 40 -34.13 11.49 19.79
CA ALA E 40 -35.37 11.92 20.40
C ALA E 40 -36.04 10.79 21.18
N THR E 41 -36.13 9.61 20.57
CA THR E 41 -36.80 8.46 21.20
C THR E 41 -35.78 7.54 21.87
N GLY E 42 -35.02 8.10 22.81
CA GLY E 42 -34.12 7.28 23.59
C GLY E 42 -32.94 6.74 22.82
N HIS E 43 -32.99 5.44 22.51
CA HIS E 43 -31.89 4.72 21.87
C HIS E 43 -31.33 5.47 20.67
N MET E 44 -30.06 5.87 20.77
CA MET E 44 -29.38 6.64 19.73
C MET E 44 -28.49 5.78 18.85
N ALA E 45 -27.88 4.73 19.39
CA ALA E 45 -26.95 3.92 18.62
C ALA E 45 -27.64 3.25 17.43
N ALA E 46 -28.85 2.73 17.64
CA ALA E 46 -29.58 2.11 16.54
C ALA E 46 -29.90 3.13 15.45
N GLY E 47 -30.26 4.36 15.84
CA GLY E 47 -30.53 5.39 14.86
C GLY E 47 -29.32 5.73 14.02
N ILE E 48 -28.15 5.86 14.65
CA ILE E 48 -26.94 6.17 13.90
C ILE E 48 -26.55 5.00 13.01
N ILE E 49 -26.73 3.77 13.49
CA ILE E 49 -26.40 2.60 12.68
C ILE E 49 -27.28 2.55 11.44
N LEU E 50 -28.59 2.76 11.62
CA LEU E 50 -29.49 2.75 10.47
C LEU E 50 -29.18 3.91 9.53
N GLY E 51 -28.86 5.09 10.09
CA GLY E 51 -28.51 6.22 9.24
C GLY E 51 -27.27 5.96 8.41
N GLY E 52 -26.24 5.36 9.02
CA GLY E 52 -25.06 5.03 8.27
C GLY E 52 -25.32 3.98 7.20
N SER E 53 -26.14 2.97 7.53
CA SER E 53 -26.46 1.94 6.55
C SER E 53 -27.24 2.52 5.38
N LEU E 54 -28.19 3.42 5.65
CA LEU E 54 -29.02 4.02 4.62
C LEU E 54 -28.32 5.12 3.85
N GLN E 55 -27.25 5.71 4.41
CA GLN E 55 -26.54 6.77 3.71
C GLN E 55 -25.79 6.25 2.50
N MET E 56 -25.28 5.01 2.58
CA MET E 56 -24.61 4.42 1.42
C MET E 56 -25.58 4.26 0.26
N ILE E 57 -26.83 3.87 0.55
CA ILE E 57 -27.85 3.82 -0.49
C ILE E 57 -28.22 5.22 -0.95
N ALA E 58 -28.28 6.17 -0.01
CA ALA E 58 -28.65 7.54 -0.33
C ALA E 58 -27.59 8.29 -1.12
N LEU E 59 -26.39 7.72 -1.27
CA LEU E 59 -25.40 8.32 -2.14
C LEU E 59 -25.87 8.26 -3.59
N GLY E 60 -25.65 9.35 -4.33
CA GLY E 60 -26.17 9.43 -5.68
C GLY E 60 -27.65 9.67 -5.76
N TRP E 61 -28.25 10.22 -4.71
CA TRP E 61 -29.68 10.55 -4.67
C TRP E 61 -29.90 12.06 -4.72
N ALA E 62 -29.15 12.74 -5.58
CA ALA E 62 -29.34 14.16 -5.80
C ALA E 62 -30.32 14.37 -6.96
N ASN E 63 -31.01 15.50 -6.92
CA ASN E 63 -31.96 15.87 -7.96
C ASN E 63 -31.39 17.03 -8.77
N VAL E 64 -31.42 16.89 -10.09
CA VAL E 64 -30.90 17.89 -11.00
C VAL E 64 -31.94 18.20 -12.07
N GLY E 65 -32.17 19.49 -12.33
CA GLY E 65 -32.99 19.96 -13.43
C GLY E 65 -34.33 19.25 -13.62
N ALA E 66 -35.22 19.39 -12.65
CA ALA E 66 -36.58 18.83 -12.71
C ALA E 66 -36.59 17.32 -12.74
N ALA E 67 -35.48 16.68 -12.37
CA ALA E 67 -35.41 15.22 -12.23
C ALA E 67 -35.27 14.94 -10.73
N VAL E 68 -36.42 14.83 -10.05
CA VAL E 68 -36.43 14.69 -8.61
C VAL E 68 -35.86 13.33 -8.20
N ALA E 69 -35.04 13.33 -7.17
CA ALA E 69 -34.35 12.15 -6.70
C ALA E 69 -35.28 11.28 -5.86
N PRO E 70 -34.86 10.05 -5.53
CA PRO E 70 -35.71 9.16 -4.72
C PRO E 70 -36.07 9.66 -3.33
N ASP E 71 -35.70 10.90 -2.97
CA ASP E 71 -36.22 11.54 -1.77
C ASP E 71 -35.82 10.74 -0.52
N ALA E 72 -34.55 10.83 -0.14
CA ALA E 72 -34.07 10.16 1.07
C ALA E 72 -34.74 10.66 2.34
N ALA E 73 -35.41 11.81 2.28
CA ALA E 73 -35.94 12.44 3.50
C ALA E 73 -37.04 11.59 4.12
N LEU E 74 -38.12 11.35 3.38
CA LEU E 74 -39.22 10.55 3.91
C LEU E 74 -38.77 9.13 4.21
N ALA E 75 -37.90 8.57 3.36
CA ALA E 75 -37.35 7.26 3.62
C ALA E 75 -36.70 7.20 4.99
N SER E 76 -35.80 8.14 5.27
CA SER E 76 -35.09 8.15 6.55
C SER E 76 -36.05 8.33 7.70
N VAL E 77 -36.95 9.31 7.61
CA VAL E 77 -37.83 9.63 8.73
C VAL E 77 -38.76 8.46 9.04
N ALA E 78 -39.44 7.95 8.01
CA ALA E 78 -40.41 6.88 8.23
C ALA E 78 -39.74 5.59 8.65
N SER E 79 -38.58 5.25 8.05
CA SER E 79 -37.88 4.05 8.45
C SER E 79 -37.42 4.14 9.90
N ALA E 80 -36.91 5.31 10.32
CA ALA E 80 -36.49 5.48 11.70
C ALA E 80 -37.67 5.34 12.66
N ILE E 81 -38.81 5.94 12.31
CA ILE E 81 -39.98 5.85 13.19
C ILE E 81 -40.46 4.41 13.28
N LEU E 82 -40.51 3.71 12.14
CA LEU E 82 -40.96 2.32 12.15
C LEU E 82 -40.01 1.44 12.95
N MET E 83 -38.70 1.67 12.84
CA MET E 83 -37.75 0.92 13.64
C MET E 83 -37.95 1.19 15.12
N VAL E 84 -38.21 2.45 15.48
CA VAL E 84 -38.40 2.81 16.89
C VAL E 84 -39.65 2.13 17.44
N GLN E 85 -40.73 2.11 16.66
CA GLN E 85 -41.97 1.51 17.14
C GLN E 85 -41.79 0.01 17.43
N GLY E 86 -41.07 -0.69 16.57
CA GLY E 86 -40.77 -2.09 16.80
C GLY E 86 -39.54 -2.27 17.68
N GLY E 87 -39.75 -2.70 18.92
CA GLY E 87 -38.66 -2.74 19.89
C GLY E 87 -37.61 -3.81 19.64
N ASN E 88 -36.97 -3.75 18.48
CA ASN E 88 -35.93 -4.72 18.12
C ASN E 88 -34.95 -4.05 17.17
N PHE E 89 -33.67 -4.04 17.55
CA PHE E 89 -32.61 -3.31 16.85
C PHE E 89 -31.39 -4.19 16.66
N ASP E 90 -31.58 -5.40 16.15
CA ASP E 90 -30.52 -6.40 16.10
C ASP E 90 -29.55 -6.20 14.95
N LEU E 91 -29.77 -5.21 14.07
CA LEU E 91 -28.91 -4.88 12.95
C LEU E 91 -29.02 -5.92 11.84
N THR E 92 -29.69 -7.05 12.13
CA THR E 92 -30.12 -7.96 11.08
C THR E 92 -31.53 -7.61 10.62
N HIS E 93 -32.38 -7.24 11.58
CA HIS E 93 -33.69 -6.69 11.25
C HIS E 93 -33.56 -5.32 10.58
N ILE E 94 -32.53 -4.55 10.93
CA ILE E 94 -32.33 -3.24 10.34
C ILE E 94 -32.05 -3.37 8.85
N THR E 95 -31.15 -4.27 8.48
CA THR E 95 -30.82 -4.47 7.08
C THR E 95 -31.90 -5.27 6.35
N GLY E 96 -32.54 -6.21 7.03
CA GLY E 96 -33.51 -7.07 6.36
C GLY E 96 -34.78 -6.35 5.97
N VAL E 97 -35.34 -5.57 6.90
CA VAL E 97 -36.68 -5.01 6.74
C VAL E 97 -36.65 -3.48 6.64
N ILE E 98 -35.85 -2.81 7.47
CA ILE E 98 -35.91 -1.36 7.52
C ILE E 98 -35.38 -0.74 6.24
N VAL E 99 -34.42 -1.38 5.58
CA VAL E 99 -33.83 -0.83 4.36
C VAL E 99 -34.76 -1.00 3.15
N PRO E 100 -35.33 -2.18 2.90
CA PRO E 100 -36.33 -2.26 1.82
C PRO E 100 -37.54 -1.37 2.05
N ALA E 101 -37.98 -1.27 3.31
CA ALA E 101 -39.04 -0.33 3.64
C ALA E 101 -38.61 1.10 3.35
N ALA E 102 -37.35 1.41 3.63
CA ALA E 102 -36.82 2.74 3.33
C ALA E 102 -36.85 3.01 1.83
N ILE E 103 -36.51 2.01 1.02
CA ILE E 103 -36.55 2.20 -0.43
C ILE E 103 -37.97 2.45 -0.91
N LEU E 104 -38.92 1.66 -0.41
CA LEU E 104 -40.32 1.85 -0.81
C LEU E 104 -40.83 3.22 -0.37
N LEU E 105 -40.53 3.62 0.86
CA LEU E 105 -40.93 4.93 1.34
C LEU E 105 -40.21 6.05 0.59
N ALA E 106 -39.01 5.76 0.07
CA ALA E 106 -38.32 6.72 -0.78
C ALA E 106 -39.08 6.95 -2.07
N THR E 107 -39.57 5.86 -2.68
CA THR E 107 -40.39 6.01 -3.89
C THR E 107 -41.67 6.78 -3.58
N ALA E 108 -42.31 6.46 -2.44
CA ALA E 108 -43.52 7.18 -2.04
C ALA E 108 -43.24 8.67 -1.83
N GLY E 109 -42.12 8.99 -1.17
CA GLY E 109 -41.75 10.37 -0.99
C GLY E 109 -41.43 11.07 -2.29
N LEU E 110 -40.85 10.35 -3.26
CA LEU E 110 -40.61 10.93 -4.57
C LEU E 110 -41.93 11.32 -5.23
N VAL E 111 -42.93 10.45 -5.18
CA VAL E 111 -44.21 10.81 -5.82
C VAL E 111 -44.89 11.95 -5.06
N LEU E 112 -44.80 11.93 -3.72
CA LEU E 112 -45.41 13.00 -2.92
C LEU E 112 -44.77 14.35 -3.20
N THR E 113 -43.43 14.39 -3.26
CA THR E 113 -42.75 15.64 -3.55
C THR E 113 -42.99 16.07 -4.99
N THR E 114 -43.15 15.13 -5.92
CA THR E 114 -43.54 15.51 -7.28
C THR E 114 -44.88 16.24 -7.25
N LEU E 115 -45.84 15.70 -6.51
CA LEU E 115 -47.14 16.37 -6.38
C LEU E 115 -47.00 17.76 -5.77
N VAL E 116 -46.17 17.89 -4.73
CA VAL E 116 -46.06 19.18 -4.03
C VAL E 116 -45.37 20.22 -4.90
N ARG E 117 -44.27 19.84 -5.56
CA ARG E 117 -43.57 20.78 -6.43
C ARG E 117 -44.36 21.09 -7.70
N PHE E 118 -45.33 20.25 -8.07
CA PHE E 118 -46.28 20.67 -9.08
C PHE E 118 -47.29 21.66 -8.52
N LEU E 119 -47.77 21.41 -7.29
CA LEU E 119 -48.75 22.29 -6.66
C LEU E 119 -48.19 23.67 -6.37
N SER E 120 -46.87 23.79 -6.24
CA SER E 120 -46.26 25.09 -5.94
C SER E 120 -46.44 26.12 -7.06
N VAL E 121 -46.87 25.69 -8.24
CA VAL E 121 -47.06 26.64 -9.35
C VAL E 121 -48.14 27.65 -9.01
N GLY E 122 -49.25 27.21 -8.40
CA GLY E 122 -50.29 28.13 -8.00
C GLY E 122 -49.82 29.12 -6.95
N ILE E 123 -49.01 28.65 -5.99
CA ILE E 123 -48.47 29.53 -4.97
C ILE E 123 -47.57 30.58 -5.61
N VAL E 124 -46.75 30.18 -6.57
CA VAL E 124 -45.87 31.14 -7.25
C VAL E 124 -46.68 32.12 -8.09
N HIS E 125 -47.77 31.67 -8.71
CA HIS E 125 -48.64 32.59 -9.43
C HIS E 125 -49.27 33.62 -8.49
N LEU E 126 -49.68 33.17 -7.30
CA LEU E 126 -50.19 34.09 -6.30
C LEU E 126 -49.11 35.09 -5.87
N ALA E 127 -47.87 34.61 -5.73
CA ALA E 127 -46.77 35.50 -5.39
C ALA E 127 -46.53 36.54 -6.49
N ASP E 128 -46.65 36.12 -7.75
CA ASP E 128 -46.53 37.07 -8.86
C ASP E 128 -47.65 38.10 -8.82
N ALA E 129 -48.87 37.66 -8.51
CA ALA E 129 -49.98 38.60 -8.37
C ALA E 129 -49.73 39.59 -7.25
N ALA E 130 -49.17 39.12 -6.12
CA ALA E 130 -48.81 40.03 -5.03
C ALA E 130 -47.73 41.00 -5.44
N ALA E 131 -46.71 40.51 -6.16
CA ALA E 131 -45.63 41.37 -6.63
C ALA E 131 -46.12 42.40 -7.64
N GLU E 132 -47.22 42.11 -8.34
CA GLU E 132 -47.82 43.11 -9.21
C GLU E 132 -48.23 44.37 -8.45
N LYS E 133 -48.45 44.25 -7.14
CA LYS E 133 -48.78 45.40 -6.29
C LYS E 133 -47.55 46.05 -5.67
N GLY E 134 -46.36 45.52 -5.94
CA GLY E 134 -45.14 46.09 -5.38
C GLY E 134 -45.01 45.95 -3.88
N SER E 135 -45.35 44.78 -3.33
CA SER E 135 -45.26 44.52 -1.90
C SER E 135 -44.29 43.38 -1.66
N TYR E 136 -43.27 43.62 -0.84
CA TYR E 136 -42.34 42.55 -0.47
C TYR E 136 -43.00 41.56 0.47
N SER E 137 -43.91 42.02 1.33
CA SER E 137 -44.50 41.16 2.33
C SER E 137 -45.30 40.03 1.69
N GLY E 138 -46.05 40.34 0.62
CA GLY E 138 -46.86 39.30 -0.02
C GLY E 138 -46.01 38.21 -0.63
N VAL E 139 -44.96 38.58 -1.36
CA VAL E 139 -44.12 37.58 -2.01
C VAL E 139 -43.34 36.77 -0.97
N ALA E 140 -42.87 37.44 0.09
CA ALA E 140 -42.19 36.72 1.15
C ALA E 140 -43.12 35.73 1.85
N GLY E 141 -44.36 36.15 2.11
CA GLY E 141 -45.31 35.26 2.74
C GLY E 141 -45.67 34.07 1.86
N TRP E 142 -45.83 34.30 0.56
CA TRP E 142 -46.14 33.18 -0.33
C TRP E 142 -44.97 32.21 -0.46
N HIS E 143 -43.75 32.74 -0.51
CA HIS E 143 -42.57 31.87 -0.52
C HIS E 143 -42.51 31.03 0.75
N MET E 144 -42.71 31.66 1.91
CA MET E 144 -42.69 30.92 3.16
C MET E 144 -43.84 29.93 3.24
N PHE E 145 -44.99 30.25 2.64
CA PHE E 145 -46.10 29.32 2.65
C PHE E 145 -45.80 28.09 1.81
N ALA E 146 -45.20 28.28 0.63
CA ALA E 146 -44.79 27.13 -0.18
C ALA E 146 -43.76 26.27 0.57
N LEU E 147 -42.82 26.93 1.23
CA LEU E 147 -41.82 26.21 2.02
C LEU E 147 -42.47 25.42 3.15
N LEU E 148 -43.44 26.03 3.83
CA LEU E 148 -44.16 25.36 4.90
C LEU E 148 -44.95 24.15 4.37
N LEU E 149 -45.57 24.30 3.20
CA LEU E 149 -46.30 23.18 2.60
C LEU E 149 -45.35 22.04 2.27
N GLN E 150 -44.19 22.35 1.70
CA GLN E 150 -43.22 21.30 1.38
C GLN E 150 -42.73 20.60 2.64
N GLY E 151 -42.53 21.35 3.72
CA GLY E 151 -42.17 20.71 4.98
C GLY E 151 -43.28 19.86 5.55
N LEU E 152 -44.53 20.32 5.44
CA LEU E 152 -45.66 19.54 5.92
C LEU E 152 -45.81 18.26 5.13
N ARG E 153 -45.36 18.25 3.86
CA ARG E 153 -45.43 17.06 3.03
C ARG E 153 -44.80 15.84 3.71
N ILE E 154 -43.75 16.07 4.50
CA ILE E 154 -43.13 15.00 5.26
C ILE E 154 -43.49 15.05 6.74
N ALA E 155 -43.90 16.21 7.27
CA ALA E 155 -44.33 16.28 8.66
C ALA E 155 -45.59 15.46 8.90
N ILE E 156 -46.57 15.54 8.00
CA ILE E 156 -47.86 14.88 8.18
C ILE E 156 -47.74 13.36 8.21
N PRO E 157 -47.07 12.71 7.24
CA PRO E 157 -46.96 11.24 7.31
C PRO E 157 -46.26 10.75 8.56
N ALA E 158 -45.31 11.52 9.10
CA ALA E 158 -44.69 11.13 10.36
C ALA E 158 -45.71 11.08 11.49
N ALA E 159 -46.59 12.08 11.55
CA ALA E 159 -47.64 12.09 12.57
C ALA E 159 -48.61 10.93 12.35
N ILE E 160 -48.95 10.64 11.09
CA ILE E 160 -49.84 9.52 10.80
C ILE E 160 -49.23 8.21 11.29
N ILE E 161 -47.95 8.00 11.01
CA ILE E 161 -47.27 6.79 11.45
C ILE E 161 -47.20 6.74 12.97
N LEU E 162 -46.97 7.89 13.60
CA LEU E 162 -46.92 7.93 15.06
C LEU E 162 -48.28 7.60 15.68
N ALA E 163 -49.37 7.93 14.99
CA ALA E 163 -50.70 7.62 15.50
C ALA E 163 -50.97 6.12 15.52
N ILE E 164 -50.28 5.35 14.70
CA ILE E 164 -50.50 3.90 14.65
C ILE E 164 -50.08 3.28 15.98
N PRO E 165 -50.88 2.39 16.57
CA PRO E 165 -50.50 1.79 17.84
C PRO E 165 -49.23 0.97 17.71
N ALA E 166 -48.47 0.93 18.81
CA ALA E 166 -47.21 0.19 18.82
C ALA E 166 -47.44 -1.31 18.67
N GLU E 167 -48.50 -1.83 19.31
CA GLU E 167 -48.77 -3.27 19.26
C GLU E 167 -49.03 -3.74 17.83
N THR E 168 -49.85 -2.98 17.08
CA THR E 168 -50.20 -3.40 15.73
C THR E 168 -48.99 -3.38 14.81
N VAL E 169 -48.17 -2.33 14.89
CA VAL E 169 -47.01 -2.24 14.01
C VAL E 169 -45.97 -3.31 14.39
N THR E 170 -45.81 -3.57 15.69
CA THR E 170 -44.89 -4.64 16.09
C THR E 170 -45.38 -5.99 15.59
N ALA E 171 -46.69 -6.24 15.67
CA ALA E 171 -47.22 -7.51 15.16
C ALA E 171 -47.04 -7.63 13.66
N ALA E 172 -47.27 -6.53 12.93
CA ALA E 172 -47.09 -6.56 11.48
C ALA E 172 -45.64 -6.78 11.10
N LEU E 173 -44.71 -6.16 11.83
CA LEU E 173 -43.29 -6.29 11.53
C LEU E 173 -42.74 -7.65 11.91
N ASN E 174 -43.24 -8.24 12.99
CA ASN E 174 -42.79 -9.56 13.42
C ASN E 174 -43.34 -10.68 12.55
N ALA E 175 -44.45 -10.45 11.85
CA ALA E 175 -45.07 -11.50 11.04
C ALA E 175 -44.22 -11.88 9.84
N ILE E 176 -43.20 -11.08 9.50
CA ILE E 176 -42.35 -11.39 8.35
C ILE E 176 -41.56 -12.67 8.63
N PRO E 177 -41.56 -13.65 7.74
CA PRO E 177 -40.84 -14.90 7.99
C PRO E 177 -39.34 -14.68 8.07
N ASP E 178 -38.67 -15.60 8.78
CA ASP E 178 -37.23 -15.47 9.00
C ASP E 178 -36.45 -15.58 7.69
N TRP E 179 -36.83 -16.51 6.82
CA TRP E 179 -36.05 -16.76 5.61
C TRP E 179 -36.07 -15.55 4.68
N VAL E 180 -37.23 -14.94 4.48
CA VAL E 180 -37.29 -13.77 3.61
C VAL E 180 -36.54 -12.59 4.23
N SER E 181 -36.59 -12.45 5.56
CA SER E 181 -35.83 -11.39 6.20
C SER E 181 -34.33 -11.57 6.01
N LYS E 182 -33.85 -12.81 6.14
CA LYS E 182 -32.43 -13.08 5.92
C LYS E 182 -32.04 -12.86 4.46
N GLY E 183 -32.92 -13.25 3.52
CA GLY E 183 -32.63 -12.99 2.13
C GLY E 183 -32.57 -11.51 1.80
N LEU E 184 -33.48 -10.73 2.38
CA LEU E 184 -33.45 -9.29 2.18
C LEU E 184 -32.22 -8.67 2.81
N ALA E 185 -31.78 -9.20 3.95
CA ALA E 185 -30.54 -8.74 4.55
C ALA E 185 -29.35 -9.03 3.65
N VAL E 186 -29.35 -10.21 3.01
CA VAL E 186 -28.29 -10.55 2.06
C VAL E 186 -28.31 -9.58 0.88
N GLY E 187 -29.49 -9.29 0.34
CA GLY E 187 -29.60 -8.36 -0.77
C GLY E 187 -29.30 -6.92 -0.39
N GLY E 188 -29.39 -6.58 0.91
CA GLY E 188 -29.04 -5.25 1.36
C GLY E 188 -27.57 -4.94 1.23
N GLY E 189 -26.71 -5.95 1.22
CA GLY E 189 -25.31 -5.74 0.91
C GLY E 189 -25.01 -5.56 -0.55
N MET E 190 -25.96 -5.89 -1.42
CA MET E 190 -25.82 -5.70 -2.86
C MET E 190 -26.47 -4.43 -3.36
N VAL E 191 -27.54 -3.97 -2.71
CA VAL E 191 -28.32 -2.85 -3.26
C VAL E 191 -27.51 -1.56 -3.37
N VAL E 192 -26.41 -1.44 -2.62
CA VAL E 192 -25.54 -0.27 -2.75
C VAL E 192 -24.83 -0.23 -4.10
N VAL E 193 -24.79 -1.36 -4.81
CA VAL E 193 -24.14 -1.40 -6.12
C VAL E 193 -24.83 -0.48 -7.10
N VAL E 194 -26.17 -0.44 -7.07
CA VAL E 194 -26.90 0.45 -7.98
C VAL E 194 -26.58 1.91 -7.68
N GLY E 195 -26.60 2.27 -6.40
CA GLY E 195 -26.30 3.64 -6.03
C GLY E 195 -24.91 4.06 -6.46
N TYR E 196 -23.92 3.18 -6.27
CA TYR E 196 -22.58 3.49 -6.76
C TYR E 196 -22.54 3.53 -8.28
N ALA E 197 -23.34 2.69 -8.94
CA ALA E 197 -23.25 2.54 -10.39
C ALA E 197 -23.82 3.74 -11.11
N MET E 198 -24.86 4.38 -10.56
CA MET E 198 -25.33 5.62 -11.20
C MET E 198 -24.26 6.70 -11.15
N VAL E 199 -23.60 6.86 -10.01
CA VAL E 199 -22.53 7.86 -9.91
C VAL E 199 -21.41 7.53 -10.86
N ILE E 200 -21.05 6.25 -10.98
CA ILE E 200 -20.03 5.84 -11.94
C ILE E 200 -20.46 6.17 -13.36
N ASN E 201 -21.71 5.86 -13.70
CA ASN E 201 -22.20 6.07 -15.06
C ASN E 201 -22.21 7.55 -15.42
N LEU E 202 -22.57 8.41 -14.46
CA LEU E 202 -22.60 9.85 -14.72
C LEU E 202 -21.22 10.37 -15.12
N MET E 203 -20.18 9.90 -14.44
CA MET E 203 -18.80 10.32 -14.70
C MET E 203 -17.93 9.09 -14.93
N ALA E 204 -17.69 8.78 -16.20
CA ALA E 204 -16.85 7.64 -16.57
C ALA E 204 -16.31 7.88 -17.97
N THR E 205 -15.01 7.65 -18.13
CA THR E 205 -14.35 7.83 -19.42
C THR E 205 -13.21 6.82 -19.51
N LYS E 206 -12.74 6.59 -20.73
CA LYS E 206 -11.59 5.70 -20.91
C LYS E 206 -10.37 6.22 -20.15
N GLU E 207 -10.29 7.53 -19.95
CA GLU E 207 -9.19 8.12 -19.19
C GLU E 207 -9.35 7.92 -17.69
N LEU E 208 -10.59 7.85 -17.19
CA LEU E 208 -10.85 7.82 -15.76
C LEU E 208 -11.09 6.41 -15.22
N TRP E 209 -11.34 5.43 -16.08
CA TRP E 209 -11.46 4.05 -15.61
C TRP E 209 -10.21 3.53 -14.89
N PRO E 210 -8.98 3.81 -15.35
CA PRO E 210 -7.82 3.35 -14.59
C PRO E 210 -7.80 3.83 -13.15
N PHE E 211 -8.31 5.03 -12.88
CA PHE E 211 -8.35 5.51 -11.50
C PHE E 211 -9.37 4.72 -10.68
N PHE E 212 -10.50 4.36 -11.28
CA PHE E 212 -11.45 3.50 -10.59
C PHE E 212 -10.82 2.16 -10.24
N PHE E 213 -10.10 1.56 -11.19
CA PHE E 213 -9.48 0.27 -10.92
C PHE E 213 -8.33 0.39 -9.93
N LEU E 214 -7.60 1.50 -9.95
CA LEU E 214 -6.55 1.74 -8.96
C LEU E 214 -7.13 1.85 -7.56
N GLY E 215 -8.22 2.60 -7.41
CA GLY E 215 -8.88 2.67 -6.12
C GLY E 215 -9.41 1.33 -5.67
N PHE E 216 -9.96 0.55 -6.60
CA PHE E 216 -10.43 -0.79 -6.25
C PHE E 216 -9.30 -1.68 -5.79
N VAL E 217 -8.14 -1.62 -6.45
CA VAL E 217 -7.01 -2.47 -6.13
C VAL E 217 -6.39 -2.07 -4.80
N LEU E 218 -6.28 -0.77 -4.53
CA LEU E 218 -5.64 -0.31 -3.30
C LEU E 218 -6.55 -0.38 -2.08
N ALA E 219 -7.84 -0.64 -2.26
CA ALA E 219 -8.76 -0.66 -1.13
C ALA E 219 -8.42 -1.70 -0.05
N PRO E 220 -8.01 -2.94 -0.36
CA PRO E 220 -7.75 -3.91 0.71
C PRO E 220 -6.70 -3.49 1.73
N LEU E 221 -5.97 -2.40 1.49
CA LEU E 221 -4.99 -1.89 2.46
C LEU E 221 -5.76 -1.22 3.60
N SER E 222 -6.21 -2.05 4.55
CA SER E 222 -7.07 -1.60 5.63
C SER E 222 -6.39 -0.61 6.57
N SER E 223 -5.06 -0.48 6.51
CA SER E 223 -4.37 0.49 7.34
C SER E 223 -4.68 1.92 6.92
N ILE E 224 -5.21 2.11 5.72
CA ILE E 224 -5.60 3.43 5.22
C ILE E 224 -7.10 3.58 5.43
N THR E 225 -7.49 4.64 6.13
CA THR E 225 -8.90 4.90 6.39
C THR E 225 -9.53 5.58 5.16
N LEU E 226 -10.82 5.91 5.27
CA LEU E 226 -11.50 6.58 4.17
C LEU E 226 -10.99 8.00 3.96
N ILE E 227 -10.64 8.70 5.04
CA ILE E 227 -10.04 10.02 4.90
C ILE E 227 -8.65 9.91 4.29
N GLY E 228 -7.90 8.88 4.67
CA GLY E 228 -6.62 8.64 4.04
C GLY E 228 -6.75 8.38 2.55
N MET E 229 -7.73 7.58 2.16
CA MET E 229 -7.97 7.33 0.74
C MET E 229 -8.47 8.58 0.02
N GLY E 230 -9.21 9.43 0.71
CA GLY E 230 -9.61 10.70 0.10
C GLY E 230 -8.42 11.60 -0.16
N ILE E 231 -7.52 11.72 0.81
CA ILE E 231 -6.30 12.52 0.60
C ILE E 231 -5.45 11.89 -0.49
N LEU E 232 -5.40 10.56 -0.53
CA LEU E 232 -4.66 9.87 -1.59
C LEU E 232 -5.24 10.18 -2.96
N GLY E 233 -6.56 10.17 -3.08
CA GLY E 233 -7.20 10.54 -4.33
C GLY E 233 -6.91 11.99 -4.72
N VAL E 234 -6.94 12.88 -3.73
CA VAL E 234 -6.67 14.30 -4.02
C VAL E 234 -5.25 14.49 -4.51
N VAL E 235 -4.26 13.85 -3.86
CA VAL E 235 -2.88 14.02 -4.28
C VAL E 235 -2.64 13.35 -5.63
N ILE E 236 -3.28 12.20 -5.88
CA ILE E 236 -3.15 11.55 -7.18
C ILE E 236 -3.71 12.45 -8.27
N ALA E 237 -4.87 13.07 -8.02
CA ALA E 237 -5.45 13.99 -8.98
C ALA E 237 -4.55 15.19 -9.21
N LEU E 238 -3.95 15.71 -8.14
CA LEU E 238 -3.05 16.86 -8.28
C LEU E 238 -1.84 16.52 -9.13
N ILE E 239 -1.22 15.36 -8.87
CA ILE E 239 -0.04 14.96 -9.61
C ILE E 239 -0.40 14.72 -11.08
N TYR E 240 -1.52 14.03 -11.32
CA TYR E 240 -1.95 13.79 -12.70
C TYR E 240 -2.23 15.10 -13.43
N LEU E 241 -2.89 16.04 -12.77
CA LEU E 241 -3.21 17.31 -13.42
C LEU E 241 -1.95 18.11 -13.69
N ASN E 242 -0.97 18.09 -12.78
CA ASN E 242 0.29 18.77 -13.02
C ASN E 242 1.01 18.18 -14.22
N LEU E 243 1.13 16.84 -14.26
CA LEU E 243 1.83 16.20 -15.36
C LEU E 243 1.09 16.37 -16.68
N SER E 244 -0.23 16.50 -16.64
CA SER E 244 -0.99 16.75 -17.87
C SER E 244 -0.84 18.19 -18.34
N ASN E 245 -0.79 19.14 -17.39
CA ASN E 245 -0.65 20.54 -17.74
C ASN E 245 0.76 20.91 -18.14
N THR E 246 1.76 20.08 -17.82
CA THR E 246 3.10 20.29 -18.36
C THR E 246 3.09 20.26 -19.89
N ALA E 247 2.21 19.46 -20.48
CA ALA E 247 2.07 19.39 -21.92
C ALA E 247 0.74 19.98 -22.37
N LYS F 6 -23.70 59.41 -4.30
CA LYS F 6 -23.93 57.98 -4.48
C LYS F 6 -24.38 57.34 -3.18
N LYS F 7 -25.66 57.44 -2.87
CA LYS F 7 -26.24 56.88 -1.66
C LYS F 7 -26.59 55.41 -1.90
N PHE F 8 -27.34 54.82 -0.97
CA PHE F 8 -27.84 53.46 -1.07
C PHE F 8 -26.69 52.46 -1.24
N SER F 9 -25.84 52.40 -0.22
CA SER F 9 -24.71 51.49 -0.17
C SER F 9 -25.03 50.35 0.80
N LEU F 10 -25.08 49.12 0.28
CA LEU F 10 -25.36 47.97 1.11
C LEU F 10 -24.22 47.73 2.09
N SER F 11 -24.57 47.43 3.34
CA SER F 11 -23.59 47.22 4.38
C SER F 11 -23.23 45.74 4.47
N LYS F 12 -22.29 45.42 5.38
CA LYS F 12 -21.91 44.03 5.59
C LYS F 12 -23.06 43.23 6.22
N ASN F 13 -23.80 43.86 7.14
CA ASN F 13 -24.93 43.17 7.77
C ASN F 13 -26.01 42.83 6.76
N THR F 14 -26.30 43.76 5.85
CA THR F 14 -27.30 43.48 4.81
C THR F 14 -26.86 42.33 3.92
N ARG F 15 -25.57 42.29 3.58
CA ARG F 15 -25.07 41.18 2.76
C ARG F 15 -25.12 39.86 3.51
N LEU F 16 -24.84 39.87 4.81
CA LEU F 16 -24.97 38.65 5.61
C LEU F 16 -26.41 38.17 5.64
N SER F 17 -27.36 39.10 5.82
CA SER F 17 -28.77 38.73 5.79
C SER F 17 -29.16 38.20 4.42
N VAL F 18 -28.62 38.79 3.36
CA VAL F 18 -28.91 38.33 2.01
C VAL F 18 -28.40 36.90 1.82
N MET F 19 -27.22 36.59 2.34
CA MET F 19 -26.70 35.23 2.26
C MET F 19 -27.56 34.25 3.04
N PHE F 20 -27.95 34.62 4.26
CA PHE F 20 -28.78 33.72 5.07
C PHE F 20 -30.15 33.52 4.44
N ARG F 21 -30.66 34.50 3.70
CA ARG F 21 -31.90 34.32 2.97
C ARG F 21 -31.71 33.49 1.71
N SER F 22 -30.58 33.68 1.02
CA SER F 22 -30.26 32.87 -0.15
C SER F 22 -30.07 31.41 0.24
N MET F 23 -29.82 31.14 1.51
CA MET F 23 -29.90 29.77 2.00
C MET F 23 -31.26 29.15 1.73
N PHE F 24 -32.31 29.97 1.59
CA PHE F 24 -33.65 29.53 1.26
C PHE F 24 -33.94 29.70 -0.23
N LEU F 25 -32.94 29.49 -1.09
CA LEU F 25 -33.13 29.66 -2.53
C LEU F 25 -34.20 28.72 -3.09
N GLN F 26 -34.44 27.59 -2.44
CA GLN F 26 -35.48 26.66 -2.84
C GLN F 26 -36.65 26.73 -1.85
N GLY F 27 -37.63 25.87 -2.07
CA GLY F 27 -38.81 25.84 -1.24
C GLY F 27 -40.05 26.22 -2.03
N SER F 28 -39.93 27.27 -2.84
CA SER F 28 -40.94 27.60 -3.84
C SER F 28 -40.52 27.08 -5.21
N TRP F 29 -40.29 25.76 -5.25
CA TRP F 29 -39.77 25.12 -6.44
C TRP F 29 -40.92 24.67 -7.35
N ASN F 30 -40.89 25.11 -8.60
CA ASN F 30 -41.94 24.84 -9.58
C ASN F 30 -41.37 24.02 -10.73
N TYR F 31 -42.25 23.68 -11.67
CA TYR F 31 -41.86 22.94 -12.85
C TYR F 31 -41.78 23.78 -14.11
N GLU F 32 -42.50 24.90 -14.17
CA GLU F 32 -42.46 25.79 -15.32
C GLU F 32 -41.61 27.03 -15.10
N ARG F 33 -41.50 27.49 -13.86
CA ARG F 33 -40.62 28.61 -13.50
C ARG F 33 -39.81 28.13 -12.31
N MET F 34 -38.69 27.47 -12.60
CA MET F 34 -37.93 26.77 -11.58
C MET F 34 -37.22 27.76 -10.67
N GLN F 35 -37.38 27.59 -9.36
CA GLN F 35 -36.50 28.20 -8.36
C GLN F 35 -36.42 29.72 -8.54
N ASN F 36 -37.58 30.36 -8.72
CA ASN F 36 -37.63 31.78 -9.02
C ASN F 36 -37.93 32.65 -7.81
N LEU F 37 -38.74 32.17 -6.85
CA LEU F 37 -39.04 32.98 -5.67
C LEU F 37 -37.87 33.02 -4.69
N GLY F 38 -37.01 32.00 -4.71
CA GLY F 38 -35.88 32.00 -3.80
C GLY F 38 -34.92 33.15 -4.04
N PHE F 39 -34.72 33.51 -5.31
CA PHE F 39 -33.85 34.65 -5.63
C PHE F 39 -34.43 35.94 -5.06
N LEU F 40 -35.73 36.15 -5.23
CA LEU F 40 -36.36 37.34 -4.66
C LEU F 40 -36.28 37.34 -3.15
N TYR F 41 -36.52 36.19 -2.52
CA TYR F 41 -36.42 36.14 -1.06
C TYR F 41 -35.00 36.43 -0.60
N SER F 42 -34.01 36.02 -1.38
CA SER F 42 -32.62 36.35 -1.05
C SER F 42 -32.35 37.84 -1.16
N ILE F 43 -32.90 38.50 -2.18
CA ILE F 43 -32.56 39.89 -2.46
C ILE F 43 -33.61 40.86 -1.93
N ILE F 44 -34.56 40.40 -1.11
CA ILE F 44 -35.52 41.31 -0.49
C ILE F 44 -34.85 42.43 0.31
N PRO F 45 -33.88 42.17 1.20
CA PRO F 45 -33.34 43.28 2.00
C PRO F 45 -32.74 44.40 1.17
N ALA F 46 -32.06 44.07 0.07
CA ALA F 46 -31.48 45.10 -0.78
C ALA F 46 -32.57 45.98 -1.39
N LEU F 47 -33.63 45.36 -1.90
CA LEU F 47 -34.72 46.14 -2.49
C LEU F 47 -35.45 46.97 -1.44
N LYS F 48 -35.62 46.41 -0.24
CA LYS F 48 -36.26 47.16 0.84
C LYS F 48 -35.43 48.37 1.22
N GLN F 49 -34.10 48.22 1.28
CA GLN F 49 -33.25 49.36 1.56
C GLN F 49 -33.26 50.36 0.40
N PHE F 50 -33.44 49.87 -0.82
CA PHE F 50 -33.43 50.76 -1.99
C PHE F 50 -34.76 51.48 -2.17
N TYR F 51 -35.84 50.72 -2.36
CA TYR F 51 -37.15 51.29 -2.66
C TYR F 51 -38.16 50.87 -1.61
N LYS F 52 -39.01 51.81 -1.21
CA LYS F 52 -40.08 51.55 -0.26
C LYS F 52 -41.18 50.72 -0.92
N PRO F 53 -41.90 49.91 -0.14
CA PRO F 53 -42.97 49.08 -0.73
C PRO F 53 -44.09 49.93 -1.31
N GLY F 54 -44.70 49.41 -2.37
CA GLY F 54 -45.82 50.05 -3.01
C GLY F 54 -45.48 50.96 -4.18
N SER F 55 -44.22 51.38 -4.29
CA SER F 55 -43.83 52.28 -5.36
C SER F 55 -43.77 51.53 -6.69
N GLU F 56 -43.82 52.30 -7.78
CA GLU F 56 -43.66 51.71 -9.11
C GLU F 56 -42.28 51.12 -9.30
N GLU F 57 -41.25 51.75 -8.72
CA GLU F 57 -39.91 51.20 -8.78
C GLU F 57 -39.84 49.85 -8.09
N ALA F 58 -40.46 49.74 -6.90
CA ALA F 58 -40.49 48.47 -6.20
C ALA F 58 -41.25 47.42 -6.99
N LYS F 59 -42.37 47.81 -7.61
CA LYS F 59 -43.14 46.87 -8.42
C LYS F 59 -42.32 46.35 -9.59
N GLU F 60 -41.61 47.25 -10.29
CA GLU F 60 -40.78 46.83 -11.41
C GLU F 60 -39.64 45.92 -10.95
N ALA F 61 -39.01 46.27 -9.82
CA ALA F 61 -37.93 45.44 -9.30
C ALA F 61 -38.42 44.04 -8.93
N LEU F 62 -39.60 43.97 -8.29
CA LEU F 62 -40.15 42.67 -7.92
C LEU F 62 -40.54 41.85 -9.14
N LYS F 63 -41.13 42.48 -10.15
CA LYS F 63 -41.50 41.76 -11.37
C LYS F 63 -40.28 41.36 -12.19
N ARG F 64 -39.16 42.06 -12.04
CA ARG F 64 -37.97 41.73 -12.82
C ARG F 64 -37.43 40.35 -12.46
N HIS F 65 -37.46 39.99 -11.18
CA HIS F 65 -36.89 38.74 -10.69
C HIS F 65 -37.94 37.64 -10.54
N MET F 66 -39.02 37.70 -11.33
CA MET F 66 -40.02 36.64 -11.40
C MET F 66 -39.89 35.83 -12.68
N GLU F 67 -38.69 35.58 -13.14
CA GLU F 67 -38.46 34.76 -14.33
C GLU F 67 -37.78 33.46 -13.94
N PHE F 68 -37.71 32.54 -14.91
CA PHE F 68 -37.12 31.24 -14.67
C PHE F 68 -35.65 31.38 -14.29
N PHE F 69 -35.26 30.70 -13.21
CA PHE F 69 -33.87 30.75 -12.73
C PHE F 69 -33.59 29.46 -11.97
N ASN F 70 -32.93 28.51 -12.63
CA ASN F 70 -32.58 27.23 -12.03
C ASN F 70 -31.07 27.08 -12.04
N THR F 71 -30.48 26.89 -10.86
CA THR F 71 -29.05 26.69 -10.71
C THR F 71 -28.81 25.83 -9.48
N HIS F 72 -27.63 25.24 -9.42
CA HIS F 72 -27.24 24.51 -8.22
C HIS F 72 -27.26 25.47 -7.03
N PRO F 73 -27.94 25.12 -5.93
CA PRO F 73 -28.14 26.12 -4.86
C PRO F 73 -26.85 26.63 -4.25
N TYR F 74 -25.83 25.79 -4.13
CA TYR F 74 -24.60 26.23 -3.48
C TYR F 74 -23.84 27.21 -4.34
N VAL F 75 -23.65 26.91 -5.63
CA VAL F 75 -23.02 27.87 -6.55
C VAL F 75 -24.16 28.72 -7.11
N ALA F 76 -24.63 29.64 -6.29
CA ALA F 76 -25.47 30.75 -6.69
C ALA F 76 -25.11 32.04 -5.99
N ALA F 77 -24.33 31.98 -4.92
CA ALA F 77 -23.86 33.19 -4.24
C ALA F 77 -23.11 34.14 -5.15
N PRO F 78 -22.24 33.70 -6.08
CA PRO F 78 -21.69 34.67 -7.05
C PRO F 78 -22.76 35.38 -7.85
N ILE F 79 -23.82 34.66 -8.25
CA ILE F 79 -24.91 35.29 -8.98
C ILE F 79 -25.62 36.31 -8.11
N VAL F 80 -25.86 35.96 -6.84
CA VAL F 80 -26.54 36.87 -5.94
C VAL F 80 -25.69 38.12 -5.70
N GLY F 81 -24.38 37.95 -5.57
CA GLY F 81 -23.51 39.10 -5.39
C GLY F 81 -23.47 40.01 -6.61
N VAL F 82 -23.39 39.41 -7.81
CA VAL F 82 -23.42 40.20 -9.03
C VAL F 82 -24.75 40.95 -9.16
N THR F 83 -25.85 40.27 -8.82
CA THR F 83 -27.15 40.92 -8.84
C THR F 83 -27.21 42.07 -7.86
N LEU F 84 -26.65 41.89 -6.66
CA LEU F 84 -26.58 42.98 -5.70
C LEU F 84 -25.77 44.15 -6.26
N ALA F 85 -24.69 43.85 -6.97
CA ALA F 85 -23.87 44.90 -7.56
C ALA F 85 -24.67 45.73 -8.57
N LEU F 86 -25.33 45.05 -9.53
CA LEU F 86 -26.12 45.81 -10.49
C LEU F 86 -27.35 46.44 -9.87
N GLU F 87 -27.88 45.89 -8.77
CA GLU F 87 -28.97 46.55 -8.09
C GLU F 87 -28.49 47.86 -7.44
N GLU F 88 -27.30 47.85 -6.87
CA GLU F 88 -26.71 49.10 -6.38
C GLU F 88 -26.52 50.09 -7.50
N GLU F 89 -25.99 49.63 -8.64
CA GLU F 89 -25.75 50.53 -9.77
C GLU F 89 -27.07 51.13 -10.29
N ILE F 90 -28.10 50.30 -10.44
CA ILE F 90 -29.39 50.79 -10.92
C ILE F 90 -30.10 51.64 -9.89
N ALA F 91 -29.68 51.58 -8.63
CA ALA F 91 -30.20 52.46 -7.59
C ALA F 91 -29.34 53.70 -7.39
N ASN F 92 -28.27 53.85 -8.17
CA ASN F 92 -27.40 55.02 -8.09
C ASN F 92 -27.48 55.88 -9.34
N GLY F 93 -28.54 55.75 -10.11
CA GLY F 93 -28.72 56.55 -11.31
C GLY F 93 -27.73 56.26 -12.43
N VAL F 94 -27.44 54.98 -12.68
CA VAL F 94 -26.61 54.59 -13.82
C VAL F 94 -27.50 53.96 -14.87
N GLU F 95 -27.04 54.01 -16.12
CA GLU F 95 -27.87 53.68 -17.28
C GLU F 95 -27.76 52.23 -17.70
N ILE F 96 -27.50 51.31 -16.78
CA ILE F 96 -27.54 49.88 -17.12
C ILE F 96 -28.95 49.53 -17.56
N ASP F 97 -29.04 48.87 -18.71
CA ASP F 97 -30.35 48.51 -19.25
C ASP F 97 -31.03 47.48 -18.36
N GLU F 98 -32.36 47.48 -18.39
CA GLU F 98 -33.15 46.64 -17.50
C GLU F 98 -32.88 45.15 -17.73
N ALA F 99 -32.64 44.76 -18.99
CA ALA F 99 -32.43 43.36 -19.32
C ALA F 99 -31.01 42.88 -19.09
N ALA F 100 -30.09 43.76 -18.70
CA ALA F 100 -28.70 43.36 -18.49
C ALA F 100 -28.57 42.38 -17.33
N ILE F 101 -29.30 42.62 -16.24
CA ILE F 101 -29.24 41.73 -15.08
C ILE F 101 -29.77 40.35 -15.44
N GLN F 102 -30.90 40.31 -16.17
CA GLN F 102 -31.43 39.03 -16.62
C GLN F 102 -30.46 38.33 -17.56
N GLY F 103 -29.81 39.09 -18.44
CA GLY F 103 -28.85 38.48 -19.34
C GLY F 103 -27.68 37.86 -18.63
N VAL F 104 -27.12 38.58 -17.65
CA VAL F 104 -25.97 38.04 -16.91
C VAL F 104 -26.40 36.85 -16.05
N LYS F 105 -27.60 36.91 -15.46
CA LYS F 105 -28.10 35.79 -14.66
C LYS F 105 -28.24 34.54 -15.52
N VAL F 106 -28.82 34.70 -16.73
CA VAL F 106 -28.94 33.57 -17.64
C VAL F 106 -27.57 33.09 -18.07
N GLY F 107 -26.63 34.02 -18.25
CA GLY F 107 -25.29 33.63 -18.69
C GLY F 107 -24.58 32.74 -17.69
N MET F 108 -24.61 33.10 -16.42
CA MET F 108 -23.95 32.27 -15.43
C MET F 108 -24.87 31.22 -14.82
N MET F 109 -26.12 31.13 -15.29
CA MET F 109 -27.01 30.07 -14.83
C MET F 109 -26.52 28.69 -15.24
N GLY F 110 -26.10 28.55 -16.50
CA GLY F 110 -25.81 27.26 -17.07
C GLY F 110 -24.49 26.64 -16.67
N PRO F 111 -23.38 27.28 -17.06
CA PRO F 111 -22.06 26.70 -16.74
C PRO F 111 -21.82 26.51 -15.25
N LEU F 112 -22.28 27.44 -14.42
CA LEU F 112 -22.07 27.31 -12.98
C LEU F 112 -22.80 26.09 -12.44
N ALA F 113 -24.03 25.87 -12.87
CA ALA F 113 -24.76 24.67 -12.45
C ALA F 113 -24.09 23.41 -12.97
N GLY F 114 -23.66 23.43 -14.24
CA GLY F 114 -23.02 22.26 -14.80
C GLY F 114 -21.71 21.90 -14.13
N ILE F 115 -21.04 22.88 -13.55
CA ILE F 115 -19.81 22.61 -12.80
C ILE F 115 -20.14 22.19 -11.37
N GLY F 116 -21.12 22.84 -10.75
CA GLY F 116 -21.39 22.58 -9.35
C GLY F 116 -22.10 21.25 -9.11
N ASP F 117 -22.86 20.78 -10.10
CA ASP F 117 -23.59 19.52 -9.92
C ASP F 117 -22.68 18.33 -9.68
N PRO F 118 -21.64 18.06 -10.48
CA PRO F 118 -20.77 16.93 -10.16
C PRO F 118 -19.87 17.17 -8.97
N VAL F 119 -19.43 18.41 -8.76
CA VAL F 119 -18.49 18.70 -7.68
C VAL F 119 -19.16 18.52 -6.32
N PHE F 120 -20.37 19.05 -6.17
CA PHE F 120 -21.03 19.07 -4.86
C PHE F 120 -21.88 17.82 -4.63
N TRP F 121 -22.82 17.54 -5.53
CA TRP F 121 -23.76 16.45 -5.31
C TRP F 121 -23.13 15.08 -5.55
N PHE F 122 -22.19 14.97 -6.48
CA PHE F 122 -21.65 13.69 -6.89
C PHE F 122 -20.21 13.45 -6.43
N THR F 123 -19.51 14.46 -5.95
CA THR F 123 -18.15 14.28 -5.45
C THR F 123 -18.04 14.59 -3.96
N VAL F 124 -18.41 15.79 -3.53
CA VAL F 124 -18.23 16.16 -2.13
C VAL F 124 -19.21 15.40 -1.23
N ARG F 125 -20.48 15.40 -1.62
CA ARG F 125 -21.49 14.74 -0.79
C ARG F 125 -21.28 13.24 -0.67
N PRO F 126 -21.05 12.48 -1.75
CA PRO F 126 -20.76 11.05 -1.56
C PRO F 126 -19.55 10.78 -0.69
N ILE F 127 -18.50 11.59 -0.81
CA ILE F 127 -17.30 11.35 -0.01
C ILE F 127 -17.58 11.60 1.47
N VAL F 128 -18.21 12.73 1.78
CA VAL F 128 -18.49 13.06 3.17
C VAL F 128 -19.47 12.05 3.76
N GLY F 129 -20.49 11.68 3.00
CA GLY F 129 -21.45 10.69 3.51
C GLY F 129 -20.83 9.32 3.70
N ALA F 130 -19.91 8.92 2.80
CA ALA F 130 -19.23 7.65 2.95
C ALA F 130 -18.35 7.63 4.19
N ILE F 131 -17.62 8.71 4.43
CA ILE F 131 -16.82 8.79 5.65
C ILE F 131 -17.72 8.75 6.87
N ALA F 132 -18.84 9.46 6.83
CA ALA F 132 -19.77 9.45 7.96
C ALA F 132 -20.33 8.05 8.20
N ALA F 133 -20.69 7.33 7.14
CA ALA F 133 -21.22 5.98 7.30
C ALA F 133 -20.16 5.03 7.84
N SER F 134 -18.92 5.17 7.38
CA SER F 134 -17.83 4.36 7.92
C SER F 134 -17.63 4.61 9.40
N LEU F 135 -17.76 5.87 9.83
CA LEU F 135 -17.67 6.15 11.26
C LEU F 135 -18.90 5.68 12.02
N ALA F 136 -20.06 5.65 11.36
CA ALA F 136 -21.33 5.31 12.00
C ALA F 136 -21.57 3.81 12.07
N THR F 137 -20.77 3.00 11.38
CA THR F 137 -20.96 1.55 11.44
C THR F 137 -20.94 1.03 12.87
N GLY F 138 -20.20 1.70 13.76
CA GLY F 138 -20.15 1.34 15.16
C GLY F 138 -21.18 2.01 16.05
N GLY F 139 -22.11 2.76 15.48
CA GLY F 139 -23.11 3.45 16.29
C GLY F 139 -22.56 4.55 17.17
N SER F 140 -21.67 5.38 16.64
CA SER F 140 -21.02 6.44 17.40
C SER F 140 -21.49 7.80 16.92
N ILE F 141 -21.69 8.72 17.86
CA ILE F 141 -22.17 10.07 17.53
C ILE F 141 -21.14 10.89 16.77
N ILE F 142 -19.91 10.40 16.65
CA ILE F 142 -18.88 11.14 15.91
C ILE F 142 -19.25 11.28 14.44
N ALA F 143 -20.05 10.36 13.91
CA ALA F 143 -20.36 10.35 12.48
C ALA F 143 -21.37 11.43 12.08
N PRO F 144 -22.54 11.52 12.73
CA PRO F 144 -23.44 12.65 12.39
C PRO F 144 -22.80 14.00 12.68
N ILE F 145 -22.02 14.10 13.76
CA ILE F 145 -21.32 15.35 14.05
C ILE F 145 -20.34 15.68 12.95
N PHE F 146 -19.57 14.69 12.50
CA PHE F 146 -18.62 14.90 11.42
C PHE F 146 -19.33 15.38 10.17
N PHE F 147 -20.39 14.67 9.76
CA PHE F 147 -21.10 15.05 8.54
C PHE F 147 -21.64 16.48 8.64
N PHE F 148 -22.37 16.76 9.72
CA PHE F 148 -22.99 18.08 9.87
C PHE F 148 -21.94 19.17 9.88
N VAL F 149 -20.92 19.03 10.74
CA VAL F 149 -19.93 20.08 10.91
C VAL F 149 -19.16 20.31 9.61
N VAL F 150 -18.64 19.24 9.01
CA VAL F 150 -17.82 19.40 7.81
C VAL F 150 -18.64 19.98 6.67
N TRP F 151 -19.80 19.37 6.39
CA TRP F 151 -20.61 19.82 5.27
C TRP F 151 -21.06 21.26 5.45
N ASN F 152 -21.50 21.61 6.65
CA ASN F 152 -22.01 22.97 6.86
C ASN F 152 -20.89 23.99 6.89
N ALA F 153 -19.72 23.65 7.44
CA ALA F 153 -18.59 24.57 7.38
C ALA F 153 -18.22 24.86 5.92
N ILE F 154 -18.12 23.81 5.11
CA ILE F 154 -17.80 24.00 3.69
C ILE F 154 -18.87 24.85 3.03
N ARG F 155 -20.15 24.57 3.31
CA ARG F 155 -21.23 25.29 2.65
C ARG F 155 -21.26 26.76 3.04
N ILE F 156 -21.14 27.05 4.33
CA ILE F 156 -21.18 28.44 4.79
C ILE F 156 -19.99 29.21 4.24
N ALA F 157 -18.79 28.62 4.31
CA ALA F 157 -17.60 29.29 3.79
C ALA F 157 -17.76 29.57 2.30
N PHE F 158 -18.19 28.57 1.54
CA PHE F 158 -18.36 28.75 0.10
C PHE F 158 -19.37 29.85 -0.19
N LEU F 159 -20.54 29.79 0.44
CA LEU F 159 -21.59 30.77 0.17
C LEU F 159 -21.10 32.18 0.48
N TRP F 160 -20.58 32.39 1.69
CA TRP F 160 -20.17 33.74 2.10
C TRP F 160 -19.05 34.27 1.22
N TYR F 161 -17.99 33.47 1.03
CA TYR F 161 -16.83 33.97 0.30
C TYR F 161 -17.14 34.17 -1.18
N THR F 162 -17.90 33.27 -1.78
CA THR F 162 -18.24 33.43 -3.20
C THR F 162 -19.20 34.60 -3.41
N GLN F 163 -20.13 34.82 -2.48
CA GLN F 163 -20.99 35.99 -2.59
C GLN F 163 -20.20 37.28 -2.46
N GLU F 164 -19.24 37.31 -1.52
CA GLU F 164 -18.38 38.49 -1.40
C GLU F 164 -17.57 38.72 -2.68
N PHE F 165 -17.01 37.65 -3.25
CA PHE F 165 -16.23 37.79 -4.47
C PHE F 165 -17.10 38.28 -5.62
N GLY F 166 -18.30 37.73 -5.76
CA GLY F 166 -19.18 38.17 -6.83
C GLY F 166 -19.61 39.62 -6.66
N TYR F 167 -19.94 40.02 -5.43
CA TYR F 167 -20.32 41.40 -5.17
C TYR F 167 -19.16 42.35 -5.46
N LYS F 168 -17.94 41.96 -5.08
CA LYS F 168 -16.78 42.82 -5.33
C LYS F 168 -16.48 42.93 -6.82
N GLN F 169 -16.62 41.83 -7.56
CA GLN F 169 -16.21 41.81 -8.97
C GLN F 169 -17.28 42.30 -9.93
N GLY F 170 -18.56 42.26 -9.56
CA GLY F 170 -19.56 42.68 -10.51
C GLY F 170 -19.64 41.75 -11.70
N THR F 171 -19.96 42.32 -12.86
CA THR F 171 -20.05 41.55 -14.09
C THR F 171 -18.70 41.03 -14.57
N ALA F 172 -17.60 41.52 -13.99
CA ALA F 172 -16.26 41.08 -14.40
C ALA F 172 -15.95 39.66 -13.96
N ILE F 173 -16.80 39.04 -13.14
CA ILE F 173 -16.56 37.67 -12.70
C ILE F 173 -16.60 36.68 -13.86
N THR F 174 -17.24 37.05 -14.98
CA THR F 174 -17.21 36.21 -16.16
C THR F 174 -15.81 36.11 -16.75
N SER F 175 -15.03 37.19 -16.66
CA SER F 175 -13.65 37.17 -17.12
C SER F 175 -12.75 36.36 -16.18
N ASP F 176 -13.22 36.04 -14.98
CA ASP F 176 -12.46 35.23 -14.03
C ASP F 176 -12.84 33.76 -14.07
N LEU F 177 -14.13 33.45 -14.24
CA LEU F 177 -14.54 32.05 -14.36
C LEU F 177 -14.07 31.46 -15.68
N GLY F 178 -14.58 32.00 -16.79
CA GLY F 178 -14.14 31.58 -18.12
C GLY F 178 -14.25 30.10 -18.40
N GLY F 179 -13.55 29.64 -19.43
CA GLY F 179 -13.51 28.23 -19.76
C GLY F 179 -12.14 27.64 -19.54
N GLY F 180 -12.07 26.32 -19.38
CA GLY F 180 -10.80 25.66 -19.10
C GLY F 180 -10.46 25.66 -17.63
N MET F 181 -10.65 26.81 -16.97
CA MET F 181 -10.40 26.90 -15.54
C MET F 181 -11.33 25.97 -14.77
N LEU F 182 -12.62 25.95 -15.12
CA LEU F 182 -13.56 25.08 -14.43
C LEU F 182 -13.39 23.62 -14.83
N GLN F 183 -12.91 23.37 -16.05
CA GLN F 183 -12.71 21.99 -16.48
C GLN F 183 -11.63 21.29 -15.68
N GLN F 184 -10.63 22.02 -15.20
CA GLN F 184 -9.61 21.41 -14.34
C GLN F 184 -10.23 20.93 -13.04
N ILE F 185 -11.08 21.75 -12.42
CA ILE F 185 -11.77 21.33 -11.20
C ILE F 185 -12.67 20.14 -11.49
N THR F 186 -13.37 20.18 -12.62
CA THR F 186 -14.26 19.07 -12.97
C THR F 186 -13.48 17.77 -13.13
N LYS F 187 -12.35 17.82 -13.82
CA LYS F 187 -11.55 16.62 -14.05
C LYS F 187 -10.94 16.10 -12.76
N GLY F 188 -10.42 17.00 -11.91
CA GLY F 188 -9.88 16.56 -10.64
C GLY F 188 -10.94 15.94 -9.75
N ALA F 189 -12.12 16.54 -9.70
CA ALA F 189 -13.22 15.98 -8.92
C ALA F 189 -13.64 14.63 -9.48
N SER F 190 -13.65 14.48 -10.79
CA SER F 190 -14.01 13.20 -11.40
C SER F 190 -12.98 12.13 -11.07
N ILE F 191 -11.69 12.48 -11.10
CA ILE F 191 -10.64 11.52 -10.74
C ILE F 191 -10.81 11.08 -9.29
N LEU F 192 -10.98 12.05 -8.39
CA LEU F 192 -11.15 11.71 -6.97
C LEU F 192 -12.40 10.88 -6.76
N GLY F 193 -13.48 11.20 -7.46
CA GLY F 193 -14.71 10.44 -7.31
C GLY F 193 -14.59 9.02 -7.82
N MET F 194 -13.91 8.83 -8.95
CA MET F 194 -13.69 7.48 -9.46
C MET F 194 -12.85 6.65 -8.49
N PHE F 195 -11.78 7.24 -7.96
CA PHE F 195 -10.96 6.55 -6.98
C PHE F 195 -11.79 6.15 -5.76
N ILE F 196 -12.54 7.11 -5.21
CA ILE F 196 -13.32 6.86 -4.01
C ILE F 196 -14.43 5.84 -4.28
N LEU F 197 -15.02 5.88 -5.47
CA LEU F 197 -16.07 4.93 -5.81
C LEU F 197 -15.53 3.52 -5.93
N GLY F 198 -14.33 3.36 -6.51
CA GLY F 198 -13.70 2.06 -6.50
C GLY F 198 -13.43 1.55 -5.10
N VAL F 199 -12.92 2.43 -4.23
CA VAL F 199 -12.68 2.05 -2.85
C VAL F 199 -13.98 1.63 -2.17
N LEU F 200 -15.04 2.40 -2.38
CA LEU F 200 -16.33 2.12 -1.75
C LEU F 200 -16.91 0.80 -2.25
N ILE F 201 -16.81 0.54 -3.54
CA ILE F 201 -17.32 -0.71 -4.09
C ILE F 201 -16.57 -1.89 -3.50
N GLN F 202 -15.24 -1.78 -3.39
CA GLN F 202 -14.47 -2.87 -2.79
C GLN F 202 -14.85 -3.08 -1.32
N ARG F 203 -15.01 -1.99 -0.57
CA ARG F 203 -15.10 -2.10 0.89
C ARG F 203 -16.52 -2.28 1.42
N TRP F 204 -17.54 -1.91 0.66
CA TRP F 204 -18.90 -1.82 1.20
C TRP F 204 -19.92 -2.65 0.44
N VAL F 205 -19.48 -3.55 -0.43
CA VAL F 205 -20.37 -4.50 -1.09
C VAL F 205 -19.99 -5.88 -0.58
N ASN F 206 -20.73 -6.37 0.42
CA ASN F 206 -20.46 -7.66 1.04
C ASN F 206 -21.49 -8.70 0.57
N ILE F 207 -21.00 -9.71 -0.14
CA ILE F 207 -21.86 -10.75 -0.71
C ILE F 207 -21.35 -12.11 -0.22
N SER F 208 -20.84 -12.14 1.01
CA SER F 208 -20.17 -13.31 1.58
C SER F 208 -20.89 -14.60 1.24
N PHE F 209 -20.17 -15.53 0.60
CA PHE F 209 -20.73 -16.77 0.08
C PHE F 209 -20.43 -17.96 0.96
N THR F 210 -20.36 -17.76 2.28
CA THR F 210 -20.08 -18.88 3.17
C THR F 210 -21.19 -19.92 3.13
N GLY F 211 -22.37 -19.57 3.64
CA GLY F 211 -23.53 -20.44 3.57
C GLY F 211 -23.35 -21.79 4.24
N PRO F 212 -24.43 -22.59 4.30
CA PRO F 212 -24.28 -24.01 4.64
C PRO F 212 -23.85 -24.80 3.42
N ASN F 213 -24.35 -24.41 2.25
CA ASN F 213 -23.83 -24.89 0.98
C ASN F 213 -22.63 -24.02 0.61
N ALA F 214 -22.17 -24.13 -0.64
CA ALA F 214 -21.01 -23.39 -1.14
C ALA F 214 -19.75 -23.66 -0.34
N MET F 215 -19.72 -24.77 0.39
CA MET F 215 -18.56 -25.19 1.17
C MET F 215 -17.82 -26.26 0.35
N LEU F 216 -16.59 -25.95 -0.04
CA LEU F 216 -15.79 -26.93 -0.75
C LEU F 216 -15.41 -28.06 0.20
N PRO F 217 -15.14 -29.25 -0.34
CA PRO F 217 -14.77 -30.38 0.52
C PRO F 217 -13.54 -30.07 1.37
N SER F 218 -13.59 -30.50 2.62
CA SER F 218 -12.53 -30.20 3.58
C SER F 218 -11.43 -31.24 3.49
N LYS F 219 -10.19 -30.77 3.34
CA LYS F 219 -9.03 -31.65 3.25
C LYS F 219 -8.55 -32.02 4.65
N PRO F 220 -8.28 -33.31 4.90
CA PRO F 220 -7.76 -33.72 6.22
C PRO F 220 -6.49 -33.01 6.67
N LEU F 221 -5.93 -32.16 5.82
CA LEU F 221 -4.72 -31.39 6.11
C LEU F 221 -3.52 -32.31 6.31
N ALA F 222 -2.94 -32.30 7.50
CA ALA F 222 -1.70 -33.03 7.76
C ALA F 222 -1.71 -33.47 9.21
N ASP F 223 -0.53 -33.80 9.73
CA ASP F 223 -0.37 -34.33 11.08
C ASP F 223 0.51 -33.41 11.91
N GLY F 224 0.26 -32.11 11.87
CA GLY F 224 1.13 -31.15 12.49
C GLY F 224 1.14 -29.81 11.78
N ALA F 225 0.43 -29.73 10.64
CA ALA F 225 0.28 -28.46 9.94
C ALA F 225 -0.71 -27.53 10.62
N TYR F 226 -1.41 -27.98 11.64
CA TYR F 226 -2.37 -27.17 12.37
C TYR F 226 -2.03 -27.20 13.86
N VAL F 227 -2.79 -26.43 14.65
CA VAL F 227 -2.53 -26.31 16.07
C VAL F 227 -2.96 -27.60 16.77
N GLY F 228 -2.05 -28.18 17.55
CA GLY F 228 -2.35 -29.39 18.27
C GLY F 228 -1.10 -29.89 18.97
N GLU F 229 -1.30 -30.92 19.79
CA GLU F 229 -0.23 -31.53 20.57
C GLU F 229 -0.06 -32.99 20.13
N TRP F 230 0.95 -33.64 20.70
CA TRP F 230 1.28 -35.04 20.41
C TRP F 230 0.92 -35.85 21.65
N ILE F 231 -0.22 -36.53 21.59
CA ILE F 231 -0.71 -37.29 22.73
C ILE F 231 -0.28 -38.75 22.59
N ASP F 232 0.22 -39.33 23.67
CA ASP F 232 0.73 -40.71 23.67
C ASP F 232 -0.09 -41.53 24.67
N LYS F 233 -1.19 -42.10 24.20
CA LYS F 233 -1.94 -43.11 24.94
C LYS F 233 -2.41 -42.59 26.29
N ALA F 234 -1.58 -42.73 27.33
CA ALA F 234 -1.97 -42.40 28.70
C ALA F 234 -1.53 -40.97 29.03
N GLY F 235 -2.27 -40.02 28.46
CA GLY F 235 -2.01 -38.62 28.74
C GLY F 235 -0.66 -38.17 28.20
N LYS F 236 -0.14 -37.09 28.80
CA LYS F 236 1.16 -36.52 28.50
C LYS F 236 1.26 -35.93 27.09
N VAL F 237 2.16 -34.97 26.92
CA VAL F 237 2.39 -34.31 25.63
C VAL F 237 3.87 -34.42 25.30
N VAL F 238 4.19 -34.87 24.09
CA VAL F 238 5.56 -35.10 23.68
C VAL F 238 5.85 -34.27 22.43
N VAL F 239 7.12 -34.27 22.04
CA VAL F 239 7.62 -33.53 20.89
C VAL F 239 8.37 -34.49 19.99
N GLN F 240 8.22 -34.33 18.68
CA GLN F 240 8.97 -35.13 17.72
C GLN F 240 10.46 -34.82 17.82
N GLY F 241 11.29 -35.84 17.62
CA GLY F 241 12.71 -35.71 17.65
C GLY F 241 13.36 -35.98 16.30
N ALA F 242 14.68 -36.06 16.33
CA ALA F 242 15.43 -36.34 15.12
C ALA F 242 15.11 -37.75 14.62
N GLN F 243 14.97 -37.88 13.30
CA GLN F 243 14.62 -39.16 12.71
C GLN F 243 15.77 -40.15 12.88
N THR F 244 15.44 -41.35 13.34
CA THR F 244 16.41 -42.41 13.53
C THR F 244 16.61 -43.25 12.27
N GLY F 245 15.92 -42.93 11.19
CA GLY F 245 16.01 -43.69 9.96
C GLY F 245 14.68 -44.27 9.55
N THR F 246 14.19 -43.87 8.38
CA THR F 246 12.91 -44.37 7.88
C THR F 246 12.99 -45.86 7.64
N THR F 247 11.99 -46.60 8.12
CA THR F 247 11.95 -48.03 7.92
C THR F 247 11.65 -48.37 6.47
N GLY F 248 12.03 -49.59 6.07
CA GLY F 248 11.81 -50.03 4.70
C GLY F 248 10.35 -50.16 4.32
N ASP F 249 9.46 -50.29 5.31
CA ASP F 249 8.03 -50.37 5.01
C ASP F 249 7.52 -49.06 4.42
N GLY F 250 8.02 -47.93 4.91
CA GLY F 250 7.59 -46.64 4.42
C GLY F 250 7.12 -45.70 5.50
N VAL F 251 7.46 -45.99 6.75
CA VAL F 251 7.11 -45.16 7.89
C VAL F 251 8.39 -44.79 8.63
N ALA F 252 8.58 -43.51 8.89
CA ALA F 252 9.77 -43.03 9.57
C ALA F 252 9.62 -43.12 11.08
N LYS F 253 10.73 -43.39 11.76
CA LYS F 253 10.75 -43.49 13.21
C LYS F 253 11.29 -42.19 13.81
N PHE F 254 10.63 -41.73 14.86
CA PHE F 254 10.96 -40.46 15.48
C PHE F 254 11.26 -40.66 16.96
N ASP F 255 11.90 -39.65 17.55
CA ASP F 255 12.17 -39.63 18.99
C ASP F 255 11.09 -38.81 19.70
N TRP F 256 10.52 -39.40 20.73
CA TRP F 256 9.42 -38.77 21.48
C TRP F 256 10.01 -38.18 22.76
N LEU F 257 10.17 -36.86 22.78
CA LEU F 257 10.73 -36.19 23.94
C LEU F 257 9.60 -35.60 24.78
N ASP F 258 9.54 -36.00 26.06
CA ASP F 258 8.61 -35.35 26.96
C ASP F 258 9.02 -33.90 27.16
N GLN F 259 8.09 -33.09 27.64
CA GLN F 259 8.36 -31.65 27.71
C GLN F 259 9.26 -31.34 28.90
N ALA F 260 10.39 -32.05 28.99
CA ALA F 260 11.45 -31.75 29.93
C ALA F 260 12.84 -31.89 29.34
N GLY F 261 12.99 -32.48 28.16
CA GLY F 261 14.28 -32.74 27.55
C GLY F 261 14.65 -34.21 27.47
N ASN F 262 13.98 -35.08 28.24
CA ASN F 262 14.28 -36.50 28.24
C ASN F 262 13.65 -37.20 27.04
N GLY F 263 13.96 -38.49 26.91
CA GLY F 263 13.48 -39.31 25.81
C GLY F 263 12.67 -40.47 26.37
N VAL F 264 11.45 -40.66 25.85
CA VAL F 264 10.58 -41.74 26.27
C VAL F 264 9.92 -42.36 25.04
N GLY F 265 9.81 -43.68 25.04
CA GLY F 265 9.05 -44.39 24.03
C GLY F 265 9.84 -44.81 22.80
N ASN F 266 10.18 -43.84 21.95
CA ASN F 266 10.90 -44.09 20.70
C ASN F 266 10.13 -45.06 19.80
N GLY F 267 8.95 -44.62 19.37
CA GLY F 267 8.12 -45.41 18.49
C GLY F 267 7.93 -44.78 17.12
N VAL F 268 6.80 -45.05 16.48
CA VAL F 268 6.48 -44.48 15.19
C VAL F 268 5.41 -43.42 15.38
N ALA F 269 5.26 -42.55 14.38
CA ALA F 269 4.39 -41.39 14.46
C ALA F 269 3.06 -41.70 13.78
N GLY F 270 2.02 -41.86 14.59
CA GLY F 270 0.66 -41.96 14.08
C GLY F 270 -0.15 -43.11 14.64
N GLN F 271 -1.30 -42.77 15.26
CA GLN F 271 -2.27 -43.72 15.77
C GLN F 271 -1.66 -44.95 16.43
N GLY F 272 -1.25 -45.93 15.61
CA GLY F 272 -0.75 -47.18 16.14
C GLY F 272 0.59 -47.05 16.84
N GLY F 273 1.30 -45.96 16.59
CA GLY F 273 2.59 -45.71 17.21
C GLY F 273 2.46 -45.25 18.65
N PHE F 274 3.52 -44.63 19.14
CA PHE F 274 3.53 -44.15 20.51
C PHE F 274 2.59 -42.97 20.70
N ALA F 275 2.63 -41.99 19.79
CA ALA F 275 1.86 -40.78 19.94
C ALA F 275 1.22 -40.40 18.61
N HIS F 276 0.13 -39.63 18.69
CA HIS F 276 -0.58 -39.14 17.52
C HIS F 276 -0.94 -37.68 17.75
N TYR F 277 -1.10 -36.95 16.65
CA TYR F 277 -1.46 -35.54 16.71
C TYR F 277 -2.93 -35.39 17.06
N VAL F 278 -3.22 -34.51 18.02
CA VAL F 278 -4.58 -34.25 18.47
C VAL F 278 -4.75 -32.76 18.69
N THR F 279 -5.85 -32.20 18.18
CA THR F 279 -6.10 -30.78 18.28
C THR F 279 -6.55 -30.42 19.70
N VAL F 280 -6.73 -29.11 19.94
CA VAL F 280 -7.00 -28.61 21.28
C VAL F 280 -8.33 -29.11 21.84
N ASP F 281 -9.23 -29.59 20.99
CA ASP F 281 -10.55 -30.01 21.45
C ASP F 281 -10.44 -31.17 22.45
N GLN F 282 -9.64 -32.18 22.12
CA GLN F 282 -9.52 -33.35 22.98
C GLN F 282 -8.53 -33.16 24.12
N LEU F 283 -7.84 -32.03 24.18
CA LEU F 283 -6.92 -31.77 25.28
C LEU F 283 -7.67 -31.49 26.56
N ASN F 284 -7.17 -32.02 27.67
CA ASN F 284 -7.68 -31.73 29.00
C ASN F 284 -6.51 -31.39 29.90
N THR F 285 -6.75 -30.48 30.85
CA THR F 285 -5.69 -29.96 31.72
C THR F 285 -4.55 -29.38 30.90
N VAL F 286 -4.87 -28.32 30.16
CA VAL F 286 -3.94 -27.67 29.24
C VAL F 286 -2.93 -26.83 30.02
N ASP F 287 -3.05 -26.86 31.35
CA ASP F 287 -2.20 -26.04 32.20
C ASP F 287 -0.74 -26.44 32.04
N GLY F 288 0.14 -25.43 32.06
CA GLY F 288 1.57 -25.65 32.02
C GLY F 288 2.19 -25.05 30.76
N SER F 289 3.26 -25.70 30.28
CA SER F 289 3.95 -25.27 29.07
C SER F 289 3.20 -25.63 27.80
N THR F 290 2.17 -26.48 27.89
CA THR F 290 1.36 -26.78 26.72
C THR F 290 0.66 -25.54 26.21
N LEU F 291 0.21 -24.67 27.12
CA LEU F 291 -0.36 -23.39 26.70
C LEU F 291 0.67 -22.54 25.98
N HIS F 292 1.92 -22.55 26.47
CA HIS F 292 2.97 -21.79 25.80
C HIS F 292 3.21 -22.31 24.39
N ASN F 293 3.25 -23.64 24.23
CA ASN F 293 3.43 -24.23 22.92
C ASN F 293 2.27 -23.89 21.99
N ILE F 294 1.04 -23.95 22.51
CA ILE F 294 -0.14 -23.63 21.72
C ILE F 294 -0.11 -22.17 21.28
N LEU F 295 0.27 -21.27 22.20
CA LEU F 295 0.36 -19.85 21.85
C LEU F 295 1.43 -19.61 20.81
N GLY F 296 2.57 -20.30 20.92
CA GLY F 296 3.58 -20.20 19.88
C GLY F 296 3.07 -20.67 18.53
N GLN F 297 2.32 -21.78 18.52
CA GLN F 297 1.78 -22.30 17.27
C GLN F 297 0.80 -21.31 16.65
N VAL F 298 -0.10 -20.75 17.46
CA VAL F 298 -1.09 -19.81 16.91
C VAL F 298 -0.42 -18.51 16.49
N SER F 299 0.69 -18.14 17.14
CA SER F 299 1.45 -16.98 16.69
C SER F 299 2.15 -17.26 15.37
N SER F 300 2.53 -18.52 15.13
CA SER F 300 3.13 -18.89 13.85
C SER F 300 2.14 -18.68 12.70
N GLY F 301 0.87 -19.00 12.92
CA GLY F 301 -0.16 -18.79 11.92
C GLY F 301 -0.96 -20.05 11.63
N LEU F 302 -0.74 -21.09 12.42
CA LEU F 302 -1.44 -22.35 12.21
C LEU F 302 -2.90 -22.24 12.64
N GLY F 303 -3.79 -22.82 11.83
CA GLY F 303 -5.19 -22.85 12.18
C GLY F 303 -5.49 -23.87 13.27
N LEU F 304 -6.66 -23.72 13.88
CA LEU F 304 -7.08 -24.58 14.98
C LEU F 304 -7.96 -25.74 14.52
N SER F 305 -8.25 -25.86 13.23
CA SER F 305 -9.14 -26.91 12.76
C SER F 305 -8.35 -28.04 12.12
N PRO F 306 -8.62 -29.29 12.48
CA PRO F 306 -7.91 -30.41 11.81
C PRO F 306 -8.15 -30.48 10.32
N GLU F 307 -9.32 -30.06 9.86
CA GLU F 307 -9.65 -30.06 8.44
C GLU F 307 -9.71 -28.63 7.93
N GLN F 308 -8.97 -28.35 6.86
CA GLN F 308 -8.93 -27.02 6.27
C GLN F 308 -10.21 -26.80 5.47
N THR F 309 -11.20 -26.20 6.12
CA THR F 309 -12.47 -25.92 5.46
C THR F 309 -12.33 -24.72 4.53
N GLN F 310 -12.72 -24.89 3.28
CA GLN F 310 -12.65 -23.85 2.28
C GLN F 310 -14.04 -23.53 1.76
N SER F 311 -14.34 -22.24 1.65
CA SER F 311 -15.62 -21.77 1.14
C SER F 311 -15.46 -21.20 -0.26
N LEU F 312 -16.58 -20.91 -0.90
CA LEU F 312 -16.55 -20.20 -2.17
C LEU F 312 -16.03 -18.79 -2.00
N GLN F 313 -16.36 -18.15 -0.87
CA GLN F 313 -15.81 -16.83 -0.58
C GLN F 313 -14.30 -16.89 -0.45
N ASP F 314 -13.77 -17.97 0.13
CA ASP F 314 -12.32 -18.12 0.23
C ASP F 314 -11.67 -18.21 -1.15
N VAL F 315 -12.30 -18.95 -2.07
CA VAL F 315 -11.76 -19.04 -3.43
C VAL F 315 -11.79 -17.68 -4.10
N PHE F 316 -12.91 -16.97 -3.97
CA PHE F 316 -13.03 -15.65 -4.59
C PHE F 316 -12.00 -14.68 -4.02
N ASN F 317 -11.79 -14.71 -2.71
CA ASN F 317 -10.79 -13.85 -2.09
C ASN F 317 -9.38 -14.21 -2.51
N SER F 318 -9.11 -15.51 -2.66
CA SER F 318 -7.81 -15.95 -3.16
C SER F 318 -7.57 -15.42 -4.57
N LEU F 319 -8.61 -15.41 -5.41
CA LEU F 319 -8.48 -14.76 -6.71
C LEU F 319 -8.21 -13.27 -6.52
N ILE F 320 -9.19 -12.55 -5.97
CA ILE F 320 -9.03 -11.15 -5.62
C ILE F 320 -10.23 -10.73 -4.76
N PRO F 321 -10.02 -10.04 -3.64
CA PRO F 321 -11.16 -9.54 -2.86
C PRO F 321 -11.98 -8.55 -3.68
N GLY F 322 -13.30 -8.64 -3.54
CA GLY F 322 -14.20 -7.82 -4.32
C GLY F 322 -14.47 -8.31 -5.71
N PHE F 323 -14.25 -9.61 -5.97
CA PHE F 323 -14.50 -10.17 -7.29
C PHE F 323 -15.99 -10.10 -7.65
N ILE F 324 -16.84 -10.62 -6.77
CA ILE F 324 -18.28 -10.61 -7.04
C ILE F 324 -18.82 -9.19 -7.03
N ALA F 325 -18.25 -8.33 -6.18
CA ALA F 325 -18.66 -6.94 -6.16
C ALA F 325 -18.37 -6.25 -7.49
N LEU F 326 -17.20 -6.50 -8.06
CA LEU F 326 -16.87 -5.91 -9.36
C LEU F 326 -17.74 -6.47 -10.47
N LEU F 327 -18.00 -7.79 -10.45
CA LEU F 327 -18.88 -8.38 -11.46
C LEU F 327 -20.28 -7.79 -11.38
N LEU F 328 -20.83 -7.65 -10.17
CA LEU F 328 -22.14 -7.05 -10.01
C LEU F 328 -22.14 -5.59 -10.45
N THR F 329 -21.07 -4.86 -10.13
CA THR F 329 -20.98 -3.46 -10.54
C THR F 329 -21.06 -3.33 -12.05
N PHE F 330 -20.30 -4.16 -12.77
CA PHE F 330 -20.31 -4.05 -14.23
C PHE F 330 -21.61 -4.55 -14.84
N LEU F 331 -22.21 -5.60 -14.25
CA LEU F 331 -23.52 -6.04 -14.73
C LEU F 331 -24.56 -4.95 -14.57
N VAL F 332 -24.60 -4.31 -13.40
CA VAL F 332 -25.57 -3.24 -13.14
C VAL F 332 -25.30 -2.06 -14.07
N LEU F 333 -24.02 -1.76 -14.31
CA LEU F 333 -23.69 -0.66 -15.22
C LEU F 333 -24.20 -0.95 -16.62
N TRP F 334 -23.99 -2.17 -17.12
CA TRP F 334 -24.48 -2.52 -18.45
C TRP F 334 -26.00 -2.47 -18.53
N ILE F 335 -26.67 -2.94 -17.48
CA ILE F 335 -28.13 -2.86 -17.43
C ILE F 335 -28.57 -1.40 -17.48
N LEU F 336 -27.90 -0.53 -16.74
CA LEU F 336 -28.29 0.87 -16.69
C LEU F 336 -28.09 1.57 -18.03
N ARG F 337 -26.98 1.29 -18.71
CA ARG F 337 -26.75 1.94 -20.01
C ARG F 337 -27.54 1.28 -21.14
N LYS F 338 -28.13 0.10 -20.93
CA LYS F 338 -28.93 -0.47 -21.99
C LYS F 338 -30.43 -0.28 -21.81
N TRP F 339 -30.93 -0.18 -20.57
CA TRP F 339 -32.37 -0.12 -20.36
C TRP F 339 -32.94 1.21 -20.80
N LYS F 340 -32.32 2.32 -20.38
CA LYS F 340 -32.77 3.67 -20.72
C LYS F 340 -34.24 3.89 -20.32
N ASN F 341 -34.56 3.54 -19.09
CA ASN F 341 -35.89 3.71 -18.52
C ASN F 341 -35.83 4.77 -17.42
N LYS F 342 -36.97 4.97 -16.76
CA LYS F 342 -37.07 5.94 -15.67
C LYS F 342 -37.11 5.28 -14.30
N ASN F 343 -37.77 4.13 -14.16
CA ASN F 343 -37.85 3.40 -12.91
C ASN F 343 -36.89 2.22 -12.87
N ALA F 344 -35.92 2.19 -13.78
CA ALA F 344 -34.97 1.09 -13.81
C ALA F 344 -34.22 0.88 -12.49
N PRO F 345 -33.73 1.92 -11.80
CA PRO F 345 -33.01 1.66 -10.54
C PRO F 345 -33.83 0.91 -9.51
N LEU F 346 -35.10 1.26 -9.35
CA LEU F 346 -35.94 0.55 -8.38
C LEU F 346 -36.15 -0.90 -8.80
N PHE F 347 -36.31 -1.14 -10.10
CA PHE F 347 -36.47 -2.51 -10.58
C PHE F 347 -35.22 -3.33 -10.32
N ILE F 348 -34.04 -2.74 -10.53
CA ILE F 348 -32.80 -3.47 -10.28
C ILE F 348 -32.64 -3.72 -8.78
N ILE F 349 -33.06 -2.76 -7.94
CA ILE F 349 -32.98 -2.97 -6.50
C ILE F 349 -33.88 -4.11 -6.06
N ILE F 350 -35.11 -4.15 -6.59
CA ILE F 350 -36.02 -5.25 -6.28
C ILE F 350 -35.44 -6.57 -6.78
N GLY F 351 -34.84 -6.55 -7.96
CA GLY F 351 -34.22 -7.76 -8.49
C GLY F 351 -33.08 -8.25 -7.63
N MET F 352 -32.28 -7.34 -7.08
CA MET F 352 -31.19 -7.75 -6.20
C MET F 352 -31.71 -8.26 -4.86
N PHE F 353 -32.81 -7.69 -4.37
CA PHE F 353 -33.40 -8.25 -3.15
C PHE F 353 -33.92 -9.67 -3.39
N VAL F 354 -34.57 -9.89 -4.53
CA VAL F 354 -35.02 -11.23 -4.89
C VAL F 354 -33.83 -12.17 -5.06
N LEU F 355 -32.74 -11.67 -5.66
CA LEU F 355 -31.54 -12.47 -5.83
C LEU F 355 -30.94 -12.85 -4.50
N GLY F 356 -30.92 -11.93 -3.54
CA GLY F 356 -30.44 -12.26 -2.21
C GLY F 356 -31.31 -13.30 -1.53
N ILE F 357 -32.63 -13.19 -1.71
CA ILE F 357 -33.54 -14.21 -1.18
C ILE F 357 -33.23 -15.57 -1.79
N VAL F 358 -33.03 -15.61 -3.11
CA VAL F 358 -32.74 -16.87 -3.79
C VAL F 358 -31.43 -17.45 -3.30
N LEU F 359 -30.40 -16.62 -3.16
CA LEU F 359 -29.11 -17.10 -2.68
C LEU F 359 -29.21 -17.63 -1.26
N HIS F 360 -29.96 -16.95 -0.40
CA HIS F 360 -30.10 -17.42 0.98
C HIS F 360 -30.87 -18.73 1.04
N VAL F 361 -31.94 -18.87 0.25
CA VAL F 361 -32.73 -20.09 0.31
C VAL F 361 -31.97 -21.25 -0.33
N ALA F 362 -31.04 -20.96 -1.25
CA ALA F 362 -30.23 -22.00 -1.87
C ALA F 362 -29.03 -22.40 -1.05
N GLY F 363 -28.77 -21.71 0.07
CA GLY F 363 -27.64 -22.03 0.92
C GLY F 363 -26.32 -21.46 0.46
N LEU F 364 -26.30 -20.62 -0.58
CA LEU F 364 -25.05 -20.07 -1.08
C LEU F 364 -24.58 -18.88 -0.23
N ALA F 365 -25.40 -17.84 -0.17
CA ALA F 365 -25.04 -16.64 0.58
C ALA F 365 -25.99 -16.41 1.74
#